data_8J6O
#
_entry.id   8J6O
#
_cell.length_a   1.00
_cell.length_b   1.00
_cell.length_c   1.00
_cell.angle_alpha   90.00
_cell.angle_beta   90.00
_cell.angle_gamma   90.00
#
_symmetry.space_group_name_H-M   'P 1'
#
loop_
_entity.id
_entity.type
_entity.pdbx_description
1 polymer 'Green fluorescent protein (Fragment),SID1 transmembrane family member 2'
2 branched 2-acetamido-2-deoxy-beta-D-glucopyranose-(1-4)-2-acetamido-2-deoxy-beta-D-glucopyranose
3 non-polymer 2-acetamido-2-deoxy-beta-D-glucopyranose
4 non-polymer 'ZINC ION'
#
_entity_poly.entity_id   1
_entity_poly.type   'polypeptide(L)'
_entity_poly.pdbx_seq_one_letter_code
;MYRMQLLSCIALSLALVTNSWSHPQFEKGGGSGGGSGGSAWSHPQFEKSKGEELFTGVVPILVELDGDVNGHKFSVRGEG
EGDATNGKLTLKFICTTGKLPVPWPTLVTTLTYGVQCFSRYPDHMKRHDFFKSAMPEGYVQERTISFKDDGTYKTRAEVK
FEGDTLVNRIELKGIDFKEDGNILGHKLEYNFNSHNVYITADKQKNGIKANFKIRHNVEDGSVQLADHYQQNTPIGDGPV
LLPDNHYLSTQSVLSKDPNEKRDHMVLLEFVTAAGITHGMDELEVLFQGPHLGVLGPKNVSQKDAEFERTYVDEVNSELV
NIYTFNHTVTRNRTEGVRVSVNVLNKQKGAPLLFVVRQKEAVVSFQVPLILRGMFQRKYLYQKVERTLCQPPTKNESEIQ
FFYVDVSTLSPVNTTYQLRVSRMDDFVLRTGEQFSFNTTAAQPQYFKYEFPEGVDSVIVKVTSNKAFPCSVISIQDVLCP
VYDLDNNVAFIGMYQTMTKKAAITVQRKDFPSNSFYVVVVVKTEDQACGGSLPFYPFAEDEPVDQGHRQKTLSVLVSQAV
TSEAYVSGMLFCLGIFLSFYLLTVLLACWENWRQKKKTLLVAIDRACPESGHPRVLADSFPGSSPYEGYNYGSFENVSGS
TDGLVDSAGTGDLSYGYQGRSFEPVGTRPRVDSMSSVEEDDYDTLTDIDSDKNVIRTKQYLYVADLARKDKRVLRKKYQI
YFWNIATIAVFYALPVVQLVITYQTVVNVTGNQDICYYNFLCAHPLGNLSAFNNILSNLGYILLGLLFLLIILQREINHN
RALLRNDLCALECGIPKHFGLFYAMGTALMMEGLLSACYHVCPNYTNFQFDTSFMYMIAGLCMLKLYQKRHPDINASAYS
AYACLAIVIFFSVLGVVFGKGNTAFWIVFSIIHIIATLLLSTQLYYMGRWKLDSGIFRRILHVLYTDCIRQCSGPLYVDR
MVLLVMGNVINWSLAAYGLIMRPNDFASYLLAIGICNLLLYFAFYIIMKLRSGERIKLIPLLCIVCTSVVWGFALFFFFQ
GLSTWQKTPAESREHNRDCILLDFFDDHDIWHFLSSIAMFGSFLVLLTLDDDLDTVQRDKIYVF
;
_entity_poly.pdbx_strand_id   A,B
#
loop_
_chem_comp.id
_chem_comp.type
_chem_comp.name
_chem_comp.formula
NAG D-saccharide, beta linking 2-acetamido-2-deoxy-beta-D-glucopyranose 'C8 H15 N O6'
ZN non-polymer 'ZINC ION' 'Zn 2'
#
# COMPACT_ATOMS: atom_id res chain seq x y z
N PRO A 297 39.12 -6.53 45.19
CA PRO A 297 37.70 -6.91 45.14
C PRO A 297 37.46 -8.15 44.28
N LYS A 298 37.46 -7.98 42.97
CA LYS A 298 37.23 -9.07 42.03
C LYS A 298 38.49 -9.31 41.20
N ASN A 299 38.78 -10.57 40.94
CA ASN A 299 40.00 -10.96 40.25
C ASN A 299 39.79 -11.06 38.75
N VAL A 300 40.51 -10.23 38.00
CA VAL A 300 40.41 -10.18 36.55
C VAL A 300 41.69 -10.77 35.96
N SER A 301 41.52 -11.59 34.93
CA SER A 301 42.64 -12.33 34.33
C SER A 301 42.84 -11.82 32.90
N GLN A 302 43.72 -10.82 32.76
CA GLN A 302 44.12 -10.35 31.44
C GLN A 302 45.16 -11.29 30.87
N LYS A 303 44.73 -12.15 29.94
CA LYS A 303 45.60 -13.15 29.34
C LYS A 303 45.69 -12.91 27.83
N ASP A 304 46.86 -13.13 27.27
CA ASP A 304 47.04 -13.01 25.84
C ASP A 304 46.62 -14.32 25.16
N ALA A 305 45.86 -14.20 24.08
CA ALA A 305 45.28 -15.36 23.43
C ALA A 305 45.64 -15.37 21.95
N GLU A 306 45.96 -16.57 21.45
CA GLU A 306 46.25 -16.74 20.04
C GLU A 306 44.91 -16.70 19.34
N PHE A 307 44.93 -16.69 18.02
CA PHE A 307 43.68 -16.51 17.29
C PHE A 307 42.85 -17.79 17.22
N GLU A 308 43.32 -18.79 16.47
CA GLU A 308 42.54 -20.03 16.27
C GLU A 308 42.72 -21.13 17.31
N ARG A 309 42.09 -20.98 18.46
CA ARG A 309 42.13 -21.96 19.54
C ARG A 309 40.83 -21.87 20.33
N THR A 310 40.34 -23.02 20.77
CA THR A 310 39.14 -23.08 21.60
C THR A 310 39.56 -22.94 23.05
N TYR A 311 39.14 -21.84 23.68
CA TYR A 311 39.51 -21.52 25.05
C TYR A 311 38.37 -21.92 25.97
N VAL A 312 38.61 -22.91 26.81
CA VAL A 312 37.64 -23.36 27.81
C VAL A 312 38.05 -22.79 29.15
N ASP A 313 37.27 -21.84 29.66
CA ASP A 313 37.59 -21.15 30.91
C ASP A 313 36.34 -21.07 31.77
N GLU A 314 36.56 -20.91 33.08
CA GLU A 314 35.50 -20.81 34.06
C GLU A 314 35.39 -19.36 34.53
N VAL A 315 34.16 -18.89 34.71
CA VAL A 315 33.89 -17.54 35.16
C VAL A 315 32.73 -17.56 36.15
N ASN A 316 32.84 -16.72 37.18
CA ASN A 316 31.79 -16.54 38.16
C ASN A 316 31.69 -15.06 38.48
N SER A 317 30.97 -14.74 39.56
CA SER A 317 30.82 -13.34 39.95
C SER A 317 32.14 -12.72 40.33
N GLU A 318 33.07 -13.52 40.85
CA GLU A 318 34.35 -12.98 41.30
C GLU A 318 35.32 -12.76 40.15
N LEU A 319 35.17 -13.54 39.08
CA LEU A 319 36.17 -13.60 38.02
C LEU A 319 35.69 -12.92 36.75
N VAL A 320 36.59 -12.20 36.09
CA VAL A 320 36.37 -11.62 34.77
C VAL A 320 37.57 -11.98 33.90
N ASN A 321 37.31 -12.53 32.73
CA ASN A 321 38.36 -13.00 31.83
C ASN A 321 38.55 -11.99 30.71
N ILE A 322 39.81 -11.58 30.49
CA ILE A 322 40.17 -10.62 29.47
C ILE A 322 41.06 -11.32 28.45
N TYR A 323 40.65 -11.28 27.19
CA TYR A 323 41.42 -11.89 26.10
C TYR A 323 41.91 -10.80 25.16
N THR A 324 43.20 -10.82 24.86
CA THR A 324 43.81 -9.86 23.94
C THR A 324 44.20 -10.58 22.65
N PHE A 325 43.65 -10.12 21.54
CA PHE A 325 43.92 -10.69 20.23
C PHE A 325 44.62 -9.64 19.36
N ASN A 326 45.77 -10.01 18.81
CA ASN A 326 46.48 -9.14 17.88
C ASN A 326 46.47 -9.79 16.50
N HIS A 327 46.04 -9.02 15.50
CA HIS A 327 46.00 -9.49 14.12
C HIS A 327 46.48 -8.38 13.19
N THR A 328 46.97 -8.79 12.03
CA THR A 328 47.46 -7.87 11.01
C THR A 328 46.43 -7.78 9.90
N VAL A 329 46.07 -6.55 9.54
CA VAL A 329 45.06 -6.30 8.52
C VAL A 329 45.72 -5.50 7.40
N THR A 330 45.23 -5.69 6.18
CA THR A 330 45.77 -5.04 4.99
C THR A 330 44.63 -4.50 4.15
N ARG A 331 44.92 -3.44 3.38
CA ARG A 331 43.89 -2.81 2.56
C ARG A 331 43.46 -3.70 1.40
N ASN A 332 44.42 -4.37 0.77
CA ASN A 332 44.11 -5.17 -0.41
C ASN A 332 43.20 -6.35 -0.06
N ARG A 333 43.50 -7.04 1.04
CA ARG A 333 42.69 -8.16 1.51
C ARG A 333 41.97 -7.71 2.76
N THR A 334 40.63 -7.62 2.72
CA THR A 334 39.87 -7.28 3.94
C THR A 334 39.88 -8.34 5.05
N GLU A 335 39.47 -9.59 4.77
CA GLU A 335 39.56 -10.67 5.78
C GLU A 335 38.96 -10.53 7.19
N GLY A 336 37.66 -10.27 7.31
CA GLY A 336 37.02 -10.11 8.61
C GLY A 336 37.02 -11.31 9.54
N VAL A 337 37.05 -11.09 10.85
CA VAL A 337 37.15 -12.19 11.82
C VAL A 337 35.83 -12.61 12.47
N ARG A 338 35.73 -13.83 12.99
CA ARG A 338 34.47 -14.33 13.52
C ARG A 338 34.68 -14.85 14.94
N VAL A 339 33.85 -14.38 15.87
CA VAL A 339 33.94 -14.75 17.27
C VAL A 339 32.87 -15.78 17.58
N SER A 340 33.26 -16.93 18.10
CA SER A 340 32.35 -18.01 18.45
C SER A 340 32.40 -18.26 19.95
N VAL A 341 31.23 -18.28 20.58
CA VAL A 341 31.13 -18.55 22.01
C VAL A 341 30.04 -19.58 22.23
N ASN A 342 30.36 -20.63 23.00
CA ASN A 342 29.41 -21.68 23.36
C ASN A 342 29.45 -21.88 24.85
N VAL A 343 28.28 -21.90 25.49
CA VAL A 343 28.16 -22.09 26.92
C VAL A 343 27.72 -23.53 27.14
N LEU A 344 28.60 -24.34 27.73
CA LEU A 344 28.37 -25.78 27.80
C LEU A 344 27.22 -26.13 28.74
N ASN A 345 27.23 -25.60 29.95
CA ASN A 345 26.16 -25.84 30.91
C ASN A 345 25.29 -24.60 31.01
N LYS A 346 23.97 -24.81 30.98
CA LYS A 346 23.06 -23.67 30.96
C LYS A 346 22.91 -23.08 32.37
N GLN A 347 23.08 -21.77 32.46
CA GLN A 347 22.92 -21.04 33.71
C GLN A 347 21.54 -20.40 33.71
N LYS A 348 20.61 -20.98 34.47
CA LYS A 348 19.25 -20.46 34.50
C LYS A 348 19.18 -19.08 35.12
N GLY A 349 19.97 -18.84 36.16
CA GLY A 349 19.87 -17.57 36.86
C GLY A 349 20.40 -16.40 36.06
N ALA A 350 21.70 -16.39 35.78
CA ALA A 350 22.32 -15.24 35.13
C ALA A 350 23.03 -15.65 33.84
N PRO A 351 22.67 -15.05 32.71
CA PRO A 351 23.36 -15.37 31.47
C PRO A 351 24.80 -14.89 31.49
N LEU A 352 25.62 -15.52 30.66
CA LEU A 352 27.02 -15.12 30.53
C LEU A 352 27.13 -13.95 29.57
N LEU A 353 27.86 -12.92 29.97
CA LEU A 353 27.95 -11.67 29.25
C LEU A 353 29.29 -11.57 28.53
N PHE A 354 29.24 -11.35 27.22
CA PHE A 354 30.45 -11.21 26.40
C PHE A 354 30.50 -9.81 25.80
N VAL A 355 31.66 -9.18 25.86
CA VAL A 355 31.90 -7.89 25.24
C VAL A 355 33.14 -7.99 24.36
N VAL A 356 32.99 -7.59 23.11
CA VAL A 356 34.11 -7.55 22.16
C VAL A 356 34.41 -6.09 21.87
N ARG A 357 35.59 -5.64 22.27
CA ARG A 357 35.98 -4.24 22.15
C ARG A 357 37.03 -4.09 21.07
N GLN A 358 36.74 -3.24 20.08
CA GLN A 358 37.66 -2.94 19.00
C GLN A 358 38.06 -1.48 19.08
N LYS A 359 38.82 -1.03 18.08
CA LYS A 359 39.29 0.35 18.09
C LYS A 359 38.14 1.33 17.94
N GLU A 360 37.20 1.05 17.04
CA GLU A 360 36.14 1.98 16.72
C GLU A 360 34.74 1.43 16.95
N ALA A 361 34.60 0.28 17.60
CA ALA A 361 33.28 -0.28 17.84
C ALA A 361 33.35 -1.26 19.00
N VAL A 362 32.20 -1.48 19.63
CA VAL A 362 32.03 -2.47 20.68
C VAL A 362 30.78 -3.28 20.39
N VAL A 363 30.94 -4.61 20.34
CA VAL A 363 29.83 -5.53 20.15
C VAL A 363 29.72 -6.36 21.42
N SER A 364 28.54 -6.35 22.03
CA SER A 364 28.29 -7.07 23.28
C SER A 364 27.01 -7.87 23.16
N PHE A 365 27.07 -9.14 23.59
CA PHE A 365 25.92 -10.02 23.58
C PHE A 365 25.95 -10.88 24.84
N GLN A 366 24.81 -11.51 25.12
CA GLN A 366 24.67 -12.39 26.27
C GLN A 366 24.43 -13.81 25.78
N VAL A 367 25.14 -14.77 26.37
CA VAL A 367 24.97 -16.18 26.05
C VAL A 367 24.56 -16.90 27.34
N PRO A 368 23.46 -17.67 27.33
CA PRO A 368 22.58 -18.01 26.20
C PRO A 368 21.80 -16.82 25.68
N LEU A 369 21.65 -16.71 24.37
CA LEU A 369 21.01 -15.57 23.74
C LEU A 369 19.52 -15.85 23.59
N ILE A 370 18.71 -15.05 24.29
CA ILE A 370 17.25 -15.20 24.26
C ILE A 370 16.70 -14.22 23.24
N LEU A 371 15.96 -14.75 22.26
CA LEU A 371 15.39 -13.95 21.19
C LEU A 371 13.88 -13.96 21.27
N ARG A 372 13.26 -12.96 20.66
CA ARG A 372 11.84 -12.73 20.77
C ARG A 372 11.06 -13.70 19.88
N GLY A 373 9.77 -13.86 20.21
CA GLY A 373 8.84 -14.56 19.35
C GLY A 373 7.67 -13.66 19.02
N MET A 374 6.75 -14.18 18.23
CA MET A 374 5.61 -13.37 17.81
C MET A 374 4.66 -13.08 18.97
N PHE A 375 4.41 -14.07 19.84
CA PHE A 375 3.47 -13.92 20.94
C PHE A 375 4.19 -14.26 22.25
N GLN A 376 4.90 -13.27 22.80
CA GLN A 376 5.54 -13.36 24.11
C GLN A 376 6.32 -14.67 24.29
N ARG A 377 6.97 -15.12 23.22
CA ARG A 377 7.72 -16.36 23.22
C ARG A 377 9.21 -16.06 23.20
N LYS A 378 9.95 -16.74 24.07
CA LYS A 378 11.40 -16.55 24.17
C LYS A 378 12.10 -17.82 23.72
N TYR A 379 13.06 -17.68 22.82
CA TYR A 379 13.83 -18.79 22.29
C TYR A 379 15.27 -18.68 22.79
N LEU A 380 15.79 -19.76 23.34
CA LEU A 380 17.11 -19.78 23.97
C LEU A 380 18.12 -20.44 23.05
N TYR A 381 19.22 -19.74 22.77
CA TYR A 381 20.29 -20.24 21.94
C TYR A 381 21.59 -20.21 22.75
N GLN A 382 22.25 -21.36 22.85
CA GLN A 382 23.44 -21.49 23.68
C GLN A 382 24.74 -21.28 22.92
N LYS A 383 24.69 -21.04 21.61
CA LYS A 383 25.88 -20.75 20.82
C LYS A 383 25.62 -19.49 20.01
N VAL A 384 26.48 -18.48 20.19
CA VAL A 384 26.37 -17.20 19.51
C VAL A 384 27.63 -16.96 18.72
N GLU A 385 27.48 -16.59 17.46
CA GLU A 385 28.61 -16.27 16.57
C GLU A 385 28.32 -14.94 15.89
N ARG A 386 29.32 -14.06 15.86
CA ARG A 386 29.18 -12.76 15.23
C ARG A 386 30.50 -12.38 14.55
N THR A 387 30.40 -11.89 13.32
CA THR A 387 31.58 -11.37 12.64
C THR A 387 31.86 -9.94 13.11
N LEU A 388 33.13 -9.68 13.41
CA LEU A 388 33.54 -8.40 13.96
C LEU A 388 33.59 -7.34 12.86
N CYS A 389 33.21 -6.12 13.21
CA CYS A 389 33.07 -5.07 12.22
C CYS A 389 34.38 -4.33 12.03
N GLN A 390 34.89 -4.33 10.80
CA GLN A 390 36.22 -3.78 10.55
C GLN A 390 36.13 -2.45 9.80
N PRO A 391 36.56 -1.35 10.42
CA PRO A 391 36.52 -0.07 9.72
C PRO A 391 37.59 0.00 8.64
N PRO A 392 37.44 0.89 7.66
CA PRO A 392 38.50 1.07 6.67
C PRO A 392 39.80 1.55 7.29
N THR A 393 40.91 1.16 6.67
CA THR A 393 42.25 1.45 7.18
C THR A 393 42.87 2.59 6.41
N LYS A 394 43.55 3.49 7.13
CA LYS A 394 44.19 4.63 6.46
C LYS A 394 45.61 4.29 6.00
N ASN A 395 46.42 3.70 6.87
CA ASN A 395 47.70 3.19 6.42
C ASN A 395 47.56 1.98 5.52
N GLU A 396 48.70 1.41 5.12
CA GLU A 396 48.71 0.23 4.26
C GLU A 396 48.58 -1.05 5.08
N SER A 397 49.43 -1.21 6.10
CA SER A 397 49.45 -2.39 6.94
C SER A 397 49.30 -1.99 8.40
N GLU A 398 48.37 -2.62 9.10
CA GLU A 398 48.08 -2.31 10.50
C GLU A 398 48.33 -3.54 11.36
N ILE A 399 48.65 -3.29 12.63
CA ILE A 399 48.65 -4.32 13.66
C ILE A 399 47.57 -3.92 14.67
N GLN A 400 46.35 -4.39 14.45
CA GLN A 400 45.21 -3.97 15.23
C GLN A 400 44.92 -4.94 16.37
N PHE A 401 44.58 -4.40 17.53
CA PHE A 401 44.23 -5.19 18.71
C PHE A 401 42.74 -5.06 18.97
N PHE A 402 42.11 -6.15 19.36
CA PHE A 402 40.74 -6.14 19.86
C PHE A 402 40.63 -7.08 21.04
N TYR A 403 39.88 -6.65 22.05
CA TYR A 403 39.81 -7.35 23.33
C TYR A 403 38.41 -7.94 23.51
N VAL A 404 38.35 -9.17 24.00
CA VAL A 404 37.10 -9.86 24.27
C VAL A 404 36.91 -9.95 25.78
N ASP A 405 35.77 -9.50 26.26
CA ASP A 405 35.48 -9.44 27.69
C ASP A 405 34.45 -10.51 28.03
N VAL A 406 34.74 -11.33 29.04
CA VAL A 406 33.84 -12.39 29.47
C VAL A 406 33.58 -12.21 30.96
N SER A 407 32.31 -12.13 31.35
CA SER A 407 31.94 -11.91 32.73
C SER A 407 30.51 -12.38 32.96
N THR A 408 30.17 -12.58 34.23
CA THR A 408 28.82 -13.00 34.61
C THR A 408 28.54 -12.55 36.04
N LEU A 409 27.25 -12.54 36.38
CA LEU A 409 26.81 -12.22 37.73
C LEU A 409 26.35 -13.45 38.51
N SER A 410 26.36 -14.62 37.90
CA SER A 410 25.93 -15.83 38.59
C SER A 410 27.01 -16.28 39.59
N PRO A 411 26.63 -16.56 40.83
CA PRO A 411 27.65 -17.02 41.81
C PRO A 411 28.32 -18.32 41.43
N VAL A 412 27.59 -19.23 40.76
CA VAL A 412 28.15 -20.54 40.44
C VAL A 412 29.05 -20.45 39.21
N ASN A 413 30.06 -21.33 39.17
CA ASN A 413 30.98 -21.35 38.04
C ASN A 413 30.28 -21.85 36.79
N THR A 414 30.57 -21.21 35.66
CA THR A 414 30.03 -21.60 34.37
C THR A 414 31.16 -21.66 33.35
N THR A 415 31.17 -22.73 32.56
CA THR A 415 32.22 -22.95 31.58
C THR A 415 31.74 -22.56 30.18
N TYR A 416 32.68 -22.14 29.35
CA TYR A 416 32.38 -21.71 27.99
C TYR A 416 33.57 -22.02 27.09
N GLN A 417 33.31 -22.06 25.79
CA GLN A 417 34.36 -22.13 24.79
C GLN A 417 34.31 -20.87 23.93
N LEU A 418 35.46 -20.22 23.78
CA LEU A 418 35.59 -19.03 22.95
C LEU A 418 36.68 -19.27 21.91
N ARG A 419 36.29 -19.19 20.63
CA ARG A 419 37.24 -19.36 19.53
C ARG A 419 37.04 -18.27 18.48
N VAL A 420 38.06 -17.46 18.22
CA VAL A 420 37.98 -16.40 17.22
C VAL A 420 38.71 -16.90 15.98
N SER A 421 37.95 -17.14 14.90
CA SER A 421 38.48 -17.76 13.70
C SER A 421 38.56 -16.73 12.58
N ARG A 422 39.71 -16.67 11.93
CA ARG A 422 39.86 -15.80 10.76
C ARG A 422 39.04 -16.33 9.59
N MET A 423 38.35 -15.42 8.91
CA MET A 423 37.52 -15.79 7.76
C MET A 423 38.26 -15.41 6.48
N ASP A 424 38.79 -16.41 5.78
CA ASP A 424 39.35 -16.22 4.45
C ASP A 424 38.26 -16.21 3.39
N ASP A 425 37.01 -16.44 3.77
CA ASP A 425 35.87 -16.46 2.87
C ASP A 425 35.07 -15.16 2.89
N PHE A 426 35.59 -14.12 3.53
CA PHE A 426 34.85 -12.87 3.65
C PHE A 426 34.54 -12.26 2.29
N VAL A 427 35.55 -12.19 1.41
CA VAL A 427 35.37 -11.54 0.13
C VAL A 427 34.62 -12.45 -0.82
N LEU A 428 33.59 -11.91 -1.47
CA LEU A 428 32.83 -12.62 -2.49
C LEU A 428 33.36 -12.24 -3.87
N ARG A 429 33.36 -13.22 -4.77
CA ARG A 429 33.84 -13.02 -6.13
C ARG A 429 32.75 -13.42 -7.11
N THR A 430 32.76 -12.77 -8.27
CA THR A 430 31.71 -12.98 -9.26
C THR A 430 31.73 -14.41 -9.77
N GLY A 431 30.56 -15.03 -9.81
CA GLY A 431 30.43 -16.37 -10.36
C GLY A 431 30.88 -17.49 -9.43
N GLU A 432 31.18 -17.18 -8.17
CA GLU A 432 31.63 -18.17 -7.21
C GLU A 432 30.57 -18.35 -6.13
N GLN A 433 30.17 -19.59 -5.89
CA GLN A 433 29.14 -19.91 -4.91
C GLN A 433 29.79 -20.35 -3.60
N PHE A 434 29.32 -19.76 -2.49
CA PHE A 434 29.79 -20.12 -1.16
C PHE A 434 28.61 -20.72 -0.40
N SER A 435 28.80 -21.93 0.11
CA SER A 435 27.80 -22.56 0.97
C SER A 435 28.23 -22.40 2.43
N PHE A 436 27.32 -21.89 3.26
CA PHE A 436 27.61 -21.64 4.67
C PHE A 436 26.38 -21.91 5.52
N ASN A 437 26.61 -22.12 6.80
CA ASN A 437 25.54 -22.36 7.77
C ASN A 437 25.37 -21.12 8.64
N THR A 438 24.12 -20.68 8.81
CA THR A 438 23.80 -19.60 9.73
C THR A 438 22.57 -19.97 10.54
N THR A 439 22.48 -19.38 11.72
CA THR A 439 21.39 -19.63 12.67
C THR A 439 20.92 -18.27 13.18
N ALA A 440 19.72 -18.26 13.78
CA ALA A 440 19.19 -17.02 14.34
C ALA A 440 20.16 -16.40 15.34
N ALA A 441 20.96 -17.23 16.01
CA ALA A 441 21.96 -16.71 16.95
C ALA A 441 23.26 -16.37 16.25
N GLN A 442 23.53 -17.00 15.10
CA GLN A 442 24.78 -16.79 14.39
C GLN A 442 24.49 -16.16 13.04
N PRO A 443 24.53 -14.83 12.92
CA PRO A 443 24.31 -14.20 11.62
C PRO A 443 25.61 -14.01 10.86
N GLN A 444 25.58 -14.20 9.54
CA GLN A 444 26.76 -14.13 8.71
C GLN A 444 26.56 -13.06 7.64
N TYR A 445 27.59 -12.24 7.42
CA TYR A 445 27.59 -11.25 6.35
C TYR A 445 28.92 -11.30 5.62
N PHE A 446 28.88 -11.05 4.31
CA PHE A 446 30.05 -11.16 3.45
C PHE A 446 30.19 -9.88 2.63
N LYS A 447 31.42 -9.61 2.19
CA LYS A 447 31.74 -8.41 1.46
C LYS A 447 32.00 -8.73 -0.01
N TYR A 448 31.40 -7.95 -0.90
CA TYR A 448 31.63 -8.06 -2.33
C TYR A 448 32.16 -6.72 -2.84
N GLU A 449 33.27 -6.76 -3.56
CA GLU A 449 33.86 -5.57 -4.16
C GLU A 449 33.61 -5.59 -5.66
N PHE A 450 33.17 -4.45 -6.19
CA PHE A 450 32.84 -4.37 -7.61
C PHE A 450 34.09 -4.47 -8.47
N PRO A 451 34.18 -5.45 -9.37
CA PRO A 451 35.28 -5.46 -10.34
C PRO A 451 35.20 -4.25 -11.25
N GLU A 452 36.36 -3.80 -11.72
CA GLU A 452 36.40 -2.69 -12.65
C GLU A 452 35.67 -3.02 -13.93
N GLY A 453 34.83 -2.09 -14.39
CA GLY A 453 34.04 -2.30 -15.58
C GLY A 453 32.68 -2.94 -15.36
N VAL A 454 32.30 -3.21 -14.12
CA VAL A 454 31.00 -3.79 -13.78
C VAL A 454 30.18 -2.72 -13.07
N ASP A 455 28.98 -2.44 -13.60
CA ASP A 455 28.14 -1.39 -13.07
C ASP A 455 26.96 -1.89 -12.26
N SER A 456 26.62 -3.18 -12.37
CA SER A 456 25.52 -3.74 -11.60
C SER A 456 25.71 -5.25 -11.49
N VAL A 457 25.38 -5.78 -10.31
CA VAL A 457 25.43 -7.22 -10.06
C VAL A 457 24.16 -7.62 -9.33
N ILE A 458 23.82 -8.91 -9.43
CA ILE A 458 22.66 -9.48 -8.77
C ILE A 458 23.14 -10.48 -7.74
N VAL A 459 22.60 -10.39 -6.53
CA VAL A 459 22.99 -11.24 -5.42
C VAL A 459 21.88 -12.26 -5.23
N LYS A 460 22.14 -13.50 -5.64
CA LYS A 460 21.15 -14.58 -5.58
C LYS A 460 21.61 -15.61 -4.56
N VAL A 461 20.73 -15.93 -3.61
CA VAL A 461 21.01 -16.88 -2.55
C VAL A 461 19.95 -17.97 -2.59
N THR A 462 20.40 -19.23 -2.63
CA THR A 462 19.52 -20.38 -2.74
C THR A 462 19.72 -21.31 -1.55
N SER A 463 18.64 -21.95 -1.12
CA SER A 463 18.69 -22.92 -0.02
C SER A 463 17.96 -24.18 -0.43
N ASN A 464 18.42 -25.33 0.06
CA ASN A 464 17.80 -26.60 -0.29
C ASN A 464 16.46 -26.77 0.42
N LYS A 465 16.37 -26.33 1.67
CA LYS A 465 15.15 -26.42 2.45
C LYS A 465 14.58 -25.02 2.67
N ALA A 466 13.25 -24.91 2.60
CA ALA A 466 12.60 -23.61 2.69
C ALA A 466 12.81 -22.97 4.05
N PHE A 467 12.73 -23.75 5.12
CA PHE A 467 12.72 -23.18 6.45
C PHE A 467 14.02 -23.50 7.19
N PRO A 468 14.42 -22.68 8.18
CA PRO A 468 13.74 -21.51 8.75
C PRO A 468 13.74 -20.26 7.88
N CYS A 469 12.86 -19.31 8.21
CA CYS A 469 12.79 -18.04 7.50
C CYS A 469 14.08 -17.25 7.71
N SER A 470 14.44 -16.45 6.70
CA SER A 470 15.66 -15.66 6.75
C SER A 470 15.39 -14.29 6.14
N VAL A 471 16.32 -13.36 6.37
CA VAL A 471 16.27 -12.01 5.79
C VAL A 471 17.63 -11.65 5.24
N ILE A 472 17.80 -11.75 3.92
CA ILE A 472 19.02 -11.29 3.28
C ILE A 472 18.96 -9.78 3.10
N SER A 473 20.01 -9.08 3.53
CA SER A 473 20.06 -7.63 3.46
C SER A 473 21.36 -7.21 2.79
N ILE A 474 21.27 -6.20 1.92
CA ILE A 474 22.42 -5.62 1.24
C ILE A 474 22.67 -4.25 1.83
N GLN A 475 23.86 -4.05 2.40
CA GLN A 475 24.19 -2.81 3.09
C GLN A 475 25.54 -2.31 2.62
N ASP A 476 25.70 -0.99 2.70
CA ASP A 476 26.96 -0.36 2.31
C ASP A 476 28.06 -0.71 3.29
N VAL A 477 29.30 -0.56 2.85
CA VAL A 477 30.43 -0.83 3.73
C VAL A 477 30.76 0.44 4.50
N LEU A 478 30.02 0.66 5.59
CA LEU A 478 30.29 1.72 6.56
C LEU A 478 29.88 1.17 7.91
N CYS A 479 30.84 1.07 8.81
CA CYS A 479 30.66 0.21 9.96
C CYS A 479 29.95 1.00 11.06
N PRO A 480 29.03 0.38 11.84
CA PRO A 480 28.73 -1.05 12.00
C PRO A 480 27.85 -1.71 10.95
N VAL A 481 27.72 -3.03 11.07
CA VAL A 481 26.87 -3.84 10.20
C VAL A 481 25.68 -4.32 11.02
N TYR A 482 24.48 -4.14 10.48
CA TYR A 482 23.25 -4.45 11.20
C TYR A 482 22.87 -5.89 10.90
N ASP A 483 23.40 -6.81 11.69
CA ASP A 483 23.20 -8.25 11.48
C ASP A 483 22.34 -8.87 12.56
N LEU A 484 21.45 -8.10 13.18
CA LEU A 484 20.58 -8.62 14.23
C LEU A 484 19.14 -8.61 13.73
N ASP A 485 18.31 -9.41 14.39
CA ASP A 485 16.91 -9.53 13.97
C ASP A 485 16.18 -8.20 14.08
N ASN A 486 16.60 -7.34 15.01
CA ASN A 486 15.86 -6.12 15.27
C ASN A 486 16.27 -5.00 14.33
N ASN A 487 17.54 -4.93 13.95
CA ASN A 487 18.04 -3.81 13.15
C ASN A 487 18.40 -4.18 11.72
N VAL A 488 18.09 -5.40 11.28
CA VAL A 488 18.46 -5.81 9.93
C VAL A 488 17.70 -4.99 8.89
N ALA A 489 16.44 -4.64 9.18
CA ALA A 489 15.63 -3.90 8.23
C ALA A 489 15.82 -2.40 8.31
N PHE A 490 16.82 -1.92 9.06
CA PHE A 490 17.00 -0.48 9.24
C PHE A 490 17.37 0.20 7.93
N ILE A 491 18.39 -0.31 7.24
CA ILE A 491 18.87 0.28 6.00
C ILE A 491 19.12 -0.81 4.98
N GLY A 492 19.29 -0.39 3.72
CA GLY A 492 19.62 -1.29 2.64
C GLY A 492 18.42 -2.02 2.09
N MET A 493 18.69 -2.85 1.08
CA MET A 493 17.67 -3.63 0.41
C MET A 493 17.61 -5.01 1.06
N TYR A 494 16.45 -5.35 1.63
CA TYR A 494 16.27 -6.62 2.31
C TYR A 494 15.03 -7.31 1.78
N GLN A 495 15.02 -8.63 1.79
CA GLN A 495 13.87 -9.41 1.42
C GLN A 495 13.91 -10.76 2.12
N THR A 496 12.77 -11.20 2.64
CA THR A 496 12.68 -12.50 3.27
C THR A 496 12.90 -13.59 2.23
N MET A 497 13.28 -14.77 2.71
CA MET A 497 13.70 -15.85 1.82
C MET A 497 13.33 -17.21 2.41
N THR A 498 12.82 -18.09 1.55
CA THR A 498 12.61 -19.48 1.91
C THR A 498 13.57 -20.31 1.07
N LYS A 499 13.53 -20.19 -0.26
CA LYS A 499 14.41 -20.99 -1.10
C LYS A 499 15.25 -20.12 -2.02
N LYS A 500 14.70 -18.99 -2.46
CA LYS A 500 15.40 -18.12 -3.39
C LYS A 500 15.26 -16.67 -2.95
N ALA A 501 16.30 -15.89 -3.23
CA ALA A 501 16.28 -14.46 -2.95
C ALA A 501 17.31 -13.78 -3.84
N ALA A 502 16.83 -12.95 -4.76
CA ALA A 502 17.71 -12.26 -5.71
C ALA A 502 17.54 -10.77 -5.52
N ILE A 503 18.66 -10.07 -5.29
CA ILE A 503 18.67 -8.63 -5.09
C ILE A 503 19.62 -8.02 -6.11
N THR A 504 19.13 -7.10 -6.92
CA THR A 504 19.96 -6.38 -7.87
C THR A 504 20.52 -5.13 -7.19
N VAL A 505 21.81 -4.91 -7.34
CA VAL A 505 22.49 -3.76 -6.76
C VAL A 505 23.30 -3.08 -7.85
N GLN A 506 23.58 -1.79 -7.65
CA GLN A 506 24.27 -0.99 -8.66
C GLN A 506 25.37 -0.17 -8.02
N ARG A 507 26.39 0.15 -8.82
CA ARG A 507 27.56 0.85 -8.31
C ARG A 507 27.21 2.27 -7.86
N LYS A 508 26.21 2.88 -8.49
CA LYS A 508 25.87 4.26 -8.19
C LYS A 508 25.34 4.40 -6.75
N ASP A 509 24.71 3.36 -6.23
CA ASP A 509 24.18 3.42 -4.87
C ASP A 509 25.30 3.47 -3.84
N PHE A 510 26.38 2.73 -4.08
CA PHE A 510 27.46 2.59 -3.10
C PHE A 510 28.72 3.30 -3.58
N PRO A 511 29.04 4.49 -3.04
CA PRO A 511 30.26 5.18 -3.47
C PRO A 511 31.53 4.40 -3.17
N SER A 512 31.50 3.51 -2.16
CA SER A 512 32.70 2.76 -1.79
C SER A 512 32.96 1.60 -2.74
N ASN A 513 32.09 1.35 -3.70
CA ASN A 513 32.20 0.27 -4.69
C ASN A 513 32.17 -1.11 -4.03
N SER A 514 31.56 -1.23 -2.86
CA SER A 514 31.45 -2.51 -2.18
C SER A 514 30.22 -2.48 -1.29
N PHE A 515 29.76 -3.67 -0.91
CA PHE A 515 28.58 -3.79 -0.07
C PHE A 515 28.66 -5.07 0.76
N TYR A 516 27.85 -5.11 1.81
CA TYR A 516 27.79 -6.24 2.73
C TYR A 516 26.51 -7.03 2.46
N VAL A 517 26.65 -8.34 2.30
CA VAL A 517 25.52 -9.23 2.08
C VAL A 517 25.19 -9.87 3.43
N VAL A 518 24.28 -9.26 4.18
CA VAL A 518 23.95 -9.70 5.54
C VAL A 518 22.79 -10.67 5.46
N VAL A 519 22.95 -11.83 6.10
CA VAL A 519 21.91 -12.85 6.17
C VAL A 519 21.57 -13.08 7.63
N VAL A 520 20.29 -12.90 7.97
CA VAL A 520 19.79 -13.12 9.32
C VAL A 520 18.63 -14.10 9.26
N VAL A 521 18.68 -15.13 10.09
CA VAL A 521 17.66 -16.17 10.12
C VAL A 521 16.61 -15.81 11.16
N LYS A 522 15.36 -15.73 10.73
CA LYS A 522 14.27 -15.44 11.64
C LYS A 522 13.98 -16.63 12.56
N THR A 523 13.54 -16.34 13.78
CA THR A 523 13.24 -17.41 14.73
C THR A 523 11.96 -18.13 14.36
N GLU A 524 10.99 -17.41 13.78
CA GLU A 524 9.69 -17.99 13.45
C GLU A 524 9.43 -17.87 11.95
N ASP A 525 8.62 -18.80 11.44
CA ASP A 525 8.38 -18.94 10.01
C ASP A 525 7.07 -18.31 9.55
N GLN A 526 6.37 -17.59 10.43
CA GLN A 526 5.07 -17.06 10.08
C GLN A 526 5.17 -16.00 8.99
N ALA A 527 6.19 -15.14 9.05
CA ALA A 527 6.39 -14.14 8.00
C ALA A 527 6.66 -14.80 6.66
N CYS A 528 7.43 -15.89 6.65
CA CYS A 528 7.64 -16.64 5.43
C CYS A 528 6.37 -17.39 5.02
N GLY A 529 5.41 -17.54 5.94
CA GLY A 529 4.11 -18.09 5.62
C GLY A 529 3.96 -19.57 5.87
N GLY A 530 4.95 -20.22 6.48
CA GLY A 530 4.89 -21.67 6.62
C GLY A 530 3.92 -22.13 7.70
N SER A 531 4.23 -21.84 8.95
CA SER A 531 3.43 -22.35 10.05
C SER A 531 3.54 -21.42 11.24
N LEU A 532 2.64 -21.58 12.20
CA LEU A 532 2.69 -20.77 13.42
C LEU A 532 2.86 -21.73 14.58
N PRO A 533 3.96 -21.62 15.32
CA PRO A 533 4.07 -22.48 16.49
C PRO A 533 3.04 -22.09 17.54
N PHE A 534 2.31 -23.06 18.10
CA PHE A 534 1.35 -22.77 19.16
C PHE A 534 1.59 -23.50 20.48
N TYR A 535 2.59 -24.37 20.52
CA TYR A 535 2.87 -25.15 21.74
C TYR A 535 4.28 -24.74 22.23
N PRO A 536 5.41 -25.38 21.76
CA PRO A 536 6.73 -25.08 22.32
C PRO A 536 6.75 -25.26 23.83
N PHE A 537 7.37 -24.32 24.55
CA PHE A 537 7.46 -24.35 25.99
C PHE A 537 6.52 -23.30 26.58
N ALA A 538 5.75 -23.70 27.59
CA ALA A 538 4.69 -22.85 28.10
C ALA A 538 5.23 -21.81 29.08
N GLU A 539 4.61 -20.62 29.04
CA GLU A 539 4.79 -19.56 30.04
C GLU A 539 6.22 -19.03 29.98
N ASP A 540 6.89 -18.81 31.11
CA ASP A 540 8.10 -17.99 31.12
C ASP A 540 9.31 -18.74 30.59
N GLU A 541 9.34 -20.06 30.77
CA GLU A 541 10.54 -20.81 30.45
C GLU A 541 10.85 -20.71 28.96
N PRO A 542 12.05 -20.24 28.59
CA PRO A 542 12.35 -20.04 27.17
C PRO A 542 12.49 -21.37 26.44
N VAL A 543 11.97 -21.41 25.22
CA VAL A 543 12.13 -22.59 24.38
C VAL A 543 13.59 -22.71 23.94
N ASP A 544 14.05 -23.95 23.81
CA ASP A 544 15.42 -24.22 23.42
C ASP A 544 15.46 -24.48 21.91
N GLN A 545 16.12 -23.58 21.18
CA GLN A 545 16.33 -23.70 19.75
C GLN A 545 17.83 -23.76 19.47
N GLY A 546 18.21 -23.69 18.19
CA GLY A 546 19.57 -23.92 17.77
C GLY A 546 19.76 -25.16 16.93
N HIS A 547 18.84 -26.12 17.01
CA HIS A 547 18.79 -27.23 16.07
C HIS A 547 18.32 -26.80 14.69
N ARG A 548 17.74 -25.61 14.57
CA ARG A 548 17.29 -25.07 13.30
C ARG A 548 18.44 -24.32 12.65
N GLN A 549 18.93 -24.85 11.53
CA GLN A 549 20.02 -24.25 10.79
C GLN A 549 19.59 -24.04 9.34
N LYS A 550 20.07 -22.95 8.75
CA LYS A 550 19.79 -22.63 7.36
C LYS A 550 21.08 -22.73 6.55
N THR A 551 21.04 -23.53 5.49
CA THR A 551 22.17 -23.71 4.59
C THR A 551 21.88 -22.97 3.30
N LEU A 552 22.74 -22.04 2.93
CA LEU A 552 22.51 -21.16 1.80
C LEU A 552 23.72 -21.17 0.87
N SER A 553 23.58 -20.49 -0.26
CA SER A 553 24.65 -20.37 -1.24
C SER A 553 24.50 -19.04 -1.98
N VAL A 554 25.42 -18.12 -1.74
CA VAL A 554 25.38 -16.78 -2.34
C VAL A 554 26.16 -16.81 -3.64
N LEU A 555 25.51 -16.41 -4.73
CA LEU A 555 26.13 -16.27 -6.03
C LEU A 555 25.90 -14.86 -6.52
N VAL A 556 26.98 -14.09 -6.69
CA VAL A 556 26.92 -12.73 -7.20
C VAL A 556 27.35 -12.77 -8.66
N SER A 557 26.42 -12.44 -9.55
CA SER A 557 26.67 -12.51 -10.98
C SER A 557 26.48 -11.13 -11.59
N GLN A 558 27.28 -10.84 -12.61
CA GLN A 558 27.17 -9.56 -13.29
C GLN A 558 25.83 -9.45 -14.00
N ALA A 559 25.14 -8.32 -13.80
CA ALA A 559 23.83 -8.09 -14.38
C ALA A 559 23.95 -7.87 -15.88
N VAL A 560 22.80 -7.97 -16.56
CA VAL A 560 22.79 -7.85 -18.01
C VAL A 560 23.25 -6.46 -18.43
N THR A 561 23.93 -6.38 -19.57
CA THR A 561 24.51 -5.14 -20.05
C THR A 561 23.45 -4.29 -20.75
N SER A 562 23.88 -3.12 -21.21
CA SER A 562 22.98 -2.25 -21.98
C SER A 562 22.66 -2.84 -23.34
N GLU A 563 23.44 -3.83 -23.79
CA GLU A 563 23.14 -4.48 -25.06
C GLU A 563 21.81 -5.23 -25.00
N ALA A 564 21.51 -5.87 -23.87
CA ALA A 564 20.23 -6.56 -23.74
C ALA A 564 19.07 -5.57 -23.75
N TYR A 565 19.30 -4.36 -23.24
CA TYR A 565 18.27 -3.33 -23.29
C TYR A 565 17.97 -2.92 -24.73
N VAL A 566 19.02 -2.77 -25.54
CA VAL A 566 18.83 -2.40 -26.94
C VAL A 566 18.22 -3.57 -27.72
N SER A 567 18.73 -4.78 -27.50
CA SER A 567 18.20 -5.95 -28.20
C SER A 567 16.75 -6.22 -27.82
N GLY A 568 16.43 -6.09 -26.53
CA GLY A 568 15.05 -6.19 -26.12
C GLY A 568 14.18 -5.10 -26.71
N MET A 569 14.72 -3.89 -26.81
CA MET A 569 14.01 -2.79 -27.46
C MET A 569 13.73 -3.12 -28.92
N LEU A 570 14.73 -3.61 -29.65
CA LEU A 570 14.57 -3.89 -31.07
C LEU A 570 13.62 -5.06 -31.30
N PHE A 571 13.73 -6.11 -30.47
CA PHE A 571 12.85 -7.26 -30.62
C PHE A 571 11.39 -6.89 -30.37
N CYS A 572 11.13 -6.01 -29.39
CA CYS A 572 9.77 -5.61 -29.10
C CYS A 572 9.15 -4.87 -30.28
N LEU A 573 9.87 -3.87 -30.81
CA LEU A 573 9.35 -3.12 -31.94
C LEU A 573 9.39 -3.96 -33.22
N GLY A 574 10.46 -4.74 -33.41
CA GLY A 574 10.64 -5.43 -34.67
C GLY A 574 9.53 -6.42 -34.97
N ILE A 575 9.08 -7.15 -33.95
CA ILE A 575 8.06 -8.18 -34.17
C ILE A 575 6.72 -7.55 -34.52
N PHE A 576 6.34 -6.49 -33.79
CA PHE A 576 5.00 -5.93 -33.98
C PHE A 576 4.98 -4.90 -35.10
N LEU A 577 6.12 -4.28 -35.41
CA LEU A 577 6.19 -3.45 -36.60
C LEU A 577 6.24 -4.30 -37.86
N SER A 578 6.60 -5.57 -37.73
CA SER A 578 6.49 -6.49 -38.86
C SER A 578 5.04 -6.68 -39.26
N PHE A 579 4.14 -6.75 -38.28
CA PHE A 579 2.71 -6.80 -38.57
C PHE A 579 2.26 -5.52 -39.27
N TYR A 580 2.82 -4.37 -38.87
CA TYR A 580 2.44 -3.11 -39.48
C TYR A 580 2.82 -3.06 -40.96
N LEU A 581 4.04 -3.50 -41.29
CA LEU A 581 4.44 -3.51 -42.69
C LEU A 581 3.77 -4.64 -43.46
N LEU A 582 3.43 -5.73 -42.76
CA LEU A 582 2.73 -6.83 -43.42
C LEU A 582 1.34 -6.41 -43.88
N THR A 583 0.60 -5.67 -43.04
CA THR A 583 -0.74 -5.26 -43.42
C THR A 583 -0.71 -4.13 -44.44
N VAL A 584 0.34 -3.31 -44.42
CA VAL A 584 0.53 -2.33 -45.48
C VAL A 584 0.85 -3.04 -46.79
N LEU A 585 1.68 -4.09 -46.72
CA LEU A 585 1.91 -4.92 -47.90
C LEU A 585 0.63 -5.59 -48.36
N LEU A 586 -0.20 -6.05 -47.42
CA LEU A 586 -1.50 -6.61 -47.78
C LEU A 586 -2.40 -5.54 -48.39
N ALA A 587 -2.40 -4.33 -47.82
CA ALA A 587 -3.23 -3.26 -48.35
C ALA A 587 -2.78 -2.81 -49.73
N CYS A 588 -1.46 -2.73 -49.94
CA CYS A 588 -0.95 -2.27 -51.23
C CYS A 588 -1.26 -3.28 -52.33
N TRP A 589 -1.26 -4.57 -51.99
CA TRP A 589 -1.61 -5.59 -52.97
C TRP A 589 -3.04 -5.42 -53.46
N GLU A 590 -3.97 -5.17 -52.54
CA GLU A 590 -5.38 -4.98 -52.92
C GLU A 590 -5.55 -3.72 -53.76
N ASN A 591 -4.87 -2.63 -53.38
CA ASN A 591 -5.04 -1.37 -54.08
C ASN A 591 -4.57 -1.46 -55.53
N TRP A 592 -3.41 -2.08 -55.76
CA TRP A 592 -2.91 -2.21 -57.13
C TRP A 592 -3.76 -3.20 -57.90
N ARG A 593 -4.20 -4.28 -57.25
CA ARG A 593 -5.09 -5.24 -57.91
C ARG A 593 -6.41 -4.59 -58.30
N GLN A 594 -6.97 -3.78 -57.42
CA GLN A 594 -8.22 -3.08 -57.71
C GLN A 594 -8.04 -1.57 -57.62
N THR A 727 -14.73 4.77 -20.91
CA THR A 727 -15.03 5.32 -19.60
C THR A 727 -14.74 4.31 -18.49
N ILE A 728 -15.18 3.06 -18.66
CA ILE A 728 -14.87 2.01 -17.70
C ILE A 728 -13.36 1.87 -17.57
N ALA A 729 -12.65 1.99 -18.69
CA ALA A 729 -11.18 1.91 -18.66
C ALA A 729 -10.58 3.01 -17.79
N VAL A 730 -11.05 4.24 -17.94
CA VAL A 730 -10.50 5.35 -17.18
C VAL A 730 -10.78 5.17 -15.68
N PHE A 731 -12.01 4.78 -15.36
CA PHE A 731 -12.37 4.53 -13.96
C PHE A 731 -11.51 3.42 -13.38
N TYR A 732 -11.21 2.40 -14.19
CA TYR A 732 -10.35 1.31 -13.74
C TYR A 732 -8.90 1.79 -13.59
N ALA A 733 -8.48 2.77 -14.39
CA ALA A 733 -7.07 3.09 -14.51
C ALA A 733 -6.60 4.06 -13.44
N LEU A 734 -7.44 5.00 -13.03
CA LEU A 734 -6.96 6.02 -12.09
C LEU A 734 -6.43 5.45 -10.78
N PRO A 735 -7.18 4.62 -10.03
CA PRO A 735 -6.59 4.03 -8.82
C PRO A 735 -5.35 3.20 -9.12
N VAL A 736 -5.30 2.60 -10.31
CA VAL A 736 -4.11 1.86 -10.71
C VAL A 736 -2.89 2.77 -10.67
N VAL A 737 -2.99 3.95 -11.29
CA VAL A 737 -1.86 4.88 -11.35
C VAL A 737 -1.46 5.33 -9.95
N GLN A 738 -2.46 5.64 -9.11
CA GLN A 738 -2.13 6.08 -7.76
C GLN A 738 -1.37 5.00 -6.99
N LEU A 739 -1.84 3.75 -7.08
CA LEU A 739 -1.16 2.63 -6.43
C LEU A 739 0.24 2.43 -7.00
N VAL A 740 0.40 2.52 -8.32
CA VAL A 740 1.71 2.50 -8.95
C VAL A 740 2.65 3.47 -8.27
N ILE A 741 2.29 4.75 -8.25
CA ILE A 741 3.24 5.74 -7.80
C ILE A 741 3.61 5.48 -6.35
N THR A 742 2.61 5.28 -5.49
CA THR A 742 2.91 5.11 -4.07
C THR A 742 3.75 3.87 -3.81
N TYR A 743 3.35 2.72 -4.36
CA TYR A 743 4.06 1.48 -4.08
C TYR A 743 5.47 1.48 -4.64
N GLN A 744 5.65 1.95 -5.87
CA GLN A 744 6.99 1.95 -6.44
C GLN A 744 7.92 2.88 -5.67
N THR A 745 7.42 4.06 -5.29
CA THR A 745 8.25 4.96 -4.49
C THR A 745 8.59 4.34 -3.14
N VAL A 746 7.63 3.67 -2.50
CA VAL A 746 7.88 3.05 -1.20
C VAL A 746 8.94 1.97 -1.31
N VAL A 747 8.84 1.12 -2.33
CA VAL A 747 9.83 0.06 -2.53
C VAL A 747 11.20 0.66 -2.79
N ASN A 748 11.25 1.74 -3.58
CA ASN A 748 12.54 2.36 -3.89
C ASN A 748 13.19 2.96 -2.66
N VAL A 749 12.39 3.61 -1.80
CA VAL A 749 12.99 4.37 -0.70
C VAL A 749 13.27 3.47 0.50
N THR A 750 12.32 2.61 0.86
CA THR A 750 12.48 1.82 2.09
C THR A 750 13.43 0.65 1.87
N GLY A 751 13.51 0.12 0.66
CA GLY A 751 14.29 -1.05 0.38
C GLY A 751 13.59 -2.36 0.66
N ASN A 752 12.35 -2.33 1.14
CA ASN A 752 11.58 -3.54 1.40
C ASN A 752 11.14 -4.13 0.07
N GLN A 753 11.90 -5.12 -0.42
CA GLN A 753 11.58 -5.75 -1.69
C GLN A 753 10.46 -6.77 -1.58
N ASP A 754 9.92 -7.00 -0.38
CA ASP A 754 8.84 -7.96 -0.22
C ASP A 754 7.52 -7.42 -0.75
N ILE A 755 7.43 -6.11 -0.98
CA ILE A 755 6.14 -5.51 -1.32
C ILE A 755 5.70 -5.91 -2.72
N CYS A 756 6.56 -5.76 -3.71
CA CYS A 756 6.25 -6.07 -5.10
C CYS A 756 6.61 -7.52 -5.39
N TYR A 757 5.74 -8.21 -6.12
CA TYR A 757 5.96 -9.61 -6.50
C TYR A 757 6.61 -9.69 -7.88
N TYR A 758 7.78 -9.07 -7.99
CA TYR A 758 8.54 -9.08 -9.23
C TYR A 758 9.02 -10.50 -9.56
N ASN A 759 9.61 -10.62 -10.74
CA ASN A 759 10.46 -11.76 -11.08
C ASN A 759 11.89 -11.28 -10.89
N PHE A 760 12.38 -11.35 -9.66
CA PHE A 760 13.63 -10.67 -9.30
C PHE A 760 14.81 -11.24 -10.08
N LEU A 761 14.70 -12.49 -10.54
CA LEU A 761 15.75 -13.05 -11.37
C LEU A 761 15.79 -12.39 -12.74
N CYS A 762 14.63 -12.05 -13.28
CA CYS A 762 14.54 -11.45 -14.61
C CYS A 762 14.06 -10.01 -14.61
N ALA A 763 13.92 -9.39 -13.44
CA ALA A 763 13.54 -7.98 -13.40
C ALA A 763 14.75 -7.11 -13.71
N HIS A 764 14.61 -6.26 -14.73
CA HIS A 764 15.69 -5.41 -15.20
C HIS A 764 15.34 -3.95 -14.94
N PRO A 765 16.11 -3.25 -14.13
CA PRO A 765 15.75 -1.87 -13.76
C PRO A 765 16.14 -0.84 -14.82
N LEU A 766 15.24 0.10 -15.09
CA LEU A 766 15.52 1.26 -15.93
C LEU A 766 14.90 2.47 -15.24
N GLY A 767 15.76 3.37 -14.76
CA GLY A 767 15.29 4.52 -14.00
C GLY A 767 14.63 4.11 -12.70
N ASN A 768 13.38 4.52 -12.50
CA ASN A 768 12.64 4.20 -11.29
C ASN A 768 11.84 2.91 -11.41
N LEU A 769 11.82 2.29 -12.59
CA LEU A 769 11.10 1.05 -12.82
C LEU A 769 12.02 -0.13 -12.54
N SER A 770 11.62 -0.97 -11.59
CA SER A 770 12.45 -2.11 -11.23
C SER A 770 12.36 -3.23 -12.26
N ALA A 771 11.21 -3.35 -12.92
CA ALA A 771 10.98 -4.41 -13.92
C ALA A 771 10.61 -3.73 -15.24
N PHE A 772 11.63 -3.37 -16.02
CA PHE A 772 11.38 -2.74 -17.31
C PHE A 772 10.94 -3.76 -18.35
N ASN A 773 11.35 -5.01 -18.22
CA ASN A 773 11.09 -6.01 -19.26
C ASN A 773 9.59 -6.26 -19.41
N ASN A 774 8.86 -6.36 -18.29
CA ASN A 774 7.41 -6.60 -18.38
C ASN A 774 6.70 -5.43 -19.04
N ILE A 775 7.03 -4.20 -18.64
CA ILE A 775 6.39 -3.02 -19.21
C ILE A 775 6.69 -2.93 -20.69
N LEU A 776 7.94 -3.22 -21.08
CA LEU A 776 8.31 -3.21 -22.50
C LEU A 776 7.55 -4.28 -23.27
N SER A 777 7.40 -5.47 -22.69
CA SER A 777 6.67 -6.54 -23.36
C SER A 777 5.21 -6.16 -23.54
N ASN A 778 4.68 -5.33 -22.64
CA ASN A 778 3.30 -4.89 -22.77
C ASN A 778 3.06 -3.95 -23.94
N LEU A 779 4.09 -3.65 -24.74
CA LEU A 779 3.91 -2.79 -25.90
C LEU A 779 3.17 -3.51 -27.03
N GLY A 780 3.16 -4.85 -26.99
CA GLY A 780 2.49 -5.59 -28.04
C GLY A 780 1.00 -5.32 -28.09
N TYR A 781 0.34 -5.33 -26.93
CA TYR A 781 -1.08 -5.01 -26.90
C TYR A 781 -1.34 -3.63 -27.50
N ILE A 782 -0.55 -2.64 -27.10
CA ILE A 782 -0.77 -1.27 -27.56
C ILE A 782 -0.63 -1.17 -29.07
N LEU A 783 0.49 -1.70 -29.59
CA LEU A 783 0.74 -1.56 -31.02
C LEU A 783 -0.27 -2.36 -31.85
N LEU A 784 -0.60 -3.57 -31.42
CA LEU A 784 -1.52 -4.39 -32.19
C LEU A 784 -2.95 -3.85 -32.12
N GLY A 785 -3.34 -3.30 -30.97
CA GLY A 785 -4.63 -2.66 -30.88
C GLY A 785 -4.74 -1.43 -31.76
N LEU A 786 -3.66 -0.63 -31.80
CA LEU A 786 -3.66 0.53 -32.71
C LEU A 786 -3.76 0.08 -34.16
N LEU A 787 -3.01 -0.96 -34.54
CA LEU A 787 -3.06 -1.44 -35.91
C LEU A 787 -4.44 -1.98 -36.25
N PHE A 788 -5.06 -2.72 -35.33
CA PHE A 788 -6.39 -3.24 -35.59
C PHE A 788 -7.41 -2.11 -35.70
N LEU A 789 -7.27 -1.06 -34.88
CA LEU A 789 -8.15 0.10 -35.01
C LEU A 789 -7.98 0.77 -36.36
N LEU A 790 -6.74 0.88 -36.85
CA LEU A 790 -6.53 1.43 -38.18
C LEU A 790 -7.17 0.58 -39.26
N ILE A 791 -7.06 -0.75 -39.13
CA ILE A 791 -7.69 -1.64 -40.11
C ILE A 791 -9.21 -1.46 -40.09
N ILE A 792 -9.78 -1.36 -38.89
CA ILE A 792 -11.23 -1.17 -38.77
C ILE A 792 -11.64 0.15 -39.40
N LEU A 793 -10.87 1.21 -39.15
CA LEU A 793 -11.18 2.51 -39.74
C LEU A 793 -11.12 2.47 -41.25
N GLN A 794 -10.12 1.77 -41.81
CA GLN A 794 -10.02 1.66 -43.26
C GLN A 794 -11.21 0.89 -43.83
N ARG A 795 -11.60 -0.20 -43.17
CA ARG A 795 -12.77 -0.96 -43.63
C ARG A 795 -14.04 -0.14 -43.55
N GLU A 796 -14.20 0.63 -42.46
CA GLU A 796 -15.38 1.47 -42.31
C GLU A 796 -15.43 2.56 -43.38
N ILE A 797 -14.29 3.17 -43.68
CA ILE A 797 -14.23 4.18 -44.73
C ILE A 797 -14.59 3.56 -46.08
N ASN A 798 -14.05 2.38 -46.37
CA ASN A 798 -14.35 1.72 -47.64
C ASN A 798 -15.82 1.37 -47.74
N HIS A 799 -16.41 0.87 -46.65
CA HIS A 799 -17.83 0.51 -46.66
C HIS A 799 -18.71 1.74 -46.84
N ASN A 800 -18.36 2.85 -46.18
CA ASN A 800 -19.12 4.08 -46.34
C ASN A 800 -19.01 4.61 -47.77
N ARG A 801 -17.82 4.52 -48.37
CA ARG A 801 -17.66 4.94 -49.75
C ARG A 801 -18.49 4.06 -50.68
N ALA A 802 -18.50 2.74 -50.43
CA ALA A 802 -19.31 1.84 -51.24
C ALA A 802 -20.79 2.16 -51.12
N LEU A 803 -21.25 2.50 -49.90
CA LEU A 803 -22.63 2.94 -49.73
C LEU A 803 -22.89 4.23 -50.49
N LEU A 804 -21.92 5.14 -50.51
CA LEU A 804 -22.07 6.36 -51.29
C LEU A 804 -22.20 6.06 -52.78
N ARG A 805 -21.55 4.98 -53.24
CA ARG A 805 -21.75 4.52 -54.61
C ARG A 805 -23.13 3.88 -54.81
N ASN A 806 -23.89 3.68 -53.74
CA ASN A 806 -25.21 3.05 -53.80
C ASN A 806 -25.15 1.64 -54.39
N ASP A 807 -24.09 0.91 -54.06
CA ASP A 807 -23.99 -0.48 -54.49
C ASP A 807 -24.99 -1.33 -53.72
N LEU A 808 -25.72 -2.17 -54.45
CA LEU A 808 -26.72 -3.02 -53.82
C LEU A 808 -26.10 -4.01 -52.86
N CYS A 809 -24.91 -4.53 -53.21
CA CYS A 809 -24.24 -5.50 -52.35
C CYS A 809 -23.89 -4.89 -50.99
N ALA A 810 -23.40 -3.66 -50.98
CA ALA A 810 -23.09 -3.01 -49.70
C ALA A 810 -24.37 -2.70 -48.93
N LEU A 811 -25.43 -2.27 -49.63
CA LEU A 811 -26.64 -1.85 -48.95
C LEU A 811 -27.40 -3.00 -48.31
N GLU A 812 -27.62 -4.08 -49.06
CA GLU A 812 -28.58 -5.10 -48.66
C GLU A 812 -28.03 -6.52 -48.70
N CYS A 813 -26.74 -6.70 -48.97
CA CYS A 813 -26.19 -8.04 -49.14
C CYS A 813 -25.10 -8.30 -48.11
N GLY A 814 -24.97 -9.57 -47.72
CA GLY A 814 -23.95 -9.98 -46.79
C GLY A 814 -24.35 -9.76 -45.34
N ILE A 815 -23.47 -10.20 -44.46
CA ILE A 815 -23.68 -9.99 -43.01
C ILE A 815 -23.65 -8.50 -42.72
N PRO A 816 -24.58 -7.97 -41.91
CA PRO A 816 -24.54 -6.54 -41.60
C PRO A 816 -23.21 -6.13 -40.98
N LYS A 817 -22.59 -5.11 -41.58
CA LYS A 817 -21.26 -4.66 -41.19
C LYS A 817 -21.39 -3.68 -40.03
N HIS A 818 -20.90 -4.08 -38.86
CA HIS A 818 -20.94 -3.25 -37.66
C HIS A 818 -19.52 -3.09 -37.13
N PHE A 819 -18.94 -1.91 -37.30
CA PHE A 819 -17.55 -1.67 -36.96
C PHE A 819 -17.37 -1.18 -35.53
N GLY A 820 -18.44 -0.73 -34.86
CA GLY A 820 -18.28 -0.13 -33.55
C GLY A 820 -17.85 -1.11 -32.48
N LEU A 821 -18.40 -2.32 -32.50
CA LEU A 821 -17.95 -3.32 -31.55
C LEU A 821 -16.51 -3.73 -31.82
N PHE A 822 -16.10 -3.73 -33.08
CA PHE A 822 -14.69 -3.96 -33.40
C PHE A 822 -13.83 -2.84 -32.83
N TYR A 823 -14.32 -1.61 -32.88
CA TYR A 823 -13.62 -0.50 -32.22
C TYR A 823 -13.52 -0.75 -30.72
N ALA A 824 -14.59 -1.27 -30.12
CA ALA A 824 -14.56 -1.58 -28.70
C ALA A 824 -13.50 -2.63 -28.39
N MET A 825 -13.39 -3.66 -29.23
CA MET A 825 -12.38 -4.69 -29.02
C MET A 825 -10.97 -4.12 -29.16
N GLY A 826 -10.75 -3.28 -30.17
CA GLY A 826 -9.43 -2.68 -30.34
C GLY A 826 -9.04 -1.77 -29.18
N THR A 827 -9.97 -0.92 -28.74
CA THR A 827 -9.71 -0.07 -27.59
C THR A 827 -9.50 -0.90 -26.33
N ALA A 828 -10.22 -2.02 -26.21
CA ALA A 828 -10.03 -2.91 -25.07
C ALA A 828 -8.64 -3.51 -25.09
N LEU A 829 -8.15 -3.91 -26.27
CA LEU A 829 -6.79 -4.44 -26.35
C LEU A 829 -5.75 -3.39 -25.96
N MET A 830 -5.90 -2.17 -26.49
CA MET A 830 -4.95 -1.11 -26.16
C MET A 830 -4.96 -0.81 -24.66
N MET A 831 -6.15 -0.74 -24.07
CA MET A 831 -6.23 -0.39 -22.65
C MET A 831 -5.81 -1.56 -21.77
N GLU A 832 -5.99 -2.79 -22.24
CA GLU A 832 -5.44 -3.93 -21.54
C GLU A 832 -3.93 -3.86 -21.50
N GLY A 833 -3.31 -3.48 -22.62
CA GLY A 833 -1.87 -3.27 -22.61
C GLY A 833 -1.45 -2.20 -21.62
N LEU A 834 -2.15 -1.06 -21.64
CA LEU A 834 -1.82 0.03 -20.72
C LEU A 834 -1.95 -0.41 -19.26
N LEU A 835 -3.09 -1.02 -18.92
CA LEU A 835 -3.35 -1.41 -17.54
C LEU A 835 -2.40 -2.50 -17.08
N SER A 836 -2.06 -3.44 -17.97
CA SER A 836 -1.16 -4.52 -17.59
C SER A 836 0.26 -4.00 -17.40
N ALA A 837 0.69 -3.03 -18.20
CA ALA A 837 1.98 -2.39 -17.95
C ALA A 837 1.99 -1.66 -16.60
N CYS A 838 0.92 -0.91 -16.33
CA CYS A 838 0.82 -0.21 -15.05
C CYS A 838 0.81 -1.19 -13.88
N TYR A 839 0.19 -2.35 -14.06
CA TYR A 839 0.26 -3.40 -13.05
C TYR A 839 1.68 -3.94 -12.90
N HIS A 840 2.37 -4.15 -14.03
CA HIS A 840 3.65 -4.84 -14.01
C HIS A 840 4.82 -3.94 -13.65
N VAL A 841 4.60 -2.63 -13.46
CA VAL A 841 5.64 -1.82 -12.85
C VAL A 841 5.92 -2.34 -11.44
N CYS A 842 4.90 -2.86 -10.77
CA CYS A 842 5.01 -3.47 -9.44
C CYS A 842 3.88 -4.48 -9.29
N PRO A 843 4.04 -5.69 -9.81
CA PRO A 843 3.05 -6.74 -9.56
C PRO A 843 2.97 -7.04 -8.08
N ASN A 844 1.77 -6.94 -7.52
CA ASN A 844 1.61 -7.08 -6.09
C ASN A 844 0.19 -7.55 -5.81
N TYR A 845 0.02 -8.16 -4.64
CA TYR A 845 -1.29 -8.73 -4.28
C TYR A 845 -2.39 -7.68 -4.32
N THR A 846 -2.05 -6.42 -4.12
CA THR A 846 -3.09 -5.40 -4.18
C THR A 846 -3.37 -4.92 -5.62
N ASN A 847 -2.92 -5.68 -6.63
CA ASN A 847 -3.10 -5.28 -8.03
C ASN A 847 -3.43 -6.45 -8.95
N PHE A 848 -3.76 -7.63 -8.41
CA PHE A 848 -3.82 -8.81 -9.27
C PHE A 848 -4.95 -8.71 -10.29
N GLN A 849 -6.07 -8.08 -9.90
CA GLN A 849 -7.22 -7.97 -10.79
C GLN A 849 -6.90 -7.13 -12.02
N PHE A 850 -5.94 -6.21 -11.89
CA PHE A 850 -5.77 -5.17 -12.90
C PHE A 850 -5.20 -5.74 -14.19
N ASP A 851 -4.46 -6.84 -14.08
CA ASP A 851 -3.90 -7.49 -15.26
C ASP A 851 -4.95 -8.32 -15.96
N THR A 852 -5.45 -9.34 -15.27
CA THR A 852 -6.40 -10.27 -15.89
C THR A 852 -7.79 -9.76 -16.24
N SER A 853 -8.27 -8.71 -15.59
CA SER A 853 -9.64 -8.28 -15.83
C SER A 853 -10.03 -7.83 -17.22
N PHE A 854 -9.21 -7.03 -17.87
CA PHE A 854 -9.64 -6.56 -19.16
C PHE A 854 -9.58 -7.70 -20.16
N MET A 855 -8.70 -8.66 -19.94
CA MET A 855 -8.62 -9.79 -20.85
C MET A 855 -9.91 -10.58 -20.87
N TYR A 856 -10.51 -10.85 -19.73
CA TYR A 856 -11.81 -11.51 -19.81
C TYR A 856 -12.88 -10.64 -20.47
N MET A 857 -12.85 -9.34 -20.24
CA MET A 857 -13.79 -8.47 -20.95
C MET A 857 -13.58 -8.52 -22.47
N ILE A 858 -12.34 -8.50 -22.95
CA ILE A 858 -12.11 -8.62 -24.39
C ILE A 858 -12.62 -9.97 -24.85
N ALA A 859 -12.38 -11.02 -24.08
CA ALA A 859 -12.92 -12.32 -24.43
C ALA A 859 -14.43 -12.28 -24.36
N GLY A 860 -14.98 -11.60 -23.36
CA GLY A 860 -16.43 -11.50 -23.20
C GLY A 860 -17.00 -10.68 -24.32
N LEU A 861 -16.17 -9.88 -24.96
CA LEU A 861 -16.61 -9.15 -26.15
C LEU A 861 -16.58 -10.03 -27.39
N CYS A 862 -15.46 -10.70 -27.62
CA CYS A 862 -15.39 -11.72 -28.67
C CYS A 862 -16.49 -12.74 -28.49
N MET A 863 -16.78 -13.09 -27.24
CA MET A 863 -18.03 -13.74 -26.89
C MET A 863 -19.18 -12.82 -27.28
N LEU A 864 -20.09 -13.32 -28.10
CA LEU A 864 -21.29 -12.65 -28.57
C LEU A 864 -20.99 -11.58 -29.62
N LYS A 865 -19.73 -11.28 -29.94
CA LYS A 865 -19.51 -10.55 -31.18
C LYS A 865 -20.02 -11.35 -32.38
N LEU A 866 -19.73 -12.65 -32.42
CA LEU A 866 -20.28 -13.50 -33.48
C LEU A 866 -21.80 -13.58 -33.40
N TYR A 867 -22.34 -13.65 -32.18
CA TYR A 867 -23.79 -13.74 -32.01
C TYR A 867 -24.48 -12.49 -32.52
N GLN A 868 -23.90 -11.31 -32.25
CA GLN A 868 -24.40 -10.07 -32.84
C GLN A 868 -24.23 -10.08 -34.35
N LYS A 869 -23.11 -10.61 -34.84
CA LYS A 869 -22.85 -10.60 -36.27
C LYS A 869 -23.90 -11.39 -37.04
N ARG A 870 -24.31 -12.54 -36.52
CA ARG A 870 -25.37 -13.33 -37.18
C ARG A 870 -26.77 -12.87 -36.80
N HIS A 871 -26.92 -12.27 -35.62
CA HIS A 871 -28.23 -11.84 -35.18
C HIS A 871 -28.21 -10.38 -34.75
N PRO A 872 -28.13 -9.45 -35.70
CA PRO A 872 -28.00 -8.05 -35.31
C PRO A 872 -29.25 -7.55 -34.61
N ASP A 873 -30.40 -8.12 -34.93
CA ASP A 873 -31.65 -7.67 -34.32
C ASP A 873 -31.69 -7.98 -32.83
N ILE A 874 -31.08 -9.09 -32.41
CA ILE A 874 -31.03 -9.43 -30.99
C ILE A 874 -30.20 -8.40 -30.23
N ASN A 875 -29.14 -7.89 -30.87
CA ASN A 875 -28.26 -6.92 -30.22
C ASN A 875 -28.93 -5.56 -30.03
N ALA A 876 -30.08 -5.33 -30.67
CA ALA A 876 -30.74 -4.03 -30.54
C ALA A 876 -31.13 -3.75 -29.09
N SER A 877 -31.61 -4.76 -28.38
CA SER A 877 -31.96 -4.66 -26.97
C SER A 877 -31.15 -5.65 -26.12
N ALA A 878 -29.84 -5.74 -26.38
CA ALA A 878 -29.03 -6.74 -25.71
C ALA A 878 -28.88 -6.44 -24.22
N TYR A 879 -28.27 -5.30 -23.88
CA TYR A 879 -28.02 -4.91 -22.50
C TYR A 879 -27.28 -6.02 -21.74
N SER A 880 -26.16 -6.45 -22.31
CA SER A 880 -25.41 -7.59 -21.79
C SER A 880 -23.99 -7.25 -21.36
N ALA A 881 -23.38 -6.20 -21.92
CA ALA A 881 -21.99 -5.89 -21.61
C ALA A 881 -21.82 -5.55 -20.13
N TYR A 882 -22.65 -4.65 -19.60
CA TYR A 882 -22.55 -4.27 -18.21
C TYR A 882 -22.75 -5.48 -17.29
N ALA A 883 -23.74 -6.31 -17.61
CA ALA A 883 -24.00 -7.49 -16.80
C ALA A 883 -22.80 -8.43 -16.79
N CYS A 884 -22.23 -8.69 -17.96
CA CYS A 884 -21.09 -9.60 -18.03
C CYS A 884 -19.89 -9.05 -17.25
N LEU A 885 -19.59 -7.77 -17.43
CA LEU A 885 -18.45 -7.19 -16.72
C LEU A 885 -18.68 -7.22 -15.21
N ALA A 886 -19.90 -6.88 -14.77
CA ALA A 886 -20.19 -6.91 -13.34
C ALA A 886 -20.04 -8.32 -12.79
N ILE A 887 -20.53 -9.32 -13.53
CA ILE A 887 -20.43 -10.70 -13.06
C ILE A 887 -18.98 -11.11 -12.90
N VAL A 888 -18.15 -10.85 -13.92
CA VAL A 888 -16.77 -11.33 -13.86
C VAL A 888 -15.98 -10.60 -12.77
N ILE A 889 -16.17 -9.28 -12.66
CA ILE A 889 -15.41 -8.53 -11.67
C ILE A 889 -15.84 -8.90 -10.25
N PHE A 890 -17.12 -9.19 -10.06
CA PHE A 890 -17.57 -9.62 -8.75
C PHE A 890 -16.92 -10.95 -8.45
N PHE A 891 -16.98 -11.87 -9.41
CA PHE A 891 -16.45 -13.21 -9.17
C PHE A 891 -14.97 -13.18 -8.82
N SER A 892 -14.20 -12.32 -9.49
CA SER A 892 -12.74 -12.43 -9.47
C SER A 892 -12.08 -11.70 -8.30
N VAL A 893 -12.83 -11.12 -7.37
CA VAL A 893 -12.20 -10.29 -6.34
C VAL A 893 -12.48 -10.82 -4.93
N LEU A 894 -13.77 -10.87 -4.57
CA LEU A 894 -14.14 -11.15 -3.18
C LEU A 894 -13.74 -12.58 -2.78
N GLY A 895 -13.83 -13.52 -3.72
CA GLY A 895 -13.42 -14.88 -3.43
C GLY A 895 -11.98 -14.98 -3.00
N VAL A 896 -11.10 -14.25 -3.70
CA VAL A 896 -9.69 -14.21 -3.32
C VAL A 896 -9.51 -13.46 -2.02
N VAL A 897 -10.23 -12.35 -1.87
CA VAL A 897 -10.02 -11.47 -0.71
C VAL A 897 -10.38 -12.21 0.59
N PHE A 898 -11.51 -12.91 0.60
CA PHE A 898 -11.95 -13.56 1.82
C PHE A 898 -11.07 -14.75 2.19
N GLY A 899 -10.56 -15.46 1.21
CA GLY A 899 -9.71 -16.61 1.48
C GLY A 899 -9.14 -17.19 0.22
N LYS A 900 -8.38 -18.29 0.40
CA LYS A 900 -7.78 -19.01 -0.70
C LYS A 900 -8.39 -20.41 -0.88
N GLY A 901 -9.58 -20.62 -0.33
CA GLY A 901 -10.22 -21.93 -0.39
C GLY A 901 -10.32 -22.58 0.98
N ASN A 902 -11.51 -22.52 1.59
CA ASN A 902 -11.73 -23.06 2.92
C ASN A 902 -12.22 -24.51 2.82
N THR A 903 -11.38 -25.32 2.17
CA THR A 903 -11.63 -26.74 1.91
C THR A 903 -13.11 -27.05 1.59
N ALA A 904 -13.62 -26.42 0.53
CA ALA A 904 -12.98 -25.49 -0.40
C ALA A 904 -13.99 -24.55 -1.05
N PHE A 905 -13.78 -23.25 -0.86
CA PHE A 905 -14.53 -22.27 -1.64
C PHE A 905 -14.31 -22.47 -3.13
N TRP A 906 -13.15 -23.03 -3.50
CA TRP A 906 -12.90 -23.31 -4.91
C TRP A 906 -13.63 -24.56 -5.39
N ILE A 907 -13.90 -25.52 -4.50
CA ILE A 907 -14.82 -26.59 -4.87
C ILE A 907 -16.24 -26.05 -5.04
N VAL A 908 -16.62 -25.09 -4.18
CA VAL A 908 -17.90 -24.41 -4.38
C VAL A 908 -17.92 -23.69 -5.73
N PHE A 909 -16.80 -23.06 -6.09
CA PHE A 909 -16.70 -22.41 -7.40
C PHE A 909 -16.74 -23.42 -8.54
N SER A 910 -16.22 -24.62 -8.30
CA SER A 910 -16.36 -25.68 -9.31
C SER A 910 -17.82 -26.07 -9.49
N ILE A 911 -18.58 -26.12 -8.40
CA ILE A 911 -20.01 -26.34 -8.51
C ILE A 911 -20.68 -25.20 -9.29
N ILE A 912 -20.22 -23.97 -9.05
CA ILE A 912 -20.73 -22.82 -9.80
C ILE A 912 -20.41 -22.98 -11.28
N HIS A 913 -19.21 -23.46 -11.60
CA HIS A 913 -18.86 -23.73 -12.98
C HIS A 913 -19.74 -24.81 -13.59
N ILE A 914 -20.10 -25.81 -12.79
CA ILE A 914 -21.00 -26.86 -13.26
C ILE A 914 -22.37 -26.27 -13.60
N ILE A 915 -22.90 -25.41 -12.73
CA ILE A 915 -24.20 -24.81 -13.02
C ILE A 915 -24.11 -23.84 -14.19
N ALA A 916 -22.95 -23.20 -14.37
CA ALA A 916 -22.75 -22.37 -15.56
C ALA A 916 -22.74 -23.23 -16.82
N THR A 917 -22.14 -24.41 -16.75
CA THR A 917 -22.18 -25.35 -17.87
C THR A 917 -23.61 -25.80 -18.16
N LEU A 918 -24.40 -26.02 -17.10
CA LEU A 918 -25.81 -26.33 -17.28
C LEU A 918 -26.55 -25.18 -17.95
N LEU A 919 -26.21 -23.94 -17.59
CA LEU A 919 -26.79 -22.78 -18.25
C LEU A 919 -26.40 -22.74 -19.72
N LEU A 920 -25.15 -23.11 -20.03
CA LEU A 920 -24.72 -23.19 -21.43
C LEU A 920 -25.52 -24.23 -22.19
N SER A 921 -25.77 -25.38 -21.56
CA SER A 921 -26.63 -26.39 -22.19
C SER A 921 -28.05 -25.87 -22.38
N THR A 922 -28.55 -25.11 -21.41
CA THR A 922 -29.87 -24.49 -21.54
C THR A 922 -29.91 -23.55 -22.74
N GLN A 923 -28.86 -22.75 -22.92
CA GLN A 923 -28.74 -21.91 -24.12
C GLN A 923 -28.70 -22.78 -25.37
N LEU A 924 -28.01 -23.92 -25.30
CA LEU A 924 -27.97 -24.84 -26.43
C LEU A 924 -29.35 -25.29 -26.87
N TYR A 925 -30.16 -25.80 -25.93
CA TYR A 925 -31.44 -26.35 -26.34
C TYR A 925 -32.39 -25.25 -26.80
N TYR A 926 -32.12 -24.00 -26.39
CA TYR A 926 -32.88 -22.87 -26.92
C TYR A 926 -32.50 -22.59 -28.38
N MET A 927 -31.23 -22.75 -28.72
CA MET A 927 -30.77 -22.54 -30.08
C MET A 927 -31.36 -23.59 -31.03
N LEU A 956 -31.32 -27.31 -32.15
CA LEU A 956 -31.88 -27.19 -33.48
C LEU A 956 -31.39 -28.32 -34.38
N TYR A 957 -30.14 -28.73 -34.18
CA TYR A 957 -29.53 -29.81 -34.96
C TYR A 957 -28.83 -30.78 -34.03
N VAL A 958 -28.75 -32.04 -34.46
CA VAL A 958 -28.09 -33.06 -33.66
C VAL A 958 -26.60 -32.79 -33.56
N ASP A 959 -25.99 -32.32 -34.66
CA ASP A 959 -24.57 -31.98 -34.63
C ASP A 959 -24.28 -30.86 -33.65
N ARG A 960 -25.15 -29.83 -33.63
CA ARG A 960 -25.02 -28.77 -32.64
C ARG A 960 -25.15 -29.33 -31.23
N MET A 961 -26.12 -30.23 -31.03
CA MET A 961 -26.31 -30.85 -29.72
C MET A 961 -25.04 -31.53 -29.25
N VAL A 962 -24.45 -32.39 -30.09
CA VAL A 962 -23.27 -33.14 -29.67
C VAL A 962 -22.09 -32.19 -29.50
N LEU A 963 -21.98 -31.17 -30.35
CA LEU A 963 -20.88 -30.21 -30.23
C LEU A 963 -20.91 -29.56 -28.86
N LEU A 964 -22.07 -29.05 -28.45
CA LEU A 964 -22.14 -28.47 -27.10
C LEU A 964 -22.02 -29.54 -26.03
N VAL A 965 -22.32 -30.80 -26.36
CA VAL A 965 -22.13 -31.88 -25.40
C VAL A 965 -20.66 -32.03 -25.03
N MET A 966 -19.76 -32.19 -26.01
CA MET A 966 -18.37 -32.28 -25.57
C MET A 966 -17.81 -30.91 -25.20
N GLY A 967 -18.48 -29.81 -25.57
CA GLY A 967 -18.12 -28.54 -24.97
C GLY A 967 -18.33 -28.53 -23.46
N ASN A 968 -19.47 -29.06 -23.03
CA ASN A 968 -19.74 -29.21 -21.60
C ASN A 968 -18.76 -30.18 -20.95
N VAL A 969 -18.42 -31.26 -21.66
CA VAL A 969 -17.43 -32.19 -21.13
C VAL A 969 -16.08 -31.50 -20.94
N ILE A 970 -15.69 -30.65 -21.89
CA ILE A 970 -14.44 -29.90 -21.77
C ILE A 970 -14.50 -28.95 -20.58
N ASN A 971 -15.64 -28.29 -20.38
CA ASN A 971 -15.78 -27.40 -19.23
C ASN A 971 -15.63 -28.17 -17.92
N TRP A 972 -16.28 -29.34 -17.82
CA TRP A 972 -16.16 -30.15 -16.62
C TRP A 972 -14.72 -30.65 -16.41
N SER A 973 -14.03 -30.96 -17.50
CA SER A 973 -12.62 -31.35 -17.36
C SER A 973 -11.88 -30.19 -16.73
N LEU A 974 -12.16 -28.99 -17.20
CA LEU A 974 -11.54 -27.80 -16.62
C LEU A 974 -11.98 -27.64 -15.18
N ALA A 975 -13.24 -27.97 -14.89
CA ALA A 975 -13.74 -27.89 -13.52
C ALA A 975 -13.00 -28.83 -12.59
N ALA A 976 -12.50 -29.95 -13.11
CA ALA A 976 -11.70 -30.86 -12.28
C ALA A 976 -10.45 -30.13 -11.81
N TYR A 977 -9.83 -29.35 -12.68
CA TYR A 977 -8.70 -28.52 -12.26
C TYR A 977 -9.20 -27.52 -11.24
N GLY A 978 -10.41 -27.01 -11.45
CA GLY A 978 -11.02 -26.09 -10.50
C GLY A 978 -11.19 -26.79 -9.17
N LEU A 979 -10.89 -28.14 -9.32
CA LEU A 979 -10.78 -29.08 -8.18
C LEU A 979 -9.33 -29.41 -7.84
N ILE A 980 -9.01 -30.00 -6.66
CA ILE A 980 -7.59 -30.12 -6.19
C ILE A 980 -7.63 -28.63 -6.33
N MET A 981 -8.58 -28.03 -5.65
CA MET A 981 -8.92 -26.65 -5.92
C MET A 981 -8.06 -25.43 -5.95
N ARG A 982 -8.23 -24.68 -7.03
CA ARG A 982 -7.45 -23.47 -7.25
C ARG A 982 -6.23 -23.15 -6.43
N PRO A 983 -5.15 -23.91 -6.66
CA PRO A 983 -3.90 -23.50 -5.99
C PRO A 983 -3.69 -22.16 -6.65
N ASN A 984 -4.02 -22.05 -7.94
CA ASN A 984 -3.95 -20.79 -8.68
C ASN A 984 -5.10 -19.86 -8.38
N ASP A 985 -4.96 -18.60 -8.78
CA ASP A 985 -6.06 -17.67 -8.61
C ASP A 985 -7.18 -17.94 -9.58
N PHE A 986 -8.39 -17.57 -9.20
CA PHE A 986 -9.50 -17.67 -10.12
C PHE A 986 -9.16 -16.72 -11.24
N ALA A 987 -8.60 -15.56 -10.90
CA ALA A 987 -8.20 -14.61 -11.90
C ALA A 987 -7.54 -15.26 -13.11
N SER A 988 -6.57 -16.15 -12.88
CA SER A 988 -5.94 -16.83 -13.99
C SER A 988 -6.93 -17.78 -14.65
N TYR A 989 -7.67 -18.54 -13.85
CA TYR A 989 -8.62 -19.50 -14.40
C TYR A 989 -9.76 -18.89 -15.18
N LEU A 990 -10.28 -17.75 -14.74
CA LEU A 990 -11.37 -17.11 -15.44
C LEU A 990 -10.89 -16.75 -16.82
N LEU A 991 -9.68 -16.23 -16.91
CA LEU A 991 -9.13 -15.93 -18.22
C LEU A 991 -8.99 -17.23 -18.98
N ALA A 992 -8.47 -18.27 -18.34
CA ALA A 992 -8.25 -19.53 -19.03
C ALA A 992 -9.54 -20.19 -19.48
N ILE A 993 -10.53 -20.24 -18.59
CA ILE A 993 -11.81 -20.84 -18.93
C ILE A 993 -12.47 -20.00 -20.01
N GLY A 994 -12.38 -18.68 -19.86
CA GLY A 994 -13.00 -17.79 -20.82
C GLY A 994 -12.37 -17.96 -22.19
N ILE A 995 -11.05 -18.10 -22.24
CA ILE A 995 -10.37 -18.25 -23.52
C ILE A 995 -10.65 -19.63 -24.06
N CYS A 996 -10.73 -20.62 -23.20
CA CYS A 996 -11.10 -21.94 -23.71
C CYS A 996 -12.53 -21.96 -24.24
N ASN A 997 -13.46 -21.34 -23.50
CA ASN A 997 -14.83 -21.26 -23.99
C ASN A 997 -14.92 -20.43 -25.26
N LEU A 998 -14.11 -19.38 -25.36
CA LEU A 998 -14.08 -18.56 -26.57
C LEU A 998 -13.61 -19.37 -27.77
N LEU A 999 -12.57 -20.19 -27.60
CA LEU A 999 -12.12 -21.05 -28.69
C LEU A 999 -13.17 -22.10 -29.04
N LEU A 1000 -13.89 -22.61 -28.03
CA LEU A 1000 -14.95 -23.56 -28.30
C LEU A 1000 -16.06 -22.93 -29.15
N TYR A 1001 -16.45 -21.70 -28.82
CA TYR A 1001 -17.46 -21.00 -29.61
C TYR A 1001 -16.94 -20.66 -31.00
N PHE A 1002 -15.64 -20.32 -31.11
CA PHE A 1002 -15.02 -20.14 -32.41
C PHE A 1002 -15.22 -21.38 -33.27
N ALA A 1003 -14.86 -22.55 -32.73
CA ALA A 1003 -15.00 -23.79 -33.48
C ALA A 1003 -16.45 -24.08 -33.80
N PHE A 1004 -17.36 -23.79 -32.87
CA PHE A 1004 -18.78 -23.97 -33.12
C PHE A 1004 -19.21 -23.15 -34.34
N TYR A 1005 -18.84 -21.87 -34.38
CA TYR A 1005 -19.24 -21.01 -35.47
C TYR A 1005 -18.62 -21.47 -36.80
N ILE A 1006 -17.36 -21.91 -36.77
CA ILE A 1006 -16.70 -22.37 -37.98
C ILE A 1006 -17.37 -23.62 -38.53
N ILE A 1007 -17.67 -24.58 -37.65
CA ILE A 1007 -18.33 -25.81 -38.08
C ILE A 1007 -19.73 -25.51 -38.58
N MET A 1008 -20.40 -24.54 -37.96
CA MET A 1008 -21.66 -24.04 -38.49
C MET A 1008 -21.51 -23.55 -39.92
N LYS A 1009 -20.54 -22.67 -40.16
CA LYS A 1009 -20.38 -22.08 -41.48
C LYS A 1009 -20.06 -23.15 -42.52
N LEU A 1010 -19.21 -24.11 -42.18
CA LEU A 1010 -18.91 -25.19 -43.12
C LEU A 1010 -20.12 -26.08 -43.36
N ARG A 1011 -20.93 -26.30 -42.32
CA ARG A 1011 -22.11 -27.15 -42.45
C ARG A 1011 -23.16 -26.51 -43.35
N SER A 1012 -23.34 -25.19 -43.24
CA SER A 1012 -24.34 -24.49 -44.04
C SER A 1012 -23.95 -24.38 -45.49
N GLY A 1013 -22.72 -24.77 -45.85
CA GLY A 1013 -22.24 -24.64 -47.21
C GLY A 1013 -21.48 -23.37 -47.51
N GLU A 1014 -21.42 -22.44 -46.57
CA GLU A 1014 -20.64 -21.23 -46.76
C GLU A 1014 -19.15 -21.55 -46.56
N ARG A 1015 -18.37 -21.33 -47.60
CA ARG A 1015 -16.97 -21.74 -47.63
C ARG A 1015 -16.09 -20.64 -47.06
N ILE A 1016 -15.27 -21.00 -46.06
CA ILE A 1016 -14.29 -20.06 -45.53
C ILE A 1016 -13.23 -19.79 -46.57
N LYS A 1017 -12.73 -18.56 -46.62
CA LYS A 1017 -11.77 -18.18 -47.63
C LYS A 1017 -10.34 -18.44 -47.13
N LEU A 1018 -9.37 -18.09 -47.98
CA LEU A 1018 -7.97 -18.36 -47.66
C LEU A 1018 -7.50 -17.54 -46.47
N ILE A 1019 -7.75 -16.24 -46.49
CA ILE A 1019 -7.32 -15.38 -45.39
C ILE A 1019 -7.97 -15.79 -44.06
N PRO A 1020 -9.28 -16.03 -43.98
CA PRO A 1020 -9.83 -16.50 -42.69
C PRO A 1020 -9.19 -17.78 -42.21
N LEU A 1021 -8.90 -18.73 -43.11
CA LEU A 1021 -8.32 -20.00 -42.69
C LEU A 1021 -6.90 -19.80 -42.18
N LEU A 1022 -6.10 -19.00 -42.88
CA LEU A 1022 -4.73 -18.74 -42.42
C LEU A 1022 -4.75 -18.02 -41.08
N CYS A 1023 -5.63 -17.04 -40.91
CA CYS A 1023 -5.75 -16.36 -39.63
C CYS A 1023 -6.19 -17.33 -38.54
N ILE A 1024 -7.07 -18.26 -38.88
CA ILE A 1024 -7.55 -19.24 -37.90
C ILE A 1024 -6.41 -20.13 -37.42
N VAL A 1025 -5.61 -20.63 -38.37
CA VAL A 1025 -4.50 -21.50 -38.01
C VAL A 1025 -3.46 -20.75 -37.18
N CYS A 1026 -3.12 -19.53 -37.62
CA CYS A 1026 -2.15 -18.74 -36.86
C CYS A 1026 -2.67 -18.43 -35.46
N THR A 1027 -3.95 -18.08 -35.35
CA THR A 1027 -4.53 -17.80 -34.05
C THR A 1027 -4.50 -19.01 -33.15
N SER A 1028 -4.80 -20.19 -33.69
CA SER A 1028 -4.77 -21.41 -32.88
C SER A 1028 -3.37 -21.71 -32.38
N VAL A 1029 -2.40 -21.68 -33.30
CA VAL A 1029 -1.02 -21.95 -32.93
C VAL A 1029 -0.61 -20.97 -31.86
N VAL A 1030 -0.78 -19.68 -32.12
CA VAL A 1030 -0.38 -18.67 -31.16
C VAL A 1030 -1.19 -18.78 -29.87
N TRP A 1031 -2.47 -19.07 -29.94
CA TRP A 1031 -3.22 -19.25 -28.70
C TRP A 1031 -2.68 -20.41 -27.90
N GLY A 1032 -2.31 -21.49 -28.56
CA GLY A 1032 -1.75 -22.62 -27.85
C GLY A 1032 -0.46 -22.25 -27.18
N PHE A 1033 0.41 -21.53 -27.86
CA PHE A 1033 1.65 -21.08 -27.25
C PHE A 1033 1.38 -20.14 -26.09
N ALA A 1034 0.42 -19.22 -26.26
CA ALA A 1034 0.13 -18.27 -25.21
C ALA A 1034 -0.38 -19.00 -24.01
N LEU A 1035 -1.21 -20.01 -24.23
CA LEU A 1035 -1.74 -20.78 -23.13
C LEU A 1035 -0.64 -21.51 -22.39
N PHE A 1036 0.32 -22.04 -23.11
CA PHE A 1036 1.39 -22.77 -22.47
C PHE A 1036 2.15 -21.84 -21.54
N PHE A 1037 2.47 -20.64 -21.99
CA PHE A 1037 3.19 -19.69 -21.16
C PHE A 1037 2.33 -19.16 -20.05
N PHE A 1038 1.05 -18.98 -20.30
CA PHE A 1038 0.14 -18.56 -19.24
C PHE A 1038 0.05 -19.61 -18.14
N PHE A 1039 -0.04 -20.88 -18.52
CA PHE A 1039 -0.10 -21.97 -17.55
C PHE A 1039 1.17 -22.07 -16.73
N GLN A 1040 2.32 -21.83 -17.37
CA GLN A 1040 3.59 -21.90 -16.67
C GLN A 1040 3.59 -20.88 -15.55
N GLY A 1041 3.01 -19.72 -15.79
CA GLY A 1041 2.91 -18.75 -14.72
C GLY A 1041 2.06 -19.29 -13.60
N LEU A 1042 2.52 -19.12 -12.36
CA LEU A 1042 1.80 -19.65 -11.20
C LEU A 1042 2.12 -18.81 -9.99
N SER A 1043 1.38 -19.01 -8.89
CA SER A 1043 1.69 -18.31 -7.64
C SER A 1043 1.60 -16.80 -7.75
N THR A 1044 2.73 -16.11 -7.55
CA THR A 1044 2.76 -14.65 -7.60
C THR A 1044 1.94 -13.97 -6.52
N TRP A 1045 0.93 -13.20 -6.90
CA TRP A 1045 0.22 -12.41 -5.88
C TRP A 1045 -0.39 -13.17 -4.71
N GLN A 1046 -0.99 -14.33 -4.93
CA GLN A 1046 -1.68 -15.05 -3.86
C GLN A 1046 -0.79 -15.51 -2.70
N LYS A 1047 0.39 -16.05 -2.99
CA LYS A 1047 1.28 -16.57 -1.96
C LYS A 1047 2.05 -15.47 -1.24
N THR A 1048 2.65 -15.79 -0.10
CA THR A 1048 3.51 -14.81 0.59
C THR A 1048 4.78 -14.49 -0.24
N PRO A 1049 5.43 -13.30 -0.06
CA PRO A 1049 6.58 -12.99 -0.93
C PRO A 1049 7.72 -13.99 -0.83
N ALA A 1050 7.99 -14.49 0.38
CA ALA A 1050 9.03 -15.49 0.54
C ALA A 1050 8.69 -16.78 -0.19
N GLU A 1051 7.42 -17.18 -0.13
CA GLU A 1051 6.98 -18.37 -0.88
C GLU A 1051 6.87 -18.07 -2.37
N SER A 1052 6.59 -16.81 -2.72
CA SER A 1052 6.51 -16.43 -4.12
C SER A 1052 7.88 -16.46 -4.79
N ARG A 1053 8.94 -16.11 -4.06
CA ARG A 1053 10.27 -16.09 -4.65
C ARG A 1053 10.75 -17.48 -5.05
N GLU A 1054 10.15 -18.53 -4.50
CA GLU A 1054 10.60 -19.89 -4.80
C GLU A 1054 10.39 -20.23 -6.27
N HIS A 1055 9.30 -19.74 -6.87
CA HIS A 1055 8.96 -20.11 -8.24
C HIS A 1055 9.62 -19.23 -9.28
N ASN A 1056 10.35 -18.20 -8.85
CA ASN A 1056 10.96 -17.27 -9.79
C ASN A 1056 11.91 -18.01 -10.71
N ARG A 1057 11.99 -17.56 -11.95
CA ARG A 1057 12.85 -18.22 -12.92
C ARG A 1057 13.65 -17.22 -13.72
N ASP A 1058 14.77 -17.66 -14.28
CA ASP A 1058 15.62 -16.76 -15.04
C ASP A 1058 15.03 -16.40 -16.38
N CYS A 1059 15.69 -15.49 -17.08
CA CYS A 1059 15.18 -15.02 -18.36
C CYS A 1059 15.36 -16.09 -19.44
N ILE A 1060 14.43 -16.14 -20.39
CA ILE A 1060 14.45 -17.17 -21.41
C ILE A 1060 14.94 -16.62 -22.74
N LEU A 1061 14.37 -15.52 -23.20
CA LEU A 1061 14.60 -15.00 -24.54
C LEU A 1061 15.46 -13.74 -24.47
N LEU A 1062 16.52 -13.71 -25.27
CA LEU A 1062 17.41 -12.56 -25.44
C LEU A 1062 18.01 -12.07 -24.13
N ASP A 1063 18.06 -12.90 -23.09
CA ASP A 1063 18.53 -12.55 -21.76
C ASP A 1063 17.78 -11.36 -21.16
N PHE A 1064 16.58 -11.09 -21.70
CA PHE A 1064 15.79 -9.95 -21.25
C PHE A 1064 14.34 -10.27 -20.91
N PHE A 1065 13.68 -11.13 -21.68
CA PHE A 1065 12.25 -11.40 -21.46
C PHE A 1065 11.92 -12.76 -20.83
N ASP A 1066 11.09 -12.76 -19.80
CA ASP A 1066 10.70 -14.00 -19.11
C ASP A 1066 9.52 -14.67 -19.76
N ASP A 1067 8.99 -15.73 -19.14
CA ASP A 1067 7.82 -16.42 -19.68
C ASP A 1067 6.58 -15.56 -19.74
N HIS A 1068 6.33 -14.75 -18.73
CA HIS A 1068 5.17 -13.90 -18.73
C HIS A 1068 5.26 -12.87 -19.84
N ASP A 1069 6.43 -12.32 -20.07
CA ASP A 1069 6.59 -11.37 -21.15
C ASP A 1069 6.28 -12.02 -22.45
N ILE A 1070 6.70 -13.26 -22.61
CA ILE A 1070 6.38 -13.98 -23.83
C ILE A 1070 4.87 -14.13 -23.92
N TRP A 1071 4.19 -14.35 -22.81
CA TRP A 1071 2.73 -14.43 -22.86
C TRP A 1071 2.11 -13.13 -23.33
N HIS A 1072 2.67 -12.00 -22.92
CA HIS A 1072 2.17 -10.68 -23.35
C HIS A 1072 2.33 -10.49 -24.83
N PHE A 1073 3.46 -10.92 -25.38
CA PHE A 1073 3.67 -10.82 -26.81
C PHE A 1073 2.73 -11.76 -27.55
N LEU A 1074 2.64 -13.00 -27.10
CA LEU A 1074 1.80 -13.98 -27.77
C LEU A 1074 0.31 -13.69 -27.64
N SER A 1075 -0.14 -13.23 -26.48
CA SER A 1075 -1.55 -13.01 -26.31
C SER A 1075 -2.01 -11.95 -27.25
N SER A 1076 -1.25 -10.89 -27.38
CA SER A 1076 -1.64 -9.80 -28.27
C SER A 1076 -1.69 -10.28 -29.70
N ILE A 1077 -0.72 -11.08 -30.12
CA ILE A 1077 -0.75 -11.64 -31.46
C ILE A 1077 -1.95 -12.56 -31.67
N ALA A 1078 -2.25 -13.41 -30.69
CA ALA A 1078 -3.42 -14.25 -30.80
C ALA A 1078 -4.73 -13.48 -30.80
N MET A 1079 -4.85 -12.48 -29.94
CA MET A 1079 -6.08 -11.71 -29.86
C MET A 1079 -6.24 -10.89 -31.12
N PHE A 1080 -5.15 -10.38 -31.67
CA PHE A 1080 -5.25 -9.67 -32.93
C PHE A 1080 -5.74 -10.63 -33.97
N GLY A 1081 -5.23 -11.86 -33.93
CA GLY A 1081 -5.67 -12.86 -34.87
C GLY A 1081 -7.13 -13.18 -34.71
N SER A 1082 -7.61 -13.25 -33.48
CA SER A 1082 -9.02 -13.54 -33.24
C SER A 1082 -9.88 -12.44 -33.81
N PHE A 1083 -9.47 -11.19 -33.62
CA PHE A 1083 -10.24 -10.07 -34.12
C PHE A 1083 -10.27 -10.15 -35.63
N LEU A 1084 -9.15 -10.48 -36.24
CA LEU A 1084 -9.08 -10.61 -37.70
C LEU A 1084 -9.95 -11.75 -38.21
N VAL A 1085 -10.01 -12.86 -37.49
CA VAL A 1085 -10.88 -13.93 -37.92
C VAL A 1085 -12.31 -13.43 -37.90
N LEU A 1086 -12.69 -12.70 -36.86
CA LEU A 1086 -14.05 -12.18 -36.77
C LEU A 1086 -14.32 -11.20 -37.89
N LEU A 1087 -13.35 -10.36 -38.20
CA LEU A 1087 -13.51 -9.42 -39.30
C LEU A 1087 -13.68 -10.11 -40.66
N THR A 1088 -12.92 -11.16 -40.91
CA THR A 1088 -12.97 -11.81 -42.22
C THR A 1088 -13.76 -13.12 -42.32
N LEU A 1089 -14.41 -13.54 -41.24
CA LEU A 1089 -15.08 -14.85 -41.28
C LEU A 1089 -16.22 -14.91 -42.28
N ASP A 1090 -16.98 -13.84 -42.40
CA ASP A 1090 -18.15 -13.84 -43.29
C ASP A 1090 -17.93 -13.16 -44.62
N ASP A 1091 -16.68 -13.05 -45.05
CA ASP A 1091 -16.37 -12.36 -46.30
C ASP A 1091 -17.04 -13.03 -47.49
N ASP A 1092 -17.10 -14.36 -47.50
CA ASP A 1092 -17.75 -15.08 -48.58
C ASP A 1092 -19.21 -14.68 -48.64
N LEU A 1093 -19.84 -14.57 -47.48
CA LEU A 1093 -21.25 -14.18 -47.43
C LEU A 1093 -21.46 -12.80 -47.99
N ASP A 1094 -20.53 -11.89 -47.73
CA ASP A 1094 -20.68 -10.51 -48.18
C ASP A 1094 -20.73 -10.39 -49.70
N THR A 1095 -19.90 -11.15 -50.40
CA THR A 1095 -19.84 -11.05 -51.86
C THR A 1095 -21.10 -11.54 -52.56
N VAL A 1096 -22.07 -12.02 -51.78
CA VAL A 1096 -23.30 -12.54 -52.37
C VAL A 1096 -24.52 -11.93 -51.70
N GLN A 1097 -25.69 -12.08 -52.30
CA GLN A 1097 -26.91 -11.52 -51.74
C GLN A 1097 -27.17 -12.04 -50.32
N ARG A 1098 -27.90 -11.27 -49.52
CA ARG A 1098 -28.17 -11.69 -48.15
C ARG A 1098 -28.93 -12.99 -48.21
N ASP A 1099 -28.57 -13.93 -47.34
CA ASP A 1099 -29.19 -15.25 -47.42
C ASP A 1099 -30.69 -15.21 -47.19
N LYS A 1100 -31.43 -15.86 -48.08
CA LYS A 1100 -32.88 -15.95 -47.91
C LYS A 1100 -33.18 -16.75 -46.67
N ILE A 1101 -32.42 -17.80 -46.44
CA ILE A 1101 -32.65 -18.68 -45.30
C ILE A 1101 -32.45 -17.96 -43.98
N TYR A 1102 -33.24 -18.33 -42.97
CA TYR A 1102 -33.14 -17.69 -41.67
C TYR A 1102 -31.78 -17.94 -41.04
N VAL A 1103 -31.32 -16.98 -40.25
CA VAL A 1103 -29.99 -17.10 -39.64
C VAL A 1103 -29.86 -18.27 -38.67
N PHE A 1104 -28.69 -18.88 -38.62
CA PHE A 1104 -28.48 -20.06 -37.78
C PHE A 1104 -28.94 -19.96 -36.33
N PRO B 297 50.16 -6.46 32.68
CA PRO B 297 50.02 -5.85 31.36
C PRO B 297 49.35 -4.48 31.42
N LYS B 298 48.02 -4.46 31.60
CA LYS B 298 47.26 -3.23 31.67
C LYS B 298 46.64 -3.09 33.05
N ASN B 299 46.61 -1.86 33.56
CA ASN B 299 46.16 -1.60 34.91
C ASN B 299 44.68 -1.25 34.93
N VAL B 300 43.90 -2.08 35.64
CA VAL B 300 42.45 -1.92 35.74
C VAL B 300 42.12 -1.47 37.16
N SER B 301 41.23 -0.49 37.28
CA SER B 301 40.89 0.13 38.56
C SER B 301 39.44 -0.21 38.89
N GLN B 302 39.24 -1.31 39.61
CA GLN B 302 37.93 -1.65 40.13
C GLN B 302 37.65 -0.82 41.37
N LYS B 303 36.83 0.21 41.22
CA LYS B 303 36.50 1.13 42.30
C LYS B 303 35.01 1.09 42.56
N ASP B 304 34.63 1.20 43.84
CA ASP B 304 33.22 1.25 44.20
C ASP B 304 32.72 2.68 44.09
N ALA B 305 31.55 2.85 43.47
CA ALA B 305 31.03 4.18 43.17
C ALA B 305 29.63 4.33 43.74
N GLU B 306 29.37 5.50 44.30
CA GLU B 306 28.04 5.82 44.81
C GLU B 306 27.20 6.12 43.61
N PHE B 307 25.90 6.28 43.80
CA PHE B 307 25.01 6.42 42.66
C PHE B 307 25.05 7.82 42.05
N GLU B 308 24.54 8.82 42.77
CA GLU B 308 24.45 10.18 42.22
C GLU B 308 25.65 11.08 42.40
N ARG B 309 26.69 10.88 41.60
CA ARG B 309 27.90 11.68 41.62
C ARG B 309 28.51 11.69 40.23
N THR B 310 29.06 12.84 39.85
CA THR B 310 29.74 13.00 38.57
C THR B 310 31.19 12.57 38.74
N TYR B 311 31.58 11.48 38.09
CA TYR B 311 32.91 10.92 38.20
C TYR B 311 33.74 11.37 37.00
N VAL B 312 34.75 12.19 37.26
CA VAL B 312 35.68 12.64 36.23
C VAL B 312 36.95 11.82 36.36
N ASP B 313 37.22 10.97 35.38
CA ASP B 313 38.35 10.06 35.41
C ASP B 313 39.04 10.07 34.06
N GLU B 314 40.32 9.70 34.06
CA GLU B 314 41.12 9.64 32.85
C GLU B 314 41.35 8.17 32.47
N VAL B 315 41.30 7.90 31.16
CA VAL B 315 41.49 6.56 30.64
C VAL B 315 42.32 6.63 29.36
N ASN B 316 43.21 5.66 29.21
CA ASN B 316 44.01 5.52 28.00
C ASN B 316 44.07 4.04 27.64
N SER B 317 45.00 3.70 26.74
CA SER B 317 45.13 2.31 26.31
C SER B 317 45.56 1.42 27.48
N GLU B 318 46.31 1.98 28.42
CA GLU B 318 46.83 1.17 29.53
C GLU B 318 45.79 0.97 30.61
N LEU B 319 44.83 1.88 30.73
CA LEU B 319 43.94 1.93 31.88
C LEU B 319 42.52 1.52 31.48
N VAL B 320 41.87 0.76 32.36
CA VAL B 320 40.46 0.42 32.25
C VAL B 320 39.81 0.70 33.60
N ASN B 321 38.72 1.44 33.60
CA ASN B 321 38.04 1.85 34.83
C ASN B 321 36.80 0.98 35.04
N ILE B 322 36.67 0.42 36.23
CA ILE B 322 35.56 -0.45 36.60
C ILE B 322 34.78 0.23 37.71
N TYR B 323 33.49 0.44 37.50
CA TYR B 323 32.62 1.05 38.49
C TYR B 323 31.58 0.04 38.95
N THR B 324 31.45 -0.12 40.27
CA THR B 324 30.47 -1.02 40.85
C THR B 324 29.37 -0.21 41.52
N PHE B 325 28.13 -0.41 41.07
CA PHE B 325 26.97 0.29 41.62
C PHE B 325 26.05 -0.72 42.28
N ASN B 326 25.71 -0.49 43.53
CA ASN B 326 24.74 -1.32 44.24
C ASN B 326 23.49 -0.50 44.53
N HIS B 327 22.34 -1.03 44.13
CA HIS B 327 21.06 -0.38 44.37
C HIS B 327 20.03 -1.41 44.81
N THR B 328 19.02 -0.93 45.52
CA THR B 328 17.93 -1.76 46.02
C THR B 328 16.70 -1.52 45.15
N VAL B 329 16.09 -2.61 44.67
CA VAL B 329 14.94 -2.55 43.79
C VAL B 329 13.79 -3.29 44.48
N THR B 330 12.57 -2.84 44.21
CA THR B 330 11.37 -3.41 44.81
C THR B 330 10.31 -3.63 43.74
N ARG B 331 9.43 -4.60 43.99
CA ARG B 331 8.40 -4.93 43.00
C ARG B 331 7.35 -3.83 42.89
N ASN B 332 6.96 -3.24 44.02
CA ASN B 332 5.90 -2.24 43.99
C ASN B 332 6.32 -0.99 43.24
N ARG B 333 7.55 -0.52 43.46
CA ARG B 333 8.08 0.64 42.77
C ARG B 333 9.15 0.15 41.81
N THR B 334 8.93 0.29 40.50
CA THR B 334 9.98 -0.08 39.53
C THR B 334 11.24 0.80 39.53
N GLU B 335 11.12 2.12 39.35
CA GLU B 335 12.29 3.03 39.45
C GLU B 335 13.58 2.80 38.64
N GLY B 336 13.50 2.74 37.31
CA GLY B 336 14.67 2.50 36.47
C GLY B 336 15.78 3.54 36.52
N VAL B 337 17.03 3.14 36.32
CA VAL B 337 18.16 4.07 36.44
C VAL B 337 18.71 4.60 35.11
N ARG B 338 19.40 5.74 35.12
CA ARG B 338 19.85 6.36 33.88
C ARG B 338 21.35 6.63 33.95
N VAL B 339 22.08 6.19 32.94
CA VAL B 339 23.53 6.34 32.88
C VAL B 339 23.86 7.47 31.93
N SER B 340 24.61 8.46 32.42
CA SER B 340 25.01 9.61 31.63
C SER B 340 26.52 9.64 31.50
N VAL B 341 27.02 9.77 30.27
CA VAL B 341 28.44 9.85 30.00
C VAL B 341 28.69 11.01 29.05
N ASN B 342 29.65 11.87 29.41
CA ASN B 342 30.05 13.00 28.59
C ASN B 342 31.55 12.98 28.44
N VAL B 343 32.04 13.10 27.20
CA VAL B 343 33.46 13.12 26.91
C VAL B 343 33.86 14.56 26.65
N LEU B 344 34.67 15.12 27.54
CA LEU B 344 34.94 16.55 27.52
C LEU B 344 35.76 16.96 26.32
N ASN B 345 36.88 16.27 26.07
CA ASN B 345 37.73 16.55 24.92
C ASN B 345 37.52 15.47 23.87
N LYS B 346 37.37 15.90 22.62
CA LYS B 346 37.05 14.94 21.56
C LYS B 346 38.31 14.20 21.12
N GLN B 347 38.21 12.88 21.08
CA GLN B 347 39.30 12.02 20.63
C GLN B 347 39.03 11.63 19.19
N LYS B 348 39.76 12.23 18.26
CA LYS B 348 39.53 11.95 16.85
C LYS B 348 39.91 10.53 16.48
N GLY B 349 40.99 10.02 17.07
CA GLY B 349 41.47 8.70 16.68
C GLY B 349 40.55 7.57 17.15
N ALA B 350 40.43 7.39 18.46
CA ALA B 350 39.68 6.26 18.98
C ALA B 350 38.58 6.71 19.94
N PRO B 351 37.33 6.36 19.65
CA PRO B 351 36.25 6.72 20.56
C PRO B 351 36.36 6.01 21.90
N LEU B 352 35.75 6.61 22.92
CA LEU B 352 35.74 6.00 24.24
C LEU B 352 34.61 4.97 24.31
N LEU B 353 34.94 3.78 24.82
CA LEU B 353 34.02 2.65 24.82
C LEU B 353 33.48 2.43 26.23
N PHE B 354 32.15 2.41 26.35
CA PHE B 354 31.47 2.18 27.62
C PHE B 354 30.66 0.90 27.54
N VAL B 355 30.76 0.07 28.59
CA VAL B 355 29.97 -1.15 28.72
C VAL B 355 29.28 -1.11 30.07
N VAL B 356 27.97 -1.30 30.06
CA VAL B 356 27.17 -1.40 31.27
C VAL B 356 26.69 -2.84 31.40
N ARG B 357 27.15 -3.53 32.43
CA ARG B 357 26.85 -4.94 32.63
C ARG B 357 25.89 -5.11 33.79
N GLN B 358 24.76 -5.75 33.52
CA GLN B 358 23.76 -6.05 34.54
C GLN B 358 23.65 -7.55 34.71
N LYS B 359 22.70 -7.98 35.53
CA LYS B 359 22.54 -9.41 35.78
C LYS B 359 22.10 -10.15 34.53
N GLU B 360 21.15 -9.59 33.78
CA GLU B 360 20.55 -10.29 32.65
C GLU B 360 20.70 -9.54 31.33
N ALA B 361 21.51 -8.49 31.27
CA ALA B 361 21.67 -7.76 30.03
C ALA B 361 22.97 -6.97 30.07
N VAL B 362 23.48 -6.66 28.88
CA VAL B 362 24.65 -5.81 28.71
C VAL B 362 24.34 -4.76 27.65
N VAL B 363 24.53 -3.49 28.00
CA VAL B 363 24.36 -2.38 27.09
C VAL B 363 25.72 -1.72 26.91
N SER B 364 26.17 -1.62 25.66
CA SER B 364 27.48 -1.06 25.35
C SER B 364 27.35 -0.04 24.23
N PHE B 365 27.97 1.12 24.42
CA PHE B 365 27.97 2.18 23.42
C PHE B 365 29.33 2.83 23.40
N GLN B 366 29.58 3.59 22.34
CA GLN B 366 30.83 4.33 22.15
C GLN B 366 30.55 5.82 22.20
N VAL B 367 31.38 6.56 22.94
CA VAL B 367 31.27 8.00 23.05
C VAL B 367 32.59 8.60 22.56
N PRO B 368 32.58 9.54 21.60
CA PRO B 368 31.42 10.17 20.95
C PRO B 368 30.62 9.21 20.08
N LEU B 369 29.30 9.31 20.12
CA LEU B 369 28.41 8.38 19.41
C LEU B 369 28.15 8.93 18.02
N ILE B 370 28.59 8.20 17.01
CA ILE B 370 28.43 8.59 15.61
C ILE B 370 27.19 7.87 15.07
N LEU B 371 26.24 8.65 14.56
CA LEU B 371 24.98 8.11 14.05
C LEU B 371 24.88 8.37 12.55
N ARG B 372 24.05 7.57 11.89
CA ARG B 372 23.94 7.58 10.45
C ARG B 372 23.13 8.78 9.95
N GLY B 373 23.33 9.10 8.68
CA GLY B 373 22.49 10.05 7.99
C GLY B 373 21.88 9.41 6.76
N MET B 374 21.07 10.20 6.04
CA MET B 374 20.39 9.66 4.88
C MET B 374 21.37 9.36 3.75
N PHE B 375 22.34 10.26 3.52
CA PHE B 375 23.29 10.11 2.42
C PHE B 375 24.72 10.14 2.97
N GLN B 376 25.18 8.97 3.44
CA GLN B 376 26.56 8.78 3.89
C GLN B 376 27.02 9.89 4.82
N ARG B 377 26.14 10.38 5.69
CA ARG B 377 26.42 11.47 6.60
C ARG B 377 26.54 10.92 8.01
N LYS B 378 27.59 11.33 8.71
CA LYS B 378 27.84 10.90 10.08
C LYS B 378 27.69 12.08 11.02
N TYR B 379 26.89 11.91 12.07
CA TYR B 379 26.65 12.94 13.07
C TYR B 379 27.30 12.52 14.39
N LEU B 380 28.07 13.42 14.99
CA LEU B 380 28.86 13.13 16.18
C LEU B 380 28.19 13.73 17.40
N TYR B 381 27.93 12.90 18.41
CA TYR B 381 27.33 13.32 19.66
C TYR B 381 28.27 12.97 20.80
N GLN B 382 28.64 13.96 21.61
CA GLN B 382 29.62 13.77 22.67
C GLN B 382 28.99 13.45 24.02
N LYS B 383 27.66 13.41 24.13
CA LYS B 383 26.98 13.05 25.36
C LYS B 383 25.96 11.96 25.04
N VAL B 384 26.08 10.82 25.71
CA VAL B 384 25.20 9.68 25.50
C VAL B 384 24.53 9.34 26.83
N GLU B 385 23.21 9.18 26.81
CA GLU B 385 22.44 8.81 27.98
C GLU B 385 21.52 7.65 27.61
N ARG B 386 21.48 6.63 28.47
CA ARG B 386 20.62 5.48 28.23
C ARG B 386 20.06 4.98 29.56
N THR B 387 18.77 4.69 29.58
CA THR B 387 18.16 4.08 30.75
C THR B 387 18.42 2.58 30.75
N LEU B 388 18.84 2.06 31.90
CA LEU B 388 19.22 0.66 32.04
C LEU B 388 17.97 -0.21 32.09
N CYS B 389 18.07 -1.40 31.49
CA CYS B 389 16.91 -2.26 31.34
C CYS B 389 16.76 -3.18 32.54
N GLN B 390 15.63 -3.09 33.22
CA GLN B 390 15.45 -3.81 34.47
C GLN B 390 14.49 -4.99 34.31
N PRO B 391 14.97 -6.22 34.48
CA PRO B 391 14.08 -7.36 34.34
C PRO B 391 13.14 -7.47 35.54
N PRO B 392 12.02 -8.17 35.40
CA PRO B 392 11.13 -8.38 36.56
C PRO B 392 11.84 -9.15 37.67
N THR B 393 11.43 -8.87 38.91
CA THR B 393 12.04 -9.45 40.10
C THR B 393 11.17 -10.56 40.65
N LYS B 394 11.80 -11.66 41.08
CA LYS B 394 11.06 -12.78 41.63
C LYS B 394 10.84 -12.62 43.14
N ASN B 395 11.88 -12.30 43.89
CA ASN B 395 11.67 -11.96 45.29
C ASN B 395 10.97 -10.61 45.45
N GLU B 396 10.81 -10.21 46.71
CA GLU B 396 10.16 -8.93 47.02
C GLU B 396 11.15 -7.78 46.97
N SER B 397 12.27 -7.90 47.67
CA SER B 397 13.30 -6.86 47.74
C SER B 397 14.64 -7.45 47.32
N GLU B 398 15.32 -6.77 46.40
CA GLU B 398 16.61 -7.23 45.88
C GLU B 398 17.68 -6.19 46.18
N ILE B 399 18.92 -6.66 46.27
CA ILE B 399 20.09 -5.80 46.26
C ILE B 399 20.89 -6.15 45.02
N GLN B 400 20.60 -5.46 43.90
CA GLN B 400 21.16 -5.79 42.61
C GLN B 400 22.39 -4.95 42.32
N PHE B 401 23.40 -5.59 41.73
CA PHE B 401 24.64 -4.92 41.34
C PHE B 401 24.70 -4.84 39.81
N PHE B 402 25.17 -3.71 39.30
CA PHE B 402 25.49 -3.57 37.89
C PHE B 402 26.79 -2.80 37.75
N TYR B 403 27.62 -3.23 36.80
CA TYR B 403 28.98 -2.71 36.66
C TYR B 403 29.08 -1.94 35.36
N VAL B 404 29.75 -0.79 35.40
CA VAL B 404 29.97 0.06 34.23
C VAL B 404 31.44 -0.04 33.85
N ASP B 405 31.70 -0.36 32.59
CA ASP B 405 33.06 -0.56 32.09
C ASP B 405 33.44 0.61 31.20
N VAL B 406 34.59 1.21 31.45
CA VAL B 406 35.08 2.34 30.67
C VAL B 406 36.48 1.99 30.16
N SER B 407 36.68 2.08 28.85
CA SER B 407 37.97 1.73 28.26
C SER B 407 38.09 2.40 26.90
N THR B 408 39.32 2.48 26.40
CA THR B 408 39.61 3.05 25.10
C THR B 408 40.89 2.46 24.54
N LEU B 409 41.08 2.62 23.23
CA LEU B 409 42.29 2.20 22.56
C LEU B 409 43.20 3.36 22.17
N SER B 410 42.78 4.60 22.45
CA SER B 410 43.61 5.75 22.11
C SER B 410 44.78 5.86 23.08
N PRO B 411 46.00 6.04 22.57
CA PRO B 411 47.16 6.16 23.48
C PRO B 411 47.07 7.38 24.39
N VAL B 412 46.48 8.48 23.92
CA VAL B 412 46.45 9.71 24.71
C VAL B 412 45.34 9.65 25.75
N ASN B 413 45.56 10.33 26.86
CA ASN B 413 44.58 10.36 27.94
C ASN B 413 43.34 11.14 27.51
N THR B 414 42.17 10.62 27.86
CA THR B 414 40.90 11.28 27.58
C THR B 414 40.05 11.29 28.84
N THR B 415 39.45 12.44 29.13
CA THR B 415 38.65 12.63 30.32
C THR B 415 37.16 12.52 30.00
N TYR B 416 36.39 12.06 30.97
CA TYR B 416 34.96 11.89 30.81
C TYR B 416 34.27 12.11 32.15
N GLN B 417 32.97 12.38 32.10
CA GLN B 417 32.13 12.42 33.28
C GLN B 417 31.08 11.31 33.18
N LEU B 418 30.97 10.51 34.23
CA LEU B 418 29.97 9.44 34.30
C LEU B 418 29.14 9.63 35.55
N ARG B 419 27.82 9.80 35.35
CA ARG B 419 26.88 9.96 36.46
C ARG B 419 25.65 9.09 36.25
N VAL B 420 25.39 8.16 37.17
CA VAL B 420 24.23 7.28 37.08
C VAL B 420 23.18 7.81 38.05
N SER B 421 22.08 8.33 37.51
CA SER B 421 21.07 9.01 38.29
C SER B 421 19.81 8.16 38.37
N ARG B 422 19.29 7.99 39.59
CA ARG B 422 18.04 7.27 39.78
C ARG B 422 16.88 8.09 39.23
N MET B 423 15.98 7.43 38.51
CA MET B 423 14.82 8.08 37.93
C MET B 423 13.59 7.76 38.77
N ASP B 424 13.13 8.75 39.54
CA ASP B 424 11.86 8.67 40.25
C ASP B 424 10.68 8.98 39.34
N ASP B 425 10.95 9.36 38.09
CA ASP B 425 9.94 9.70 37.12
C ASP B 425 9.64 8.56 36.15
N PHE B 426 10.16 7.37 36.41
CA PHE B 426 9.99 6.25 35.48
C PHE B 426 8.53 5.90 35.29
N VAL B 427 7.78 5.79 36.38
CA VAL B 427 6.39 5.36 36.30
C VAL B 427 5.51 6.51 35.83
N LEU B 428 4.67 6.24 34.84
CA LEU B 428 3.69 7.20 34.36
C LEU B 428 2.35 6.94 35.03
N ARG B 429 1.62 8.02 35.30
CA ARG B 429 0.32 7.94 35.94
C ARG B 429 -0.72 8.65 35.07
N THR B 430 -1.96 8.18 35.15
CA THR B 430 -3.02 8.70 34.30
C THR B 430 -3.28 10.16 34.61
N GLY B 431 -3.37 10.97 33.55
CA GLY B 431 -3.69 12.38 33.70
C GLY B 431 -2.55 13.25 34.18
N GLU B 432 -1.33 12.73 34.23
CA GLU B 432 -0.18 13.48 34.68
C GLU B 432 0.77 13.68 33.51
N GLN B 433 1.17 14.93 33.27
CA GLN B 433 2.05 15.28 32.17
C GLN B 433 3.49 15.41 32.68
N PHE B 434 4.41 14.76 31.98
CA PHE B 434 5.84 14.84 32.29
C PHE B 434 6.53 15.53 31.12
N SER B 435 7.25 16.61 31.40
CA SER B 435 8.08 17.26 30.39
C SER B 435 9.53 16.84 30.57
N PHE B 436 10.16 16.38 29.49
CA PHE B 436 11.52 15.89 29.54
C PHE B 436 12.25 16.23 28.25
N ASN B 437 13.57 16.23 28.32
CA ASN B 437 14.42 16.49 27.17
C ASN B 437 15.06 15.20 26.69
N THR B 438 15.01 14.96 25.38
CA THR B 438 15.69 13.82 24.78
C THR B 438 16.40 14.28 23.51
N THR B 439 17.45 13.55 23.15
CA THR B 439 18.28 13.84 21.99
C THR B 439 18.51 12.53 21.25
N ALA B 440 18.96 12.63 20.00
CA ALA B 440 19.23 11.43 19.22
C ALA B 440 20.23 10.52 19.92
N ALA B 441 21.12 11.11 20.73
CA ALA B 441 22.08 10.30 21.49
C ALA B 441 21.50 9.86 22.83
N GLN B 442 20.50 10.58 23.34
CA GLN B 442 19.93 10.26 24.63
C GLN B 442 18.46 9.88 24.47
N PRO B 443 18.14 8.60 24.31
CA PRO B 443 16.73 8.21 24.21
C PRO B 443 16.11 7.90 25.55
N GLN B 444 14.86 8.28 25.74
CA GLN B 444 14.16 8.14 27.02
C GLN B 444 12.92 7.27 26.82
N TYR B 445 12.70 6.34 27.74
CA TYR B 445 11.50 5.51 27.75
C TYR B 445 10.94 5.43 29.17
N PHE B 446 9.62 5.39 29.27
CA PHE B 446 8.94 5.42 30.56
C PHE B 446 7.95 4.26 30.63
N LYS B 447 7.62 3.86 31.85
CA LYS B 447 6.75 2.72 32.10
C LYS B 447 5.40 3.21 32.61
N TYR B 448 4.32 2.68 32.04
CA TYR B 448 2.97 2.93 32.49
C TYR B 448 2.32 1.61 32.89
N GLU B 449 1.75 1.56 34.08
CA GLU B 449 1.05 0.39 34.58
C GLU B 449 -0.45 0.65 34.55
N PHE B 450 -1.22 -0.30 34.04
CA PHE B 450 -2.65 -0.13 33.89
C PHE B 450 -3.32 -0.11 35.26
N PRO B 451 -4.03 0.95 35.62
CA PRO B 451 -4.85 0.90 36.85
C PRO B 451 -5.95 -0.13 36.72
N GLU B 452 -6.35 -0.69 37.86
CA GLU B 452 -7.42 -1.67 37.87
C GLU B 452 -8.72 -1.03 37.39
N GLY B 453 -9.42 -1.73 36.50
CA GLY B 453 -10.65 -1.23 35.92
C GLY B 453 -10.49 -0.41 34.67
N VAL B 454 -9.27 -0.26 34.15
CA VAL B 454 -9.01 0.48 32.91
C VAL B 454 -8.59 -0.53 31.85
N ASP B 455 -9.30 -0.52 30.73
CA ASP B 455 -9.05 -1.49 29.67
C ASP B 455 -8.32 -0.91 28.46
N SER B 456 -8.26 0.42 28.34
CA SER B 456 -7.55 1.04 27.23
C SER B 456 -7.18 2.47 27.62
N VAL B 457 -5.98 2.88 27.20
CA VAL B 457 -5.50 4.23 27.42
C VAL B 457 -4.86 4.74 26.13
N ILE B 458 -4.80 6.06 26.01
CA ILE B 458 -4.20 6.72 24.86
C ILE B 458 -2.98 7.48 25.33
N VAL B 459 -1.87 7.30 24.61
CA VAL B 459 -0.59 7.92 24.96
C VAL B 459 -0.37 9.08 23.99
N LYS B 460 -0.55 10.30 24.49
CA LYS B 460 -0.44 11.51 23.67
C LYS B 460 0.79 12.30 24.11
N VAL B 461 1.66 12.61 23.17
CA VAL B 461 2.88 13.36 23.43
C VAL B 461 2.89 14.61 22.56
N THR B 462 3.11 15.77 23.18
CA THR B 462 3.09 17.05 22.51
C THR B 462 4.42 17.75 22.68
N SER B 463 4.82 18.50 21.65
CA SER B 463 6.05 19.28 21.68
C SER B 463 5.76 20.70 21.21
N ASN B 464 6.50 21.67 21.76
CA ASN B 464 6.27 23.06 21.38
C ASN B 464 6.84 23.36 20.00
N LYS B 465 7.98 22.76 19.66
CA LYS B 465 8.61 22.94 18.36
C LYS B 465 8.53 21.64 17.57
N ALA B 466 8.29 21.78 16.27
CA ALA B 466 8.07 20.60 15.43
C ALA B 466 9.33 19.74 15.34
N PHE B 467 10.50 20.37 15.23
CA PHE B 467 11.71 19.63 14.94
C PHE B 467 12.64 19.62 16.15
N PRO B 468 13.53 18.62 16.28
CA PRO B 468 13.83 17.51 15.35
C PRO B 468 12.77 16.41 15.29
N CYS B 469 12.83 15.59 14.25
CA CYS B 469 11.92 14.46 14.10
C CYS B 469 12.15 13.44 15.20
N SER B 470 11.08 12.74 15.59
CA SER B 470 11.15 11.75 16.66
C SER B 470 10.30 10.54 16.29
N VAL B 471 10.49 9.46 17.04
CA VAL B 471 9.70 8.24 16.86
C VAL B 471 9.26 7.72 18.22
N ILE B 472 8.01 7.97 18.59
CA ILE B 472 7.45 7.41 19.81
C ILE B 472 7.02 5.98 19.55
N SER B 473 7.47 5.07 20.42
CA SER B 473 7.16 3.65 20.27
C SER B 473 6.60 3.10 21.57
N ILE B 474 5.57 2.27 21.46
CA ILE B 474 4.95 1.61 22.61
C ILE B 474 5.33 0.14 22.56
N GLN B 475 6.00 -0.33 23.62
CA GLN B 475 6.53 -1.69 23.65
C GLN B 475 6.15 -2.35 24.97
N ASP B 476 6.03 -3.68 24.92
CA ASP B 476 5.69 -4.44 26.11
C ASP B 476 6.85 -4.42 27.10
N VAL B 477 6.55 -4.72 28.36
CA VAL B 477 7.60 -4.77 29.37
C VAL B 477 8.18 -6.18 29.40
N LEU B 478 9.13 -6.42 28.49
CA LEU B 478 9.93 -7.62 28.45
C LEU B 478 11.29 -7.21 27.93
N CYS B 479 12.31 -7.40 28.75
CA CYS B 479 13.55 -6.68 28.53
C CYS B 479 14.42 -7.49 27.56
N PRO B 480 15.16 -6.84 26.64
CA PRO B 480 15.52 -5.42 26.54
C PRO B 480 14.49 -4.49 25.93
N VAL B 481 14.80 -3.20 25.97
CA VAL B 481 13.99 -2.14 25.39
C VAL B 481 14.71 -1.59 24.18
N TYR B 482 14.01 -1.48 23.06
CA TYR B 482 14.62 -1.08 21.79
C TYR B 482 14.51 0.43 21.67
N ASP B 483 15.50 1.14 22.23
CA ASP B 483 15.50 2.59 22.27
C ASP B 483 16.56 3.20 21.35
N LEU B 484 16.93 2.51 20.29
CA LEU B 484 17.93 3.02 19.36
C LEU B 484 17.27 3.31 18.02
N ASP B 485 17.94 4.14 17.22
CA ASP B 485 17.37 4.55 15.94
C ASP B 485 17.18 3.36 15.01
N ASN B 486 18.02 2.33 15.16
CA ASN B 486 17.98 1.22 14.22
C ASN B 486 16.92 0.19 14.59
N ASN B 487 16.70 -0.04 15.88
CA ASN B 487 15.80 -1.11 16.32
C ASN B 487 14.50 -0.61 16.93
N VAL B 488 14.23 0.71 16.87
CA VAL B 488 13.01 1.23 17.49
C VAL B 488 11.77 0.70 16.78
N ALA B 489 11.85 0.54 15.46
CA ALA B 489 10.70 0.08 14.68
C ALA B 489 10.56 -1.43 14.64
N PHE B 490 11.34 -2.16 15.45
CA PHE B 490 11.30 -3.63 15.38
C PHE B 490 9.95 -4.17 15.83
N ILE B 491 9.48 -3.75 17.01
CA ILE B 491 8.23 -4.23 17.57
C ILE B 491 7.43 -3.06 18.12
N GLY B 492 6.16 -3.33 18.41
CA GLY B 492 5.29 -2.35 19.02
C GLY B 492 4.71 -1.36 18.03
N MET B 493 3.90 -0.47 18.57
CA MET B 493 3.24 0.57 17.78
C MET B 493 4.10 1.83 17.82
N TYR B 494 4.56 2.27 16.66
CA TYR B 494 5.41 3.45 16.58
C TYR B 494 4.85 4.40 15.53
N GLN B 495 5.08 5.69 15.74
CA GLN B 495 4.71 6.71 14.76
C GLN B 495 5.62 7.91 14.90
N THR B 496 6.04 8.46 13.77
CA THR B 496 6.86 9.66 13.79
C THR B 496 6.05 10.84 14.32
N MET B 497 6.75 11.85 14.79
CA MET B 497 6.12 12.97 15.49
C MET B 497 6.87 14.26 15.24
N THR B 498 6.10 15.33 15.00
CA THR B 498 6.65 16.67 14.95
C THR B 498 6.08 17.44 16.13
N LYS B 499 4.76 17.52 16.27
CA LYS B 499 4.17 18.27 17.37
C LYS B 499 3.23 17.40 18.20
N LYS B 500 2.55 16.46 17.56
CA LYS B 500 1.58 15.62 18.25
C LYS B 500 1.77 14.17 17.83
N ALA B 501 1.48 13.27 18.77
CA ALA B 501 1.53 11.83 18.50
C ALA B 501 0.67 11.13 19.54
N ALA B 502 -0.42 10.53 19.08
CA ALA B 502 -1.36 9.85 19.97
C ALA B 502 -1.43 8.38 19.56
N ILE B 503 -1.18 7.49 20.52
CA ILE B 503 -1.22 6.06 20.29
C ILE B 503 -2.20 5.45 21.29
N THR B 504 -3.20 4.74 20.78
CA THR B 504 -4.15 4.03 21.64
C THR B 504 -3.62 2.62 21.90
N VAL B 505 -3.63 2.21 23.16
CA VAL B 505 -3.17 0.89 23.55
C VAL B 505 -4.26 0.25 24.40
N GLN B 506 -4.24 -1.08 24.47
CA GLN B 506 -5.26 -1.84 25.16
C GLN B 506 -4.63 -2.92 26.04
N ARG B 507 -5.35 -3.28 27.10
CA ARG B 507 -4.81 -4.24 28.07
C ARG B 507 -4.65 -5.63 27.45
N LYS B 508 -5.50 -5.96 26.48
CA LYS B 508 -5.45 -7.30 25.89
C LYS B 508 -4.14 -7.55 25.15
N ASP B 509 -3.54 -6.50 24.61
CA ASP B 509 -2.28 -6.66 23.89
C ASP B 509 -1.14 -7.04 24.83
N PHE B 510 -1.13 -6.47 26.04
CA PHE B 510 -0.01 -6.65 26.96
C PHE B 510 -0.44 -7.49 28.15
N PRO B 511 -0.07 -8.77 28.21
CA PRO B 511 -0.44 -9.59 29.37
C PRO B 511 0.13 -9.08 30.69
N SER B 512 1.24 -8.35 30.63
CA SER B 512 1.87 -7.88 31.87
C SER B 512 1.17 -6.65 32.44
N ASN B 513 0.16 -6.13 31.75
CA ASN B 513 -0.61 -4.96 32.16
C ASN B 513 0.23 -3.70 32.25
N SER B 514 1.34 -3.64 31.50
CA SER B 514 2.20 -2.47 31.47
C SER B 514 2.92 -2.41 30.14
N PHE B 515 3.42 -1.23 29.81
CA PHE B 515 4.13 -1.03 28.55
C PHE B 515 5.15 0.08 28.70
N TYR B 516 6.09 0.12 27.75
CA TYR B 516 7.16 1.10 27.73
C TYR B 516 6.87 2.12 26.64
N VAL B 517 6.94 3.40 26.98
CA VAL B 517 6.74 4.48 26.04
C VAL B 517 8.12 4.98 25.63
N VAL B 518 8.64 4.42 24.53
CA VAL B 518 10.00 4.72 24.07
C VAL B 518 9.95 5.88 23.09
N VAL B 519 10.77 6.88 23.32
CA VAL B 519 10.88 8.05 22.45
C VAL B 519 12.31 8.13 21.93
N VAL B 520 12.47 8.12 20.62
CA VAL B 520 13.76 8.22 19.96
C VAL B 520 13.71 9.39 18.98
N VAL B 521 14.71 10.26 19.06
CA VAL B 521 14.78 11.45 18.20
C VAL B 521 15.60 11.13 16.97
N LYS B 522 15.02 11.33 15.79
CA LYS B 522 15.73 11.09 14.55
C LYS B 522 16.79 12.16 14.32
N THR B 523 17.88 11.78 13.65
CA THR B 523 18.95 12.75 13.39
C THR B 523 18.55 13.72 12.29
N GLU B 524 17.75 13.27 11.33
CA GLU B 524 17.36 14.09 10.19
C GLU B 524 15.84 14.23 10.13
N ASP B 525 15.40 15.34 9.56
CA ASP B 525 13.99 15.72 9.55
C ASP B 525 13.28 15.39 8.24
N GLN B 526 13.94 14.68 7.32
CA GLN B 526 13.34 14.42 6.02
C GLN B 526 12.12 13.53 6.12
N ALA B 527 12.17 12.52 6.99
CA ALA B 527 11.01 11.65 7.19
C ALA B 527 9.83 12.43 7.74
N CYS B 528 10.09 13.37 8.66
CA CYS B 528 9.04 14.25 9.14
C CYS B 528 8.60 15.25 8.08
N GLY B 529 9.41 15.42 7.03
CA GLY B 529 9.04 16.22 5.88
C GLY B 529 9.50 17.65 5.92
N GLY B 530 10.32 18.03 6.89
CA GLY B 530 10.68 19.43 7.03
C GLY B 530 11.69 19.91 5.99
N SER B 531 12.92 19.39 6.06
CA SER B 531 13.97 19.88 5.20
C SER B 531 15.00 18.77 4.99
N LEU B 532 15.87 18.95 4.00
CA LEU B 532 16.93 17.98 3.75
C LEU B 532 18.24 18.73 3.89
N PRO B 533 19.08 18.33 4.85
CA PRO B 533 20.39 18.99 4.90
C PRO B 533 21.22 18.64 3.69
N PHE B 534 21.83 19.63 3.04
CA PHE B 534 22.71 19.35 1.90
C PHE B 534 24.15 19.84 2.06
N TYR B 535 24.45 20.52 3.16
CA TYR B 535 25.81 21.06 3.37
C TYR B 535 26.41 20.35 4.61
N PRO B 536 26.17 20.85 5.87
CA PRO B 536 26.83 20.26 7.05
C PRO B 536 28.35 20.22 6.88
N PHE B 537 28.96 19.10 7.24
CA PHE B 537 30.40 18.92 7.12
C PHE B 537 30.69 17.97 5.96
N ALA B 538 31.65 18.34 5.12
CA ALA B 538 31.88 17.62 3.88
C ALA B 538 32.73 16.38 4.11
N GLU B 539 32.44 15.33 3.33
CA GLU B 539 33.27 14.12 3.21
C GLU B 539 33.30 13.37 4.54
N ASP B 540 34.44 12.89 5.00
CA ASP B 540 34.48 11.88 6.06
C ASP B 540 34.23 12.49 7.44
N GLU B 541 34.61 13.74 7.63
CA GLU B 541 34.57 14.33 8.96
C GLU B 541 33.13 14.38 9.47
N PRO B 542 32.84 13.78 10.62
CA PRO B 542 31.45 13.72 11.09
C PRO B 542 30.97 15.10 11.54
N VAL B 543 29.71 15.40 11.21
CA VAL B 543 29.10 16.64 11.66
C VAL B 543 28.88 16.58 13.17
N ASP B 544 29.00 17.73 13.83
CA ASP B 544 28.81 17.82 15.27
C ASP B 544 27.40 18.26 15.56
N GLN B 545 26.61 17.39 16.19
CA GLN B 545 25.25 17.67 16.61
C GLN B 545 25.17 17.52 18.13
N GLY B 546 23.96 17.57 18.67
CA GLY B 546 23.75 17.62 20.10
C GLY B 546 23.15 18.92 20.59
N HIS B 547 23.28 19.99 19.82
CA HIS B 547 22.52 21.22 20.06
C HIS B 547 21.05 21.08 19.74
N ARG B 548 20.66 20.03 19.02
CA ARG B 548 19.27 19.75 18.69
C ARG B 548 18.66 18.92 19.80
N GLN B 549 17.72 19.51 20.52
CA GLN B 549 17.01 18.84 21.61
C GLN B 549 15.52 18.91 21.36
N LYS B 550 14.82 17.86 21.76
CA LYS B 550 13.37 17.78 21.64
C LYS B 550 12.75 17.78 23.02
N THR B 551 11.83 18.71 23.26
CA THR B 551 11.13 18.81 24.53
C THR B 551 9.70 18.33 24.32
N LEU B 552 9.30 17.33 25.08
CA LEU B 552 8.02 16.67 24.89
C LEU B 552 7.26 16.60 26.21
N SER B 553 6.02 16.12 26.14
CA SER B 553 5.17 15.96 27.31
C SER B 553 4.22 14.80 27.07
N VAL B 554 4.42 13.71 27.80
CA VAL B 554 3.61 12.51 27.65
C VAL B 554 2.43 12.57 28.61
N LEU B 555 1.23 12.45 28.07
CA LEU B 555 0.00 12.39 28.85
C LEU B 555 -0.74 11.11 28.49
N VAL B 556 -0.89 10.22 29.46
CA VAL B 556 -1.62 8.97 29.28
C VAL B 556 -2.99 9.14 29.92
N SER B 557 -4.03 9.11 29.09
CA SER B 557 -5.39 9.32 29.55
C SER B 557 -6.24 8.09 29.24
N GLN B 558 -7.19 7.82 30.13
CA GLN B 558 -8.07 6.68 29.94
C GLN B 558 -8.95 6.89 28.72
N ALA B 559 -9.01 5.88 27.85
CA ALA B 559 -9.78 5.97 26.63
C ALA B 559 -11.27 5.94 26.91
N VAL B 560 -12.06 6.32 25.91
CA VAL B 560 -13.50 6.41 26.09
C VAL B 560 -14.07 5.03 26.40
N THR B 561 -15.12 5.00 27.22
CA THR B 561 -15.73 3.77 27.67
C THR B 561 -16.67 3.21 26.61
N SER B 562 -17.28 2.05 26.93
CA SER B 562 -18.27 1.46 26.04
C SER B 562 -19.54 2.29 26.00
N GLU B 563 -19.72 3.19 26.97
CA GLU B 563 -20.90 4.05 26.97
C GLU B 563 -20.89 4.99 25.76
N ALA B 564 -19.72 5.52 25.40
CA ALA B 564 -19.62 6.38 24.23
C ALA B 564 -19.94 5.61 22.96
N TYR B 565 -19.61 4.32 22.92
CA TYR B 565 -19.95 3.50 21.77
C TYR B 565 -21.46 3.34 21.63
N VAL B 566 -22.15 3.14 22.76
CA VAL B 566 -23.61 3.01 22.71
C VAL B 566 -24.25 4.36 22.40
N SER B 567 -23.78 5.43 23.05
CA SER B 567 -24.35 6.74 22.81
C SER B 567 -24.10 7.20 21.38
N GLY B 568 -22.90 6.94 20.85
CA GLY B 568 -22.64 7.22 19.45
C GLY B 568 -23.51 6.38 18.53
N MET B 569 -23.74 5.13 18.90
CA MET B 569 -24.64 4.27 18.14
C MET B 569 -26.05 4.84 18.11
N LEU B 570 -26.56 5.25 19.28
CA LEU B 570 -27.92 5.75 19.36
C LEU B 570 -28.08 7.09 18.65
N PHE B 571 -27.08 7.97 18.77
CA PHE B 571 -27.15 9.27 18.11
C PHE B 571 -27.14 9.11 16.59
N CYS B 572 -26.36 8.17 16.08
CA CYS B 572 -26.30 7.96 14.64
C CYS B 572 -27.64 7.49 14.09
N LEU B 573 -28.24 6.48 14.72
CA LEU B 573 -29.53 6.00 14.27
C LEU B 573 -30.65 6.97 14.63
N GLY B 574 -30.57 7.59 15.81
CA GLY B 574 -31.67 8.42 16.27
C GLY B 574 -31.95 9.61 15.39
N ILE B 575 -30.89 10.25 14.89
CA ILE B 575 -31.06 11.46 14.09
C ILE B 575 -31.67 11.11 12.72
N PHE B 576 -31.17 10.05 12.09
CA PHE B 576 -31.60 9.74 10.73
C PHE B 576 -32.88 8.90 10.72
N LEU B 577 -33.14 8.15 11.79
CA LEU B 577 -34.43 7.49 11.90
C LEU B 577 -35.53 8.49 12.26
N SER B 578 -35.15 9.66 12.79
CA SER B 578 -36.12 10.73 12.98
C SER B 578 -36.65 11.21 11.64
N PHE B 579 -35.79 11.30 10.63
CA PHE B 579 -36.25 11.62 9.29
C PHE B 579 -37.18 10.55 8.75
N TYR B 580 -36.91 9.28 9.09
CA TYR B 580 -37.76 8.19 8.61
C TYR B 580 -39.17 8.30 9.19
N LEU B 581 -39.28 8.56 10.49
CA LEU B 581 -40.60 8.69 11.09
C LEU B 581 -41.25 10.03 10.71
N LEU B 582 -40.44 11.05 10.44
CA LEU B 582 -40.98 12.33 10.01
C LEU B 582 -41.67 12.22 8.65
N THR B 583 -41.06 11.51 7.71
CA THR B 583 -41.65 11.38 6.38
C THR B 583 -42.84 10.42 6.41
N VAL B 584 -42.82 9.43 7.30
CA VAL B 584 -44.00 8.60 7.50
C VAL B 584 -45.13 9.42 8.11
N LEU B 585 -44.79 10.30 9.05
CA LEU B 585 -45.78 11.23 9.59
C LEU B 585 -46.28 12.17 8.49
N LEU B 586 -45.38 12.61 7.61
CA LEU B 586 -45.81 13.43 6.48
C LEU B 586 -46.68 12.63 5.53
N ALA B 587 -46.32 11.36 5.27
CA ALA B 587 -47.10 10.54 4.37
C ALA B 587 -48.48 10.22 4.96
N CYS B 588 -48.54 9.94 6.26
CA CYS B 588 -49.80 9.59 6.88
C CYS B 588 -50.76 10.78 6.88
N TRP B 589 -50.22 11.99 7.02
CA TRP B 589 -51.07 13.19 6.98
C TRP B 589 -51.74 13.33 5.61
N GLU B 590 -50.99 13.11 4.53
CA GLU B 590 -51.56 13.21 3.20
C GLU B 590 -52.61 12.13 2.95
N ASN B 591 -52.33 10.91 3.41
CA ASN B 591 -53.25 9.80 3.16
C ASN B 591 -54.60 10.00 3.83
N TRP B 592 -54.58 10.44 5.10
CA TRP B 592 -55.83 10.69 5.81
C TRP B 592 -56.55 11.91 5.24
N ARG B 593 -55.78 12.94 4.87
CA ARG B 593 -56.37 14.11 4.24
C ARG B 593 -57.03 13.76 2.91
N GLN B 594 -56.37 12.94 2.10
CA GLN B 594 -56.91 12.51 0.82
C GLN B 594 -57.05 10.98 0.77
N THR B 727 -22.92 0.79 -12.05
CA THR B 727 -21.77 0.11 -12.62
C THR B 727 -20.49 0.89 -12.34
N ILE B 728 -20.51 2.21 -12.57
CA ILE B 728 -19.36 3.04 -12.25
C ILE B 728 -19.02 2.92 -10.77
N ALA B 729 -20.05 2.83 -9.92
CA ALA B 729 -19.83 2.67 -8.49
C ALA B 729 -19.09 1.37 -8.18
N VAL B 730 -19.50 0.26 -8.81
CA VAL B 730 -18.85 -1.02 -8.54
C VAL B 730 -17.40 -1.00 -9.00
N PHE B 731 -17.16 -0.46 -10.20
CA PHE B 731 -15.80 -0.35 -10.72
C PHE B 731 -14.94 0.50 -9.79
N TYR B 732 -15.53 1.55 -9.23
CA TYR B 732 -14.82 2.41 -8.29
C TYR B 732 -14.56 1.69 -6.98
N ALA B 733 -15.47 0.77 -6.59
CA ALA B 733 -15.46 0.25 -5.24
C ALA B 733 -14.51 -0.93 -5.07
N LEU B 734 -14.37 -1.77 -6.10
CA LEU B 734 -13.55 -2.97 -5.91
C LEU B 734 -12.10 -2.69 -5.50
N PRO B 735 -11.33 -1.86 -6.22
CA PRO B 735 -9.97 -1.55 -5.74
C PRO B 735 -9.99 -0.91 -4.36
N VAL B 736 -11.05 -0.17 -4.04
CA VAL B 736 -11.18 0.41 -2.71
C VAL B 736 -11.13 -0.69 -1.66
N VAL B 737 -11.95 -1.73 -1.84
CA VAL B 737 -12.02 -2.81 -0.86
C VAL B 737 -10.67 -3.52 -0.74
N GLN B 738 -10.03 -3.78 -1.88
CA GLN B 738 -8.73 -4.44 -1.83
C GLN B 738 -7.71 -3.63 -1.03
N LEU B 739 -7.65 -2.32 -1.30
CA LEU B 739 -6.76 -1.43 -0.55
C LEU B 739 -7.11 -1.38 0.92
N VAL B 740 -8.40 -1.31 1.25
CA VAL B 740 -8.86 -1.43 2.63
C VAL B 740 -8.23 -2.62 3.31
N ILE B 741 -8.46 -3.81 2.77
CA ILE B 741 -8.06 -5.01 3.49
C ILE B 741 -6.56 -5.02 3.68
N THR B 742 -5.81 -4.78 2.60
CA THR B 742 -4.34 -4.86 2.70
C THR B 742 -3.79 -3.83 3.68
N TYR B 743 -4.20 -2.57 3.54
CA TYR B 743 -3.63 -1.50 4.37
C TYR B 743 -4.00 -1.66 5.83
N GLN B 744 -5.27 -1.99 6.12
CA GLN B 744 -5.67 -2.13 7.51
C GLN B 744 -4.94 -3.30 8.17
N THR B 745 -4.82 -4.42 7.46
CA THR B 745 -4.08 -5.55 8.02
C THR B 745 -2.62 -5.20 8.25
N VAL B 746 -2.01 -4.47 7.32
CA VAL B 746 -0.60 -4.09 7.45
C VAL B 746 -0.41 -3.19 8.67
N VAL B 747 -1.28 -2.21 8.84
CA VAL B 747 -1.17 -1.31 9.99
C VAL B 747 -1.37 -2.09 11.29
N ASN B 748 -2.31 -3.03 11.30
CA ASN B 748 -2.57 -3.81 12.51
C ASN B 748 -1.38 -4.68 12.87
N VAL B 749 -0.73 -5.31 11.88
CA VAL B 749 0.30 -6.30 12.19
C VAL B 749 1.65 -5.63 12.43
N THR B 750 2.04 -4.69 11.56
CA THR B 750 3.37 -4.12 11.66
C THR B 750 3.47 -3.11 12.80
N GLY B 751 2.36 -2.44 13.12
CA GLY B 751 2.39 -1.37 14.10
C GLY B 751 2.79 -0.02 13.57
N ASN B 752 3.10 0.08 12.28
CA ASN B 752 3.45 1.36 11.67
C ASN B 752 2.20 2.20 11.52
N GLN B 753 1.96 3.10 12.47
CA GLN B 753 0.79 3.95 12.45
C GLN B 753 0.92 5.12 11.47
N ASP B 754 2.07 5.27 10.81
CA ASP B 754 2.25 6.36 9.88
C ASP B 754 1.49 6.13 8.57
N ILE B 755 1.03 4.90 8.33
CA ILE B 755 0.45 4.57 7.04
C ILE B 755 -0.91 5.24 6.86
N CYS B 756 -1.80 5.08 7.83
CA CYS B 756 -3.14 5.63 7.76
C CYS B 756 -3.15 7.03 8.38
N TYR B 757 -3.86 7.95 7.73
CA TYR B 757 -3.99 9.33 8.21
C TYR B 757 -5.25 9.49 9.06
N TYR B 758 -5.31 8.71 10.13
CA TYR B 758 -6.43 8.77 11.06
C TYR B 758 -6.46 10.12 11.78
N ASN B 759 -7.53 10.29 12.55
CA ASN B 759 -7.57 11.31 13.60
C ASN B 759 -7.30 10.59 14.91
N PHE B 760 -6.01 10.39 15.21
CA PHE B 760 -5.63 9.48 16.28
C PHE B 760 -6.15 9.94 17.63
N LEU B 761 -6.41 11.24 17.77
CA LEU B 761 -7.01 11.74 19.01
C LEU B 761 -8.45 11.27 19.15
N CYS B 762 -9.18 11.20 18.03
CA CYS B 762 -10.59 10.83 18.06
C CYS B 762 -10.88 9.49 17.38
N ALA B 763 -9.85 8.75 16.97
CA ALA B 763 -10.08 7.44 16.39
C ALA B 763 -10.38 6.43 17.49
N HIS B 764 -11.53 5.77 17.38
CA HIS B 764 -12.01 4.83 18.38
C HIS B 764 -12.02 3.42 17.78
N PRO B 765 -11.25 2.49 18.33
CA PRO B 765 -11.16 1.15 17.71
C PRO B 765 -12.31 0.24 18.09
N LEU B 766 -12.83 -0.49 17.11
CA LEU B 766 -13.82 -1.56 17.34
C LEU B 766 -13.41 -2.73 16.46
N GLY B 767 -12.97 -3.82 17.09
CA GLY B 767 -12.47 -4.96 16.35
C GLY B 767 -11.21 -4.64 15.58
N ASN B 768 -11.24 -4.87 14.27
CA ASN B 768 -10.09 -4.59 13.42
C ASN B 768 -10.10 -3.19 12.84
N LEU B 769 -11.16 -2.41 13.08
CA LEU B 769 -11.27 -1.05 12.58
C LEU B 769 -10.69 -0.09 13.63
N SER B 770 -9.67 0.67 13.21
CA SER B 770 -9.03 1.59 14.15
C SER B 770 -9.88 2.84 14.37
N ALA B 771 -10.65 3.25 13.37
CA ALA B 771 -11.48 4.45 13.44
C ALA B 771 -12.92 4.04 13.16
N PHE B 772 -13.63 3.63 14.22
CA PHE B 772 -15.02 3.24 14.07
C PHE B 772 -15.94 4.44 13.95
N ASN B 773 -15.54 5.59 14.52
CA ASN B 773 -16.44 6.74 14.54
C ASN B 773 -16.73 7.27 13.15
N ASN B 774 -15.71 7.33 12.28
CA ASN B 774 -15.93 7.82 10.92
C ASN B 774 -16.85 6.89 10.14
N ILE B 775 -16.61 5.58 10.23
CA ILE B 775 -17.44 4.62 9.52
C ILE B 775 -18.87 4.68 10.01
N LEU B 776 -19.06 4.81 11.33
CA LEU B 776 -20.39 4.93 11.89
C LEU B 776 -21.07 6.21 11.41
N SER B 777 -20.33 7.32 11.38
CA SER B 777 -20.91 8.58 10.91
C SER B 777 -21.32 8.48 9.45
N ASN B 778 -20.64 7.63 8.68
CA ASN B 778 -21.00 7.46 7.28
C ASN B 778 -22.33 6.73 7.08
N LEU B 779 -23.03 6.39 8.16
CA LEU B 779 -24.33 5.73 8.02
C LEU B 779 -25.41 6.72 7.58
N GLY B 780 -25.16 8.01 7.75
CA GLY B 780 -26.14 9.01 7.35
C GLY B 780 -26.43 9.00 5.87
N TYR B 781 -25.37 8.95 5.05
CA TYR B 781 -25.57 8.87 3.61
C TYR B 781 -26.40 7.66 3.25
N ILE B 782 -26.08 6.50 3.82
CA ILE B 782 -26.77 5.27 3.46
C ILE B 782 -28.25 5.37 3.80
N LEU B 783 -28.55 5.75 5.05
CA LEU B 783 -29.94 5.79 5.49
C LEU B 783 -30.74 6.84 4.74
N LEU B 784 -30.15 8.03 4.52
CA LEU B 784 -30.90 9.09 3.86
C LEU B 784 -31.09 8.80 2.38
N GLY B 785 -30.09 8.16 1.74
CA GLY B 785 -30.28 7.74 0.36
C GLY B 785 -31.35 6.68 0.22
N LEU B 786 -31.38 5.72 1.15
CA LEU B 786 -32.45 4.72 1.12
C LEU B 786 -33.81 5.37 1.31
N LEU B 787 -33.92 6.32 2.24
CA LEU B 787 -35.19 6.99 2.47
C LEU B 787 -35.62 7.79 1.24
N PHE B 788 -34.68 8.49 0.61
CA PHE B 788 -35.00 9.25 -0.59
C PHE B 788 -35.42 8.34 -1.73
N LEU B 789 -34.76 7.18 -1.86
CA LEU B 789 -35.18 6.21 -2.87
C LEU B 789 -36.59 5.72 -2.61
N LEU B 790 -36.94 5.48 -1.34
CA LEU B 790 -38.30 5.07 -1.02
C LEU B 790 -39.31 6.17 -1.37
N ILE B 791 -38.96 7.44 -1.08
CA ILE B 791 -39.84 8.54 -1.43
C ILE B 791 -40.03 8.62 -2.94
N ILE B 792 -38.94 8.45 -3.70
CA ILE B 792 -39.04 8.49 -5.15
C ILE B 792 -39.91 7.36 -5.66
N LEU B 793 -39.75 6.16 -5.08
CA LEU B 793 -40.57 5.03 -5.50
C LEU B 793 -42.04 5.28 -5.22
N GLN B 794 -42.35 5.85 -4.06
CA GLN B 794 -43.75 6.16 -3.74
C GLN B 794 -44.32 7.18 -4.71
N ARG B 795 -43.55 8.23 -5.02
CA ARG B 795 -44.02 9.23 -5.97
C ARG B 795 -44.23 8.62 -7.36
N GLU B 796 -43.31 7.75 -7.78
CA GLU B 796 -43.44 7.11 -9.09
C GLU B 796 -44.66 6.21 -9.14
N ILE B 797 -44.92 5.45 -8.07
CA ILE B 797 -46.11 4.60 -8.01
C ILE B 797 -47.37 5.46 -8.07
N ASN B 798 -47.40 6.56 -7.32
CA ASN B 798 -48.56 7.43 -7.34
C ASN B 798 -48.78 8.04 -8.71
N HIS B 799 -47.71 8.47 -9.38
CA HIS B 799 -47.83 9.06 -10.71
C HIS B 799 -48.32 8.03 -11.72
N ASN B 800 -47.80 6.79 -11.64
CA ASN B 800 -48.26 5.75 -12.55
C ASN B 800 -49.73 5.41 -12.31
N ARG B 801 -50.15 5.38 -11.04
CA ARG B 801 -51.56 5.15 -10.75
C ARG B 801 -52.43 6.28 -11.29
N ALA B 802 -51.97 7.52 -11.15
CA ALA B 802 -52.72 8.66 -11.69
C ALA B 802 -52.82 8.57 -13.20
N LEU B 803 -51.74 8.15 -13.87
CA LEU B 803 -51.81 7.92 -15.32
C LEU B 803 -52.81 6.82 -15.65
N LEU B 804 -52.86 5.78 -14.83
CA LEU B 804 -53.83 4.71 -15.05
C LEU B 804 -55.26 5.23 -14.90
N ARG B 805 -55.45 6.24 -14.05
CA ARG B 805 -56.74 6.93 -13.98
C ARG B 805 -57.01 7.79 -15.19
N ASN B 806 -56.02 7.98 -16.07
CA ASN B 806 -56.13 8.82 -17.27
C ASN B 806 -56.47 10.26 -16.91
N ASP B 807 -55.91 10.75 -15.81
CA ASP B 807 -56.09 12.16 -15.45
C ASP B 807 -55.32 13.05 -16.42
N LEU B 808 -55.99 14.09 -16.90
CA LEU B 808 -55.36 15.00 -17.86
C LEU B 808 -54.18 15.73 -17.22
N CYS B 809 -54.30 16.08 -15.94
CA CYS B 809 -53.22 16.80 -15.27
C CYS B 809 -51.94 15.96 -15.22
N ALA B 810 -52.07 14.67 -14.91
CA ALA B 810 -50.90 13.80 -14.90
C ALA B 810 -50.33 13.60 -16.30
N LEU B 811 -51.21 13.48 -17.30
CA LEU B 811 -50.77 13.15 -18.65
C LEU B 811 -50.05 14.33 -19.30
N GLU B 812 -50.64 15.52 -19.26
CA GLU B 812 -50.19 16.62 -20.11
C GLU B 812 -49.94 17.92 -19.35
N CYS B 813 -50.02 17.92 -18.04
CA CYS B 813 -49.90 19.15 -17.27
C CYS B 813 -48.72 19.08 -16.32
N GLY B 814 -48.12 20.24 -16.07
CA GLY B 814 -47.01 20.34 -15.14
C GLY B 814 -45.68 19.99 -15.77
N ILE B 815 -44.63 20.15 -14.97
CA ILE B 815 -43.28 19.78 -15.43
C ILE B 815 -43.23 18.28 -15.65
N PRO B 816 -42.64 17.80 -16.75
CA PRO B 816 -42.56 16.35 -16.98
C PRO B 816 -41.86 15.65 -15.82
N LYS B 817 -42.53 14.63 -15.28
CA LYS B 817 -42.05 13.92 -14.10
C LYS B 817 -41.09 12.82 -14.55
N HIS B 818 -39.83 12.96 -14.18
CA HIS B 818 -38.80 11.99 -14.52
C HIS B 818 -38.12 11.53 -13.23
N PHE B 819 -38.42 10.30 -12.80
CA PHE B 819 -37.94 9.78 -11.53
C PHE B 819 -36.61 9.07 -11.63
N GLY B 820 -36.16 8.72 -12.84
CA GLY B 820 -34.95 7.93 -12.97
C GLY B 820 -33.69 8.66 -12.55
N LEU B 821 -33.58 9.94 -12.92
CA LEU B 821 -32.43 10.71 -12.47
C LEU B 821 -32.45 10.91 -10.96
N PHE B 822 -33.64 11.02 -10.37
CA PHE B 822 -33.74 11.05 -8.91
C PHE B 822 -33.26 9.73 -8.31
N TYR B 823 -33.57 8.61 -8.96
CA TYR B 823 -33.03 7.33 -8.55
C TYR B 823 -31.50 7.34 -8.63
N ALA B 824 -30.95 7.95 -9.68
CA ALA B 824 -29.50 8.04 -9.81
C ALA B 824 -28.91 8.84 -8.66
N MET B 825 -29.55 9.95 -8.30
CA MET B 825 -29.05 10.76 -7.17
C MET B 825 -29.11 9.98 -5.86
N GLY B 826 -30.21 9.26 -5.63
CA GLY B 826 -30.31 8.48 -4.39
C GLY B 826 -29.28 7.37 -4.32
N THR B 827 -29.11 6.64 -5.41
CA THR B 827 -28.08 5.60 -5.45
C THR B 827 -26.68 6.20 -5.31
N ALA B 828 -26.47 7.39 -5.87
CA ALA B 828 -25.20 8.06 -5.71
C ALA B 828 -24.94 8.43 -4.26
N LEU B 829 -25.97 8.90 -3.56
CA LEU B 829 -25.81 9.20 -2.13
C LEU B 829 -25.47 7.94 -1.34
N MET B 830 -26.20 6.86 -1.58
CA MET B 830 -25.93 5.62 -0.86
C MET B 830 -24.51 5.11 -1.12
N MET B 831 -24.08 5.17 -2.39
CA MET B 831 -22.77 4.64 -2.72
C MET B 831 -21.66 5.58 -2.26
N GLU B 832 -21.95 6.89 -2.20
CA GLU B 832 -21.01 7.81 -1.59
C GLU B 832 -20.80 7.47 -0.13
N GLY B 833 -21.88 7.17 0.60
CA GLY B 833 -21.73 6.71 1.97
C GLY B 833 -20.88 5.46 2.07
N LEU B 834 -21.17 4.46 1.22
CA LEU B 834 -20.41 3.22 1.25
C LEU B 834 -18.92 3.46 0.97
N LEU B 835 -18.63 4.19 -0.10
CA LEU B 835 -17.24 4.43 -0.49
C LEU B 835 -16.51 5.27 0.53
N SER B 836 -17.19 6.26 1.13
CA SER B 836 -16.53 7.10 2.11
C SER B 836 -16.25 6.33 3.40
N ALA B 837 -17.15 5.43 3.78
CA ALA B 837 -16.84 4.56 4.92
C ALA B 837 -15.65 3.66 4.63
N CYS B 838 -15.62 3.06 3.42
CA CYS B 838 -14.49 2.22 3.04
C CYS B 838 -13.20 3.01 3.01
N TYR B 839 -13.26 4.28 2.60
CA TYR B 839 -12.09 5.14 2.67
C TYR B 839 -11.68 5.41 4.12
N HIS B 840 -12.67 5.65 4.99
CA HIS B 840 -12.39 6.11 6.35
C HIS B 840 -12.04 4.98 7.30
N VAL B 841 -12.10 3.73 6.87
CA VAL B 841 -11.49 2.67 7.67
C VAL B 841 -10.00 2.93 7.83
N CYS B 842 -9.37 3.52 6.80
CA CYS B 842 -7.97 3.92 6.80
C CYS B 842 -7.78 5.06 5.82
N PRO B 843 -8.09 6.28 6.24
CA PRO B 843 -7.79 7.44 5.39
C PRO B 843 -6.30 7.54 5.14
N ASN B 844 -5.93 7.59 3.86
CA ASN B 844 -4.52 7.53 3.53
C ASN B 844 -4.34 8.18 2.17
N TYR B 845 -3.12 8.66 1.91
CA TYR B 845 -2.84 9.38 0.68
C TYR B 845 -3.16 8.54 -0.56
N THR B 846 -3.14 7.22 -0.44
CA THR B 846 -3.49 6.41 -1.60
C THR B 846 -5.00 6.20 -1.73
N ASN B 847 -5.83 7.00 -1.05
CA ASN B 847 -7.28 6.83 -1.07
C ASN B 847 -8.03 8.15 -1.08
N PHE B 848 -7.35 9.28 -1.31
CA PHE B 848 -8.01 10.57 -1.08
C PHE B 848 -9.16 10.80 -2.05
N GLN B 849 -9.02 10.33 -3.29
CA GLN B 849 -10.05 10.54 -4.30
C GLN B 849 -11.35 9.84 -3.93
N PHE B 850 -11.26 8.77 -3.15
CA PHE B 850 -12.40 7.86 -2.98
C PHE B 850 -13.49 8.51 -2.15
N ASP B 851 -13.11 9.43 -1.29
CA ASP B 851 -14.10 10.13 -0.47
C ASP B 851 -14.77 11.23 -1.28
N THR B 852 -14.00 12.21 -1.72
CA THR B 852 -14.57 13.36 -2.42
C THR B 852 -15.16 13.15 -3.79
N SER B 853 -14.76 12.11 -4.51
CA SER B 853 -15.23 11.95 -5.89
C SER B 853 -16.70 11.77 -6.14
N PHE B 854 -17.38 10.95 -5.35
CA PHE B 854 -18.77 10.74 -5.66
C PHE B 854 -19.56 11.98 -5.29
N MET B 855 -19.08 12.75 -4.32
CA MET B 855 -19.78 13.95 -3.94
C MET B 855 -19.83 14.94 -5.07
N TYR B 856 -18.74 15.14 -5.80
CA TYR B 856 -18.87 16.03 -6.97
C TYR B 856 -19.78 15.45 -8.03
N MET B 857 -19.78 14.14 -8.23
CA MET B 857 -20.72 13.55 -9.17
C MET B 857 -22.17 13.77 -8.74
N ILE B 858 -22.48 13.62 -7.46
CA ILE B 858 -23.84 13.90 -7.01
C ILE B 858 -24.15 15.36 -7.24
N ALA B 859 -23.20 16.24 -6.96
CA ALA B 859 -23.40 17.65 -7.26
C ALA B 859 -23.52 17.86 -8.75
N GLY B 860 -22.72 17.14 -9.53
CA GLY B 860 -22.75 17.26 -10.98
C GLY B 860 -24.04 16.70 -11.51
N LEU B 861 -24.71 15.89 -10.72
CA LEU B 861 -26.04 15.41 -11.08
C LEU B 861 -27.11 16.44 -10.74
N CYS B 862 -27.09 16.94 -9.50
CA CYS B 862 -27.95 18.06 -9.15
C CYS B 862 -27.74 19.23 -10.10
N MET B 863 -26.50 19.45 -10.51
CA MET B 863 -26.20 20.23 -11.69
C MET B 863 -26.87 19.58 -12.89
N LEU B 864 -27.69 20.34 -13.59
CA LEU B 864 -28.42 19.96 -14.79
C LEU B 864 -29.57 19.00 -14.51
N LYS B 865 -29.78 18.55 -13.26
CA LYS B 865 -31.09 17.97 -12.97
C LYS B 865 -32.19 19.00 -13.19
N LEU B 866 -31.99 20.23 -12.70
CA LEU B 866 -32.96 21.29 -12.96
C LEU B 866 -33.06 21.61 -14.45
N TYR B 867 -31.91 21.61 -15.15
CA TYR B 867 -31.91 21.91 -16.58
C TYR B 867 -32.70 20.87 -17.36
N GLN B 868 -32.55 19.60 -17.01
CA GLN B 868 -33.39 18.56 -17.59
C GLN B 868 -34.84 18.74 -17.20
N LYS B 869 -35.10 19.15 -15.97
CA LYS B 869 -36.48 19.29 -15.49
C LYS B 869 -37.23 20.35 -16.30
N ARG B 870 -36.58 21.46 -16.60
CA ARG B 870 -37.23 22.50 -17.43
C ARG B 870 -37.10 22.25 -18.92
N HIS B 871 -36.08 21.52 -19.33
CA HIS B 871 -35.86 21.24 -20.74
C HIS B 871 -35.67 19.76 -21.00
N PRO B 872 -36.74 18.98 -20.91
CA PRO B 872 -36.57 17.53 -21.06
C PRO B 872 -36.12 17.14 -22.45
N ASP B 873 -36.48 17.94 -23.46
CA ASP B 873 -36.11 17.63 -24.83
C ASP B 873 -34.60 17.73 -25.04
N ILE B 874 -33.95 18.66 -24.34
CA ILE B 874 -32.50 18.77 -24.45
C ILE B 874 -31.82 17.52 -23.89
N ASN B 875 -32.39 16.94 -22.84
CA ASN B 875 -31.80 15.76 -22.22
C ASN B 875 -31.92 14.52 -23.09
N ALA B 876 -32.72 14.57 -24.16
CA ALA B 876 -32.88 13.40 -25.02
C ALA B 876 -31.56 12.98 -25.66
N SER B 877 -30.76 13.97 -26.08
CA SER B 877 -29.43 13.71 -26.64
C SER B 877 -28.35 14.43 -25.82
N ALA B 878 -28.43 14.33 -24.49
CA ALA B 878 -27.50 15.08 -23.65
C ALA B 878 -26.08 14.56 -23.77
N TYR B 879 -25.86 13.30 -23.39
CA TYR B 879 -24.53 12.68 -23.40
C TYR B 879 -23.52 13.53 -22.63
N SER B 880 -23.88 13.84 -21.37
CA SER B 880 -23.10 14.75 -20.55
C SER B 880 -22.55 14.13 -19.28
N ALA B 881 -23.20 13.08 -18.76
CA ALA B 881 -22.78 12.49 -17.49
C ALA B 881 -21.36 11.92 -17.57
N TYR B 882 -21.10 11.12 -18.61
CA TYR B 882 -19.77 10.53 -18.76
C TYR B 882 -18.71 11.61 -18.92
N ALA B 883 -19.01 12.64 -19.72
CA ALA B 883 -18.05 13.72 -19.91
C ALA B 883 -17.74 14.44 -18.62
N CYS B 884 -18.77 14.76 -17.83
CA CYS B 884 -18.56 15.47 -16.58
C CYS B 884 -17.74 14.63 -15.60
N LEU B 885 -18.09 13.35 -15.46
CA LEU B 885 -17.35 12.49 -14.55
C LEU B 885 -15.89 12.34 -14.98
N ALA B 886 -15.66 12.15 -16.29
CA ALA B 886 -14.29 12.03 -16.78
C ALA B 886 -13.51 13.31 -16.49
N ILE B 887 -14.12 14.46 -16.73
CA ILE B 887 -13.44 15.74 -16.50
C ILE B 887 -13.04 15.86 -15.03
N VAL B 888 -13.97 15.61 -14.12
CA VAL B 888 -13.67 15.85 -12.71
C VAL B 888 -12.63 14.85 -12.20
N ILE B 889 -12.76 13.58 -12.60
CA ILE B 889 -11.81 12.58 -12.10
C ILE B 889 -10.41 12.81 -12.69
N PHE B 890 -10.34 13.28 -13.93
CA PHE B 890 -9.04 13.60 -14.49
C PHE B 890 -8.44 14.75 -13.70
N PHE B 891 -9.25 15.79 -13.48
CA PHE B 891 -8.74 16.97 -12.80
C PHE B 891 -8.22 16.64 -11.41
N SER B 892 -8.92 15.77 -10.68
CA SER B 892 -8.70 15.63 -9.24
C SER B 892 -7.60 14.64 -8.87
N VAL B 893 -6.86 14.07 -9.82
CA VAL B 893 -5.91 13.02 -9.48
C VAL B 893 -4.49 13.38 -9.89
N LEU B 894 -4.27 13.59 -11.19
CA LEU B 894 -2.92 13.74 -11.71
C LEU B 894 -2.26 15.00 -11.18
N GLY B 895 -3.03 16.07 -10.98
CA GLY B 895 -2.47 17.29 -10.43
C GLY B 895 -1.87 17.09 -9.06
N VAL B 896 -2.57 16.32 -8.21
CA VAL B 896 -2.03 16.00 -6.89
C VAL B 896 -0.85 15.05 -7.01
N VAL B 897 -0.97 14.06 -7.90
CA VAL B 897 0.06 13.01 -8.00
C VAL B 897 1.40 13.61 -8.42
N PHE B 898 1.39 14.48 -9.43
CA PHE B 898 2.64 15.03 -9.95
C PHE B 898 3.29 15.98 -8.96
N GLY B 899 2.50 16.73 -8.21
CA GLY B 899 3.06 17.67 -7.26
C GLY B 899 1.99 18.33 -6.42
N LYS B 900 2.44 19.23 -5.55
CA LYS B 900 1.55 20.00 -4.69
C LYS B 900 1.52 21.48 -5.07
N GLY B 901 1.95 21.82 -6.28
CA GLY B 901 2.03 23.21 -6.70
C GLY B 901 3.45 23.67 -6.91
N ASN B 902 3.89 23.73 -8.16
CA ASN B 902 5.27 24.09 -8.49
C ASN B 902 5.34 25.60 -8.74
N THR B 903 4.94 26.35 -7.71
CA THR B 903 4.89 27.83 -7.71
C THR B 903 4.44 28.41 -9.05
N ALA B 904 3.24 28.03 -9.50
CA ALA B 904 2.25 27.14 -8.89
C ALA B 904 1.34 26.49 -9.91
N PHE B 905 1.34 25.15 -9.91
CA PHE B 905 0.33 24.43 -10.68
C PHE B 905 -1.06 24.80 -10.22
N TRP B 906 -1.20 25.21 -8.95
CA TRP B 906 -2.50 25.63 -8.46
C TRP B 906 -2.86 27.05 -8.92
N ILE B 907 -1.87 27.90 -9.18
CA ILE B 907 -2.16 29.16 -9.87
C ILE B 907 -2.60 28.88 -11.30
N VAL B 908 -1.96 27.90 -11.94
CA VAL B 908 -2.41 27.47 -13.27
C VAL B 908 -3.85 26.97 -13.19
N PHE B 909 -4.18 26.22 -12.14
CA PHE B 909 -5.54 25.74 -11.95
C PHE B 909 -6.51 26.89 -11.68
N SER B 910 -6.02 27.95 -11.02
CA SER B 910 -6.85 29.14 -10.86
C SER B 910 -7.14 29.79 -12.20
N ILE B 911 -6.16 29.82 -13.09
CA ILE B 911 -6.41 30.29 -14.45
C ILE B 911 -7.43 29.40 -15.15
N ILE B 912 -7.33 28.08 -14.93
CA ILE B 912 -8.32 27.15 -15.48
C ILE B 912 -9.71 27.46 -14.93
N HIS B 913 -9.79 27.78 -13.64
CA HIS B 913 -11.07 28.17 -13.05
C HIS B 913 -11.59 29.45 -13.68
N ILE B 914 -10.69 30.39 -14.00
CA ILE B 914 -11.10 31.62 -14.65
C ILE B 914 -11.69 31.33 -16.03
N ILE B 915 -11.04 30.45 -16.80
CA ILE B 915 -11.57 30.13 -18.12
C ILE B 915 -12.87 29.33 -18.00
N ALA B 916 -13.01 28.53 -16.94
CA ALA B 916 -14.28 27.86 -16.68
C ALA B 916 -15.38 28.87 -16.37
N THR B 917 -15.04 29.92 -15.61
CA THR B 917 -16.00 30.99 -15.36
C THR B 917 -16.38 31.71 -16.64
N LEU B 918 -15.40 31.90 -17.54
CA LEU B 918 -15.70 32.49 -18.85
C LEU B 918 -16.63 31.58 -19.65
N LEU B 919 -16.43 30.26 -19.55
CA LEU B 919 -17.34 29.32 -20.19
C LEU B 919 -18.75 29.41 -19.59
N LEU B 920 -18.83 29.60 -18.27
CA LEU B 920 -20.13 29.80 -17.64
C LEU B 920 -20.81 31.07 -18.16
N SER B 921 -20.04 32.15 -18.33
CA SER B 921 -20.60 33.37 -18.93
C SER B 921 -21.04 33.12 -20.36
N THR B 922 -20.28 32.32 -21.11
CA THR B 922 -20.67 31.96 -22.47
C THR B 922 -21.99 31.21 -22.47
N GLN B 923 -22.16 30.29 -21.53
CA GLN B 923 -23.46 29.62 -21.37
C GLN B 923 -24.55 30.62 -21.02
N LEU B 924 -24.22 31.61 -20.19
CA LEU B 924 -25.16 32.67 -19.85
C LEU B 924 -25.69 33.40 -21.07
N TYR B 925 -24.79 33.91 -21.92
CA TYR B 925 -25.25 34.71 -23.04
C TYR B 925 -25.99 33.85 -24.07
N TYR B 926 -25.77 32.54 -24.04
CA TYR B 926 -26.56 31.64 -24.87
C TYR B 926 -27.97 31.50 -24.32
N MET B 927 -28.14 31.49 -23.01
CA MET B 927 -29.45 31.41 -22.39
C MET B 927 -30.28 32.65 -22.68
N LEU B 956 -30.77 36.43 -21.94
CA LEU B 956 -32.17 36.60 -22.30
C LEU B 956 -32.80 37.75 -21.53
N TYR B 957 -32.39 37.91 -20.27
CA TYR B 957 -32.91 38.97 -19.41
C TYR B 957 -31.76 39.66 -18.71
N VAL B 958 -31.97 40.94 -18.38
CA VAL B 958 -30.94 41.73 -17.70
C VAL B 958 -30.70 41.20 -16.29
N ASP B 959 -31.78 40.79 -15.62
CA ASP B 959 -31.62 40.22 -14.29
C ASP B 959 -30.82 38.93 -14.31
N ARG B 960 -31.07 38.07 -15.30
CA ARG B 960 -30.25 36.87 -15.48
C ARG B 960 -28.80 37.25 -15.74
N MET B 961 -28.57 38.27 -16.57
CA MET B 961 -27.22 38.72 -16.86
C MET B 961 -26.48 39.10 -15.59
N VAL B 962 -27.10 39.96 -14.76
CA VAL B 962 -26.43 40.43 -13.56
C VAL B 962 -26.27 39.29 -12.56
N LEU B 963 -27.26 38.39 -12.48
CA LEU B 963 -27.16 37.26 -11.58
C LEU B 963 -25.93 36.43 -11.89
N LEU B 964 -25.74 36.06 -13.16
CA LEU B 964 -24.53 35.32 -13.51
C LEU B 964 -23.29 36.20 -13.40
N VAL B 965 -23.46 37.53 -13.45
CA VAL B 965 -22.31 38.41 -13.25
C VAL B 965 -21.74 38.26 -11.84
N MET B 966 -22.57 38.41 -10.80
CA MET B 966 -21.96 38.19 -9.48
C MET B 966 -21.74 36.71 -9.19
N GLY B 967 -22.37 35.81 -9.95
CA GLY B 967 -21.94 34.42 -9.87
C GLY B 967 -20.50 34.25 -10.30
N ASN B 968 -20.11 34.88 -11.41
CA ASN B 968 -18.73 34.88 -11.86
C ASN B 968 -17.82 35.57 -10.85
N VAL B 969 -18.29 36.65 -10.26
CA VAL B 969 -17.51 37.34 -9.23
C VAL B 969 -17.28 36.41 -8.03
N ILE B 970 -18.29 35.65 -7.64
CA ILE B 970 -18.14 34.69 -6.54
C ILE B 970 -17.13 33.61 -6.92
N ASN B 971 -17.19 33.12 -8.16
CA ASN B 971 -16.22 32.11 -8.59
C ASN B 971 -14.79 32.66 -8.52
N TRP B 972 -14.59 33.90 -8.99
CA TRP B 972 -13.26 34.50 -8.94
C TRP B 972 -12.82 34.71 -7.50
N SER B 973 -13.74 35.06 -6.61
CA SER B 973 -13.37 35.19 -5.20
C SER B 973 -12.85 33.85 -4.73
N LEU B 974 -13.54 32.78 -5.11
CA LEU B 974 -13.09 31.43 -4.76
C LEU B 974 -11.75 31.15 -5.43
N ALA B 975 -11.57 31.64 -6.65
CA ALA B 975 -10.30 31.45 -7.37
C ALA B 975 -9.15 32.12 -6.63
N ALA B 976 -9.41 33.20 -5.90
CA ALA B 976 -8.36 33.83 -5.10
C ALA B 976 -7.87 32.85 -4.06
N TYR B 977 -8.77 32.10 -3.44
CA TYR B 977 -8.35 31.05 -2.51
C TYR B 977 -7.57 30.01 -3.31
N GLY B 978 -8.01 29.74 -4.53
CA GLY B 978 -7.30 28.82 -5.39
C GLY B 978 -5.90 29.34 -5.66
N LEU B 979 -5.80 30.63 -5.14
CA LEU B 979 -4.52 31.37 -5.07
C LEU B 979 -3.95 31.41 -3.64
N ILE B 980 -2.66 31.76 -3.42
CA ILE B 980 -2.02 31.57 -2.08
C ILE B 980 -2.40 30.15 -2.31
N MET B 981 -1.98 29.67 -3.49
CA MET B 981 -2.24 28.31 -3.99
C MET B 981 -2.83 27.07 -3.37
N ARG B 982 -4.13 27.04 -3.11
CA ARG B 982 -4.74 25.77 -2.70
C ARG B 982 -3.92 24.98 -1.72
N PRO B 983 -3.71 25.52 -0.50
CA PRO B 983 -2.80 24.81 0.40
C PRO B 983 -3.24 23.37 0.61
N ASN B 984 -4.54 23.10 0.67
CA ASN B 984 -5.01 21.73 0.78
C ASN B 984 -5.02 21.00 -0.56
N ASP B 985 -6.09 20.25 -0.82
CA ASP B 985 -6.21 19.51 -2.07
C ASP B 985 -7.26 20.09 -2.98
N PHE B 986 -7.09 19.88 -4.26
CA PHE B 986 -8.11 20.29 -5.20
C PHE B 986 -9.32 19.46 -4.84
N ALA B 987 -9.09 18.19 -4.52
CA ALA B 987 -10.19 17.33 -4.13
C ALA B 987 -11.19 18.03 -3.20
N SER B 988 -10.70 18.72 -2.16
CA SER B 988 -11.60 19.42 -1.29
C SER B 988 -12.22 20.61 -2.02
N TYR B 989 -11.39 21.35 -2.74
CA TYR B 989 -11.89 22.53 -3.45
C TYR B 989 -12.90 22.24 -4.55
N LEU B 990 -12.71 21.15 -5.28
CA LEU B 990 -13.63 20.80 -6.34
C LEU B 990 -14.98 20.57 -5.73
N LEU B 991 -15.01 19.86 -4.60
CA LEU B 991 -16.28 19.67 -3.92
C LEU B 991 -16.79 21.02 -3.48
N ALA B 992 -15.93 21.85 -2.91
CA ALA B 992 -16.38 23.15 -2.41
C ALA B 992 -16.86 24.07 -3.51
N ILE B 993 -16.11 24.16 -4.60
CA ILE B 993 -16.50 25.01 -5.72
C ILE B 993 -17.77 24.44 -6.34
N GLY B 994 -17.83 23.13 -6.46
CA GLY B 994 -18.99 22.49 -7.05
C GLY B 994 -20.23 22.75 -6.22
N ILE B 995 -20.09 22.67 -4.90
CA ILE B 995 -21.24 22.88 -4.01
C ILE B 995 -21.59 24.34 -4.02
N CYS B 996 -20.58 25.22 -4.07
CA CYS B 996 -20.92 26.63 -4.17
C CYS B 996 -21.61 26.96 -5.48
N ASN B 997 -21.10 26.41 -6.59
CA ASN B 997 -21.77 26.63 -7.88
C ASN B 997 -23.15 26.02 -7.90
N LEU B 998 -23.32 24.87 -7.24
CA LEU B 998 -24.62 24.23 -7.16
C LEU B 998 -25.61 25.11 -6.41
N LEU B 999 -25.19 25.70 -5.29
CA LEU B 999 -26.06 26.63 -4.57
C LEU B 999 -26.36 27.87 -5.39
N LEU B 1000 -25.38 28.35 -6.16
CA LEU B 1000 -25.62 29.50 -7.03
C LEU B 1000 -26.69 29.19 -8.07
N TYR B 1001 -26.61 28.01 -8.69
CA TYR B 1001 -27.62 27.61 -9.66
C TYR B 1001 -28.98 27.38 -9.00
N PHE B 1002 -28.98 26.85 -7.78
CA PHE B 1002 -30.21 26.75 -7.00
C PHE B 1002 -30.88 28.12 -6.88
N ALA B 1003 -30.11 29.12 -6.43
CA ALA B 1003 -30.66 30.46 -6.28
C ALA B 1003 -31.11 31.03 -7.62
N PHE B 1004 -30.35 30.77 -8.68
CA PHE B 1004 -30.74 31.21 -10.02
C PHE B 1004 -32.12 30.66 -10.38
N TYR B 1005 -32.31 29.36 -10.19
CA TYR B 1005 -33.58 28.73 -10.55
C TYR B 1005 -34.73 29.27 -9.69
N ILE B 1006 -34.46 29.48 -8.40
CA ILE B 1006 -35.52 29.98 -7.50
C ILE B 1006 -35.92 31.39 -7.90
N ILE B 1007 -34.93 32.26 -8.18
CA ILE B 1007 -35.25 33.63 -8.57
C ILE B 1007 -35.95 33.64 -9.91
N MET B 1008 -35.58 32.72 -10.81
CA MET B 1008 -36.33 32.53 -12.04
C MET B 1008 -37.80 32.23 -11.75
N LYS B 1009 -38.06 31.23 -10.90
CA LYS B 1009 -39.42 30.81 -10.63
C LYS B 1009 -40.24 31.95 -10.02
N LEU B 1010 -39.64 32.70 -9.09
CA LEU B 1010 -40.36 33.82 -8.50
C LEU B 1010 -40.58 34.94 -9.52
N ARG B 1011 -39.63 35.13 -10.43
CA ARG B 1011 -39.77 36.18 -11.44
C ARG B 1011 -40.88 35.86 -12.43
N SER B 1012 -41.00 34.59 -12.81
CA SER B 1012 -42.02 34.19 -13.78
C SER B 1012 -43.43 34.21 -13.21
N GLY B 1013 -43.56 34.44 -11.90
CA GLY B 1013 -44.85 34.43 -11.25
C GLY B 1013 -45.25 33.10 -10.65
N GLU B 1014 -44.47 32.05 -10.87
CA GLU B 1014 -44.76 30.76 -10.25
C GLU B 1014 -44.33 30.79 -8.79
N ARG B 1015 -45.29 30.59 -7.89
CA ARG B 1015 -45.09 30.77 -6.46
C ARG B 1015 -44.61 29.47 -5.84
N ILE B 1016 -43.47 29.54 -5.13
CA ILE B 1016 -42.98 28.38 -4.40
C ILE B 1016 -43.91 28.10 -3.23
N LYS B 1017 -44.11 26.81 -2.93
CA LYS B 1017 -45.04 26.42 -1.89
C LYS B 1017 -44.34 26.37 -0.53
N LEU B 1018 -45.10 25.98 0.49
CA LEU B 1018 -44.58 25.97 1.86
C LEU B 1018 -43.48 24.93 2.03
N ILE B 1019 -43.75 23.69 1.59
CA ILE B 1019 -42.74 22.64 1.73
C ILE B 1019 -41.47 22.95 0.96
N PRO B 1020 -41.50 23.40 -0.30
CA PRO B 1020 -40.23 23.76 -0.96
C PRO B 1020 -39.47 24.85 -0.22
N LEU B 1021 -40.17 25.85 0.33
CA LEU B 1021 -39.49 26.92 1.03
C LEU B 1021 -38.84 26.43 2.32
N LEU B 1022 -39.56 25.61 3.09
CA LEU B 1022 -38.99 25.05 4.31
C LEU B 1022 -37.79 24.17 4.01
N CYS B 1023 -37.90 23.34 2.97
CA CYS B 1023 -36.76 22.51 2.56
C CYS B 1023 -35.59 23.38 2.12
N ILE B 1024 -35.88 24.49 1.44
CA ILE B 1024 -34.82 25.39 0.97
C ILE B 1024 -34.08 25.99 2.15
N VAL B 1025 -34.82 26.48 3.15
CA VAL B 1025 -34.20 27.11 4.31
C VAL B 1025 -33.38 26.08 5.09
N CYS B 1026 -33.96 24.89 5.32
CA CYS B 1026 -33.24 23.85 6.04
C CYS B 1026 -31.98 23.44 5.27
N THR B 1027 -32.07 23.31 3.96
CA THR B 1027 -30.91 22.93 3.16
C THR B 1027 -29.83 23.99 3.23
N SER B 1028 -30.21 25.28 3.20
CA SER B 1028 -29.22 26.34 3.28
C SER B 1028 -28.51 26.32 4.64
N VAL B 1029 -29.30 26.26 5.70
CA VAL B 1029 -28.72 26.25 7.04
C VAL B 1029 -27.78 25.06 7.14
N VAL B 1030 -28.27 23.87 6.82
CA VAL B 1030 -27.45 22.69 6.92
C VAL B 1030 -26.26 22.75 5.96
N TRP B 1031 -26.43 23.27 4.76
CA TRP B 1031 -25.29 23.39 3.87
C TRP B 1031 -24.25 24.31 4.45
N GLY B 1032 -24.68 25.40 5.07
CA GLY B 1032 -23.73 26.30 5.68
C GLY B 1032 -22.96 25.64 6.80
N PHE B 1033 -23.66 24.88 7.64
CA PHE B 1033 -22.98 24.16 8.69
C PHE B 1033 -22.03 23.11 8.12
N ALA B 1034 -22.45 22.40 7.09
CA ALA B 1034 -21.62 21.38 6.50
C ALA B 1034 -20.39 22.01 5.94
N LEU B 1035 -20.54 23.16 5.30
CA LEU B 1035 -19.40 23.85 4.73
C LEU B 1035 -18.42 24.28 5.80
N PHE B 1036 -18.93 24.73 6.94
CA PHE B 1036 -18.05 25.17 8.00
C PHE B 1036 -17.20 24.01 8.46
N PHE B 1037 -17.80 22.85 8.68
CA PHE B 1037 -17.06 21.69 9.13
C PHE B 1037 -16.15 21.16 8.03
N PHE B 1038 -16.58 21.24 6.79
CA PHE B 1038 -15.72 20.83 5.68
C PHE B 1038 -14.49 21.72 5.59
N PHE B 1039 -14.67 23.02 5.75
CA PHE B 1039 -13.55 23.95 5.71
C PHE B 1039 -12.57 23.72 6.85
N GLN B 1040 -13.10 23.39 8.02
CA GLN B 1040 -12.25 23.14 9.17
C GLN B 1040 -11.32 22.00 8.86
N GLY B 1041 -11.80 20.99 8.16
CA GLY B 1041 -10.93 19.91 7.76
C GLY B 1041 -9.84 20.43 6.85
N LEU B 1042 -8.61 20.00 7.09
CA LEU B 1042 -7.48 20.48 6.30
C LEU B 1042 -6.38 19.44 6.31
N SER B 1043 -5.36 19.61 5.46
CA SER B 1043 -4.21 18.69 5.47
C SER B 1043 -4.57 17.26 5.19
N THR B 1044 -4.35 16.37 6.16
CA THR B 1044 -4.64 14.94 5.98
C THR B 1044 -3.79 14.27 4.92
N TRP B 1045 -4.39 13.73 3.88
CA TRP B 1045 -3.63 12.94 2.91
C TRP B 1045 -2.42 13.61 2.27
N GLN B 1046 -2.53 14.88 1.88
CA GLN B 1046 -1.44 15.54 1.15
C GLN B 1046 -0.12 15.69 1.92
N LYS B 1047 -0.19 16.06 3.19
CA LYS B 1047 1.02 16.27 3.98
C LYS B 1047 1.63 14.98 4.48
N THR B 1048 2.88 15.02 4.96
CA THR B 1048 3.49 13.83 5.54
C THR B 1048 2.79 13.41 6.86
N PRO B 1049 2.85 12.12 7.30
CA PRO B 1049 2.08 11.75 8.50
C PRO B 1049 2.49 12.52 9.75
N ALA B 1050 3.79 12.79 9.92
CA ALA B 1050 4.23 13.57 11.06
C ALA B 1050 3.68 14.98 11.01
N GLU B 1051 3.65 15.58 9.82
CA GLU B 1051 3.06 16.91 9.68
C GLU B 1051 1.54 16.85 9.74
N SER B 1052 0.96 15.72 9.34
CA SER B 1052 -0.49 15.56 9.41
C SER B 1052 -0.98 15.45 10.84
N ARG B 1053 -0.18 14.84 11.72
CA ARG B 1053 -0.61 14.67 13.12
C ARG B 1053 -0.72 16.01 13.85
N GLU B 1054 -0.07 17.06 13.32
CA GLU B 1054 -0.10 18.34 14.01
C GLU B 1054 -1.51 18.91 14.07
N HIS B 1055 -2.30 18.71 13.02
CA HIS B 1055 -3.62 19.32 12.93
C HIS B 1055 -4.71 18.49 13.61
N ASN B 1056 -4.38 17.31 14.11
CA ASN B 1056 -5.36 16.43 14.71
C ASN B 1056 -6.03 17.12 15.88
N ARG B 1057 -7.31 16.84 16.08
CA ARG B 1057 -8.05 17.48 17.15
C ARG B 1057 -8.90 16.48 17.90
N ASP B 1058 -9.23 16.80 19.15
CA ASP B 1058 -10.02 15.89 19.96
C ASP B 1058 -11.47 15.82 19.52
N CYS B 1059 -12.22 14.93 20.14
CA CYS B 1059 -13.61 14.73 19.76
C CYS B 1059 -14.47 15.89 20.24
N ILE B 1060 -15.50 16.23 19.47
CA ILE B 1060 -16.33 17.38 19.79
C ILE B 1060 -17.66 16.95 20.39
N LEU B 1061 -18.36 16.03 19.74
CA LEU B 1061 -19.73 15.67 20.08
C LEU B 1061 -19.76 14.29 20.73
N LEU B 1062 -20.42 14.19 21.88
CA LEU B 1062 -20.66 12.95 22.60
C LEU B 1062 -19.39 12.18 22.92
N ASP B 1063 -18.23 12.84 22.95
CA ASP B 1063 -16.93 12.24 23.16
C ASP B 1063 -16.63 11.13 22.17
N PHE B 1064 -17.33 11.13 21.03
CA PHE B 1064 -17.18 10.08 20.04
C PHE B 1064 -16.97 10.60 18.61
N PHE B 1065 -17.66 11.65 18.19
CA PHE B 1065 -17.58 12.12 16.80
C PHE B 1065 -16.78 13.41 16.59
N ASP B 1066 -15.88 13.41 15.62
CA ASP B 1066 -15.05 14.58 15.33
C ASP B 1066 -15.72 15.53 14.35
N ASP B 1067 -15.01 16.56 13.92
CA ASP B 1067 -15.55 17.51 12.95
C ASP B 1067 -15.92 16.89 11.61
N HIS B 1068 -15.08 16.00 11.11
CA HIS B 1068 -15.36 15.37 9.84
C HIS B 1068 -16.61 14.50 9.95
N ASP B 1069 -16.78 13.79 11.05
CA ASP B 1069 -17.97 12.99 11.22
C ASP B 1069 -19.18 13.87 11.19
N ILE B 1070 -19.09 15.03 11.81
CA ILE B 1070 -20.19 15.96 11.79
C ILE B 1070 -20.45 16.38 10.34
N TRP B 1071 -19.40 16.54 9.55
CA TRP B 1071 -19.61 16.86 8.14
C TRP B 1071 -20.37 15.77 7.41
N HIS B 1072 -20.06 14.51 7.67
CA HIS B 1072 -20.80 13.43 7.04
C HIS B 1072 -22.27 13.43 7.43
N PHE B 1073 -22.57 13.66 8.71
CA PHE B 1073 -23.96 13.75 9.11
C PHE B 1073 -24.64 14.91 8.43
N LEU B 1074 -24.02 16.09 8.47
CA LEU B 1074 -24.61 17.27 7.86
C LEU B 1074 -24.72 17.21 6.36
N SER B 1075 -23.71 16.68 5.69
CA SER B 1075 -23.74 16.68 4.24
C SER B 1075 -24.90 15.86 3.78
N SER B 1076 -25.11 14.70 4.38
CA SER B 1076 -26.19 13.84 3.97
C SER B 1076 -27.52 14.52 4.20
N ILE B 1077 -27.68 15.20 5.33
CA ILE B 1077 -28.92 15.93 5.57
C ILE B 1077 -29.12 17.06 4.57
N ALA B 1078 -28.07 17.80 4.26
CA ALA B 1078 -28.17 18.84 3.24
C ALA B 1078 -28.46 18.30 1.86
N MET B 1079 -27.79 17.22 1.47
CA MET B 1079 -27.98 16.68 0.13
C MET B 1079 -29.37 16.07 0.04
N PHE B 1080 -29.86 15.48 1.11
CA PHE B 1080 -31.22 14.96 1.10
C PHE B 1080 -32.14 16.13 0.91
N GLY B 1081 -31.84 17.24 1.58
CA GLY B 1081 -32.65 18.42 1.45
C GLY B 1081 -32.64 18.95 0.03
N SER B 1082 -31.46 18.94 -0.61
CA SER B 1082 -31.36 19.42 -1.98
C SER B 1082 -32.20 18.57 -2.90
N PHE B 1083 -32.16 17.26 -2.71
CA PHE B 1083 -32.93 16.38 -3.55
C PHE B 1083 -34.40 16.66 -3.36
N LEU B 1084 -34.81 16.87 -2.11
CA LEU B 1084 -36.20 17.19 -1.83
C LEU B 1084 -36.62 18.52 -2.43
N VAL B 1085 -35.75 19.51 -2.43
CA VAL B 1085 -36.10 20.78 -3.06
C VAL B 1085 -36.34 20.51 -4.55
N LEU B 1086 -35.47 19.73 -5.17
CA LEU B 1086 -35.64 19.44 -6.58
C LEU B 1086 -36.93 18.67 -6.83
N LEU B 1087 -37.26 17.74 -5.95
CA LEU B 1087 -38.50 17.00 -6.09
C LEU B 1087 -39.73 17.89 -5.96
N THR B 1088 -39.73 18.82 -5.03
CA THR B 1088 -40.91 19.65 -4.80
C THR B 1088 -40.89 21.07 -5.35
N LEU B 1089 -39.85 21.45 -6.08
CA LEU B 1089 -39.75 22.84 -6.55
C LEU B 1089 -40.86 23.22 -7.50
N ASP B 1090 -41.25 22.32 -8.39
CA ASP B 1090 -42.25 22.65 -9.41
C ASP B 1090 -43.64 22.13 -9.09
N ASP B 1091 -43.93 21.88 -7.83
CA ASP B 1091 -45.23 21.33 -7.44
C ASP B 1091 -46.37 22.27 -7.83
N ASP B 1092 -46.16 23.57 -7.69
CA ASP B 1092 -47.20 24.53 -8.06
C ASP B 1092 -47.49 24.39 -9.54
N LEU B 1093 -46.45 24.23 -10.34
CA LEU B 1093 -46.64 24.08 -11.78
C LEU B 1093 -47.43 22.85 -12.11
N ASP B 1094 -47.21 21.77 -11.37
CA ASP B 1094 -47.90 20.51 -11.66
C ASP B 1094 -49.40 20.62 -11.51
N THR B 1095 -49.87 21.32 -10.48
CA THR B 1095 -51.31 21.41 -10.23
C THR B 1095 -52.06 22.19 -11.28
N VAL B 1096 -51.35 22.72 -12.27
CA VAL B 1096 -51.98 23.51 -13.32
C VAL B 1096 -51.57 23.02 -14.69
N GLN B 1097 -52.28 23.45 -15.73
CA GLN B 1097 -51.96 23.04 -17.10
C GLN B 1097 -50.53 23.40 -17.47
N ARG B 1098 -49.96 22.65 -18.41
CA ARG B 1098 -48.59 22.90 -18.81
C ARG B 1098 -48.52 24.30 -19.36
N ASP B 1099 -47.47 25.05 -19.00
CA ASP B 1099 -47.41 26.44 -19.40
C ASP B 1099 -47.39 26.63 -20.90
N LYS B 1100 -48.24 27.51 -21.41
CA LYS B 1100 -48.24 27.81 -22.83
C LYS B 1100 -46.92 28.47 -23.20
N ILE B 1101 -46.44 29.35 -22.31
CA ILE B 1101 -45.21 30.09 -22.59
C ILE B 1101 -44.01 29.16 -22.70
N TYR B 1102 -43.06 29.50 -23.55
CA TYR B 1102 -41.87 28.69 -23.74
C TYR B 1102 -41.05 28.61 -22.46
N VAL B 1103 -40.38 27.49 -22.26
CA VAL B 1103 -39.60 27.30 -21.05
C VAL B 1103 -38.45 28.29 -20.89
N PHE B 1104 -38.16 28.68 -19.66
CA PHE B 1104 -37.11 29.67 -19.39
C PHE B 1104 -35.77 29.45 -20.08
C1 NAG C . 50.77 -11.00 19.73
C2 NAG C . 52.17 -10.59 19.40
C3 NAG C . 53.13 -11.75 19.70
C4 NAG C . 52.55 -12.74 20.72
C5 NAG C . 51.57 -12.11 21.71
C6 NAG C . 52.25 -11.37 22.84
C7 NAG C . 52.45 -8.88 17.66
C8 NAG C . 52.56 -8.63 16.19
N2 NAG C . 52.30 -10.17 18.02
O3 NAG C . 54.36 -11.23 20.17
O4 NAG C . 51.97 -13.85 20.05
O5 NAG C . 50.63 -11.19 21.11
O6 NAG C . 52.18 -9.96 22.66
O7 NAG C . 52.49 -7.98 18.49
C1 NAG C . 52.52 -15.10 20.56
C2 NAG C . 54.00 -15.16 20.24
C3 NAG C . 54.58 -16.50 20.68
C4 NAG C . 53.65 -17.27 21.61
C5 NAG C . 52.86 -16.37 22.59
C6 NAG C . 53.70 -15.91 23.76
C7 NAG C . 53.80 -15.68 17.83
C8 NAG C . 54.19 -15.24 16.45
N2 NAG C . 54.26 -14.91 18.82
O3 NAG C . 55.84 -16.28 21.32
O4 NAG C . 52.76 -18.10 20.88
O5 NAG C . 52.33 -15.19 21.96
O6 NAG C . 52.88 -15.34 24.78
O7 NAG C . 53.11 -16.68 18.02
C1 NAG D . 26.35 -27.23 7.91
C2 NAG D . 27.78 -27.68 7.62
C3 NAG D . 27.79 -29.11 7.09
C4 NAG D . 27.03 -30.04 8.03
C5 NAG D . 25.62 -29.49 8.27
C6 NAG D . 24.84 -30.29 9.28
C7 NAG D . 29.47 -26.02 7.01
C8 NAG D . 30.02 -25.15 5.92
N2 NAG D . 28.44 -26.79 6.69
O3 NAG D . 29.14 -29.56 6.95
O4 NAG D . 26.95 -31.35 7.49
O5 NAG D . 25.71 -28.15 8.79
O6 NAG D . 25.63 -30.65 10.40
O7 NAG D . 29.94 -26.01 8.14
C1 NAG D . 27.70 -32.25 8.33
C2 NAG D . 27.56 -33.66 7.76
C3 NAG D . 28.38 -34.64 8.58
C4 NAG D . 29.83 -34.17 8.72
C5 NAG D . 29.86 -32.74 9.24
C6 NAG D . 31.26 -32.16 9.29
C7 NAG D . 25.47 -34.12 6.56
C8 NAG D . 26.19 -33.72 5.31
N2 NAG D . 26.18 -34.07 7.70
O3 NAG D . 28.35 -35.93 7.97
O4 NAG D . 30.54 -35.03 9.61
O5 NAG D . 29.09 -31.88 8.40
O6 NAG D . 31.89 -32.41 10.55
O7 NAG D . 24.29 -34.47 6.54
C1 NAG E . 27.37 -0.49 48.43
C2 NAG E . 27.16 -1.07 49.81
C3 NAG E . 27.74 -0.14 50.87
C4 NAG E . 28.83 0.77 50.30
C5 NAG E . 29.59 0.19 49.10
C6 NAG E . 30.66 -0.81 49.49
C7 NAG E . 25.21 -2.54 50.07
C8 NAG E . 23.74 -2.60 50.36
N2 NAG E . 25.75 -1.32 50.06
O3 NAG E . 28.27 -0.93 51.93
O4 NAG E . 28.30 2.05 49.98
O5 NAG E . 28.73 -0.47 48.13
O6 NAG E . 30.24 -2.15 49.24
O7 NAG E . 25.88 -3.54 49.86
C1 NAG E . 29.05 3.11 50.63
C2 NAG E . 28.93 2.97 52.13
C3 NAG E . 29.65 4.11 52.84
C4 NAG E . 30.57 4.88 51.91
C5 NAG E . 31.29 4.01 50.86
C6 NAG E . 32.47 3.25 51.44
C7 NAG E . 26.63 3.83 52.37
C8 NAG E . 25.25 3.54 52.89
N2 NAG E . 27.54 2.88 52.56
O3 NAG E . 30.39 3.60 53.95
O4 NAG E . 29.88 5.95 51.27
O5 NAG E . 30.43 3.03 50.26
O6 NAG E . 33.28 2.70 50.41
O7 NAG E . 26.89 4.90 51.81
C1 NAG F . 15.44 21.10 28.66
C2 NAG F . 15.41 21.34 30.16
C3 NAG F . 15.13 22.81 30.46
C4 NAG F . 16.11 23.71 29.71
C5 NAG F . 16.08 23.38 28.23
C6 NAG F . 17.10 24.15 27.43
C7 NAG F . 14.75 19.51 31.66
C8 NAG F . 13.61 18.73 32.24
N2 NAG F . 14.43 20.49 30.81
O3 NAG F . 15.22 23.04 31.86
O4 NAG F . 15.78 25.07 29.91
O5 NAG F . 16.39 21.98 28.03
O6 NAG F . 18.35 24.20 28.09
O7 NAG F . 15.92 19.27 31.96
C1 NAG F . 16.83 25.71 30.65
C2 NAG F . 16.48 27.19 30.82
C3 NAG F . 17.55 27.90 31.63
C4 NAG F . 17.78 27.18 32.95
C5 NAG F . 18.08 25.70 32.71
C6 NAG F . 18.20 24.90 33.98
C7 NAG F . 15.14 28.16 29.00
C8 NAG F . 13.93 27.82 29.83
N2 NAG F . 16.32 27.83 29.51
O3 NAG F . 17.15 29.24 31.88
O4 NAG F . 18.87 27.76 33.65
O5 NAG F . 17.02 25.12 31.95
O6 NAG F . 19.53 24.86 34.45
O7 NAG F . 15.03 28.69 27.90
C1 NAG G . 51.03 4.57 10.01
C2 NAG G . 51.75 5.74 9.31
C3 NAG G . 52.90 6.24 10.18
C4 NAG G . 52.41 6.52 11.61
C5 NAG G . 51.63 5.33 12.17
C6 NAG G . 51.00 5.62 13.52
C7 NAG G . 52.17 6.13 6.93
C8 NAG G . 52.73 5.56 5.65
N2 NAG G . 52.23 5.34 8.01
O3 NAG G . 53.45 7.40 9.61
O4 NAG G . 53.54 6.77 12.44
O5 NAG G . 50.55 4.98 11.28
O6 NAG G . 50.98 7.01 13.83
O7 NAG G . 51.67 7.25 6.96
C1 NAG H . 43.23 -13.69 41.05
C2 NAG H . 43.09 -15.04 41.72
C3 NAG H . 43.59 -16.16 40.80
C4 NAG H . 44.34 -15.63 39.58
C5 NAG H . 43.60 -14.50 38.85
C6 NAG H . 42.72 -15.01 37.72
C7 NAG H . 43.16 -15.07 44.17
C8 NAG H . 41.65 -15.02 44.13
N2 NAG H . 43.79 -15.07 42.99
O3 NAG H . 42.49 -16.96 40.38
O4 NAG H . 45.66 -15.19 39.94
O5 NAG H . 42.75 -13.76 39.74
O6 NAG H . 42.99 -16.38 37.44
O7 NAG H . 43.77 -15.09 45.23
ZN ZN I . 1.34 -9.99 -17.10
C1 NAG J . 15.36 -14.36 47.82
C2 NAG J . 14.60 -15.52 48.45
C3 NAG J . 15.50 -16.33 49.37
C4 NAG J . 16.79 -16.72 48.66
C5 NAG J . 17.43 -15.51 47.97
C6 NAG J . 18.63 -15.87 47.12
C7 NAG J . 12.23 -15.64 49.15
C8 NAG J . 11.15 -15.00 49.96
N2 NAG J . 13.43 -15.04 49.18
O3 NAG J . 14.81 -17.47 49.83
O4 NAG J . 17.70 -17.27 49.60
O5 NAG J . 16.49 -14.87 47.11
O6 NAG J . 18.71 -17.26 46.86
O7 NAG J . 12.04 -16.66 48.50
C1 NAG K . 47.77 0.41 38.36
C2 NAG K . 48.62 1.66 38.33
C3 NAG K . 47.96 2.81 39.11
C4 NAG K . 46.77 2.33 39.95
C5 NAG K . 45.79 1.45 39.15
C6 NAG K . 44.67 2.26 38.54
C7 NAG K . 51.04 1.33 38.03
C8 NAG K . 50.80 1.55 36.56
N2 NAG K . 49.96 1.40 38.82
O3 NAG K . 47.55 3.83 38.21
O4 NAG K . 47.22 1.64 41.11
O5 NAG K . 46.43 0.75 38.08
O6 NAG K . 44.64 3.58 39.04
O7 NAG K . 52.16 1.10 38.48
ZN ZN L . -14.80 11.74 4.81
#